data_7Y5S
#
_entry.id   7Y5S
#
_cell.length_a   1.00
_cell.length_b   1.00
_cell.length_c   1.00
_cell.angle_alpha   90.00
_cell.angle_beta   90.00
_cell.angle_gamma   90.00
#
_symmetry.space_group_name_H-M   'P 1'
#
_entity_poly.entity_id   1
_entity_poly.type   'polypeptide(L)'
_entity_poly.pdbx_seq_one_letter_code
;MSVTRLTSSLVRWKSKLANAIQRSLSSKMEESLSVLDFGAVADYNPTTKTGTDNTQAFRNAVAAAIAQNIRNVYAPGGPS
AYMTTGEINLGGEGFTGGEGSRDVWRGITQGVHFFGDGPYSTIIAFNPPNTDAPCFSARGGWGTHSPRALSKLAIEPVNW
ADYNATSSGTGVLLQGCCFVPVTDVHIGRFHRGIHFWNKLQGTDDPTNTFTKGDFTEFNRITRVRVFNCDIDVDYQVSLG
NNSFHGNSFTDCMCQINSYGGIGMRMWDDGSRNAIRPSSLPYEYIANVYNNKHEINWFGSDARTCYLMHIDKAQGRGCNG
DMTVEAAVTLRAIGQYWYQSFGSLHSISAINTVVDGDTDTATRPVAFMWMNSAYPQVNFDGTDPLLTSGLTPRQYDLNNS
GNTGMELLNIRGANTGAIWSIQNGAALGWILGRRAQADSRKGTRSVWQFSYNGEVIKSVSAANVGLQNSTGAGFGMLGDT
LLRPYAASTISLGSPTYPFTRLRTTDWTVDTNGIVPVQDGIKNIGSSSLRVGTVFAATGTINTSDARLKTEVRPFTSEEI
LAAKALSEEIGMYQWVASIESKGDNAREHCGLTVQRAMEVMQQHGLDPFNYGFICHDVWDEVVEVSDETGEVISSTPAGD
RYSFRFDQLSLFISRGIEARMSELESRM
;
_entity_poly.pdbx_strand_id   A,B,C
#
# COMPACT_ATOMS: atom_id res chain seq x y z
N PHE A 38 -5.53 -37.15 34.41
CA PHE A 38 -6.12 -38.22 33.62
C PHE A 38 -5.10 -39.28 33.22
N GLY A 39 -4.02 -39.42 33.98
CA GLY A 39 -3.02 -40.44 33.70
C GLY A 39 -2.00 -40.07 32.66
N ALA A 40 -1.89 -38.80 32.30
CA ALA A 40 -0.91 -38.35 31.32
C ALA A 40 0.39 -38.00 32.04
N VAL A 41 1.51 -38.52 31.53
CA VAL A 41 2.84 -38.20 32.06
C VAL A 41 3.73 -37.81 30.90
N ALA A 42 4.76 -37.02 31.20
CA ALA A 42 5.71 -36.53 30.22
C ALA A 42 7.06 -37.19 30.50
N ASP A 43 7.30 -38.34 29.88
CA ASP A 43 8.53 -39.10 30.08
C ASP A 43 9.04 -39.64 28.74
N TYR A 44 8.94 -38.84 27.69
CA TYR A 44 9.41 -39.28 26.38
C TYR A 44 10.94 -39.30 26.36
N ASN A 45 11.51 -40.37 25.83
CA ASN A 45 12.96 -40.51 25.73
C ASN A 45 13.37 -40.39 24.26
N PRO A 46 13.99 -39.28 23.84
CA PRO A 46 14.39 -39.17 22.43
C PRO A 46 15.40 -40.22 22.00
N THR A 47 16.27 -40.67 22.90
CA THR A 47 17.30 -41.63 22.53
C THR A 47 16.67 -42.96 22.09
N THR A 48 15.69 -43.45 22.83
CA THR A 48 15.06 -44.72 22.53
C THR A 48 13.73 -44.57 21.80
N LYS A 49 13.20 -43.35 21.70
CA LYS A 49 11.92 -43.10 21.02
C LYS A 49 10.78 -43.87 21.67
N THR A 50 10.82 -43.99 23.00
CA THR A 50 9.79 -44.69 23.76
C THR A 50 9.25 -43.79 24.84
N GLY A 51 8.03 -44.09 25.28
CA GLY A 51 7.39 -43.34 26.34
C GLY A 51 5.95 -43.75 26.51
N THR A 52 5.29 -43.09 27.46
CA THR A 52 3.89 -43.38 27.73
C THR A 52 3.01 -42.71 26.68
N ASP A 53 2.05 -43.45 26.15
CA ASP A 53 1.13 -42.93 25.16
C ASP A 53 0.05 -42.13 25.86
N ASN A 54 0.05 -40.81 25.63
CA ASN A 54 -0.86 -39.90 26.31
C ASN A 54 -2.07 -39.51 25.46
N THR A 55 -2.28 -40.18 24.32
CA THR A 55 -3.43 -39.84 23.49
C THR A 55 -4.75 -40.17 24.19
N GLN A 56 -4.81 -41.30 24.89
CA GLN A 56 -6.03 -41.66 25.61
C GLN A 56 -6.29 -40.69 26.75
N ALA A 57 -5.24 -40.31 27.49
CA ALA A 57 -5.41 -39.35 28.57
C ALA A 57 -5.86 -38.00 28.04
N PHE A 58 -5.30 -37.56 26.92
CA PHE A 58 -5.71 -36.29 26.31
C PHE A 58 -7.17 -36.36 25.87
N ARG A 59 -7.57 -37.47 25.26
CA ARG A 59 -8.95 -37.62 24.83
C ARG A 59 -9.91 -37.63 26.02
N ASN A 60 -9.54 -38.31 27.10
CA ASN A 60 -10.37 -38.32 28.30
C ASN A 60 -10.48 -36.92 28.90
N ALA A 61 -9.37 -36.18 28.92
CA ALA A 61 -9.42 -34.81 29.43
C ALA A 61 -10.32 -33.94 28.58
N VAL A 62 -10.24 -34.08 27.26
CA VAL A 62 -11.08 -33.29 26.36
C VAL A 62 -12.55 -33.64 26.59
N ALA A 63 -12.87 -34.93 26.70
CA ALA A 63 -14.25 -35.35 26.91
C ALA A 63 -14.78 -34.83 28.25
N ALA A 64 -13.97 -34.91 29.31
CA ALA A 64 -14.40 -34.42 30.61
C ALA A 64 -14.61 -32.92 30.59
N ALA A 65 -13.73 -32.19 29.90
CA ALA A 65 -13.88 -30.74 29.78
C ALA A 65 -15.17 -30.39 29.03
N ILE A 66 -15.47 -31.13 27.96
CA ILE A 66 -16.68 -30.86 27.20
C ILE A 66 -17.92 -31.16 28.02
N ALA A 67 -17.92 -32.30 28.73
CA ALA A 67 -19.12 -32.73 29.44
C ALA A 67 -19.52 -31.75 30.53
N GLN A 68 -18.54 -31.21 31.26
CA GLN A 68 -18.81 -30.31 32.37
C GLN A 68 -18.80 -28.85 31.96
N ASN A 69 -18.68 -28.56 30.66
CA ASN A 69 -18.70 -27.21 30.09
C ASN A 69 -17.51 -26.37 30.53
N ILE A 70 -16.50 -26.97 31.14
CA ILE A 70 -15.26 -26.27 31.48
C ILE A 70 -14.34 -26.45 30.26
N ARG A 71 -14.52 -25.58 29.27
CA ARG A 71 -13.94 -25.77 27.94
C ARG A 71 -12.50 -25.26 27.91
N ASN A 72 -11.65 -25.97 28.64
CA ASN A 72 -10.21 -25.70 28.60
C ASN A 72 -9.47 -26.87 29.25
N VAL A 73 -8.36 -27.26 28.63
CA VAL A 73 -7.48 -28.31 29.16
C VAL A 73 -6.07 -27.75 29.23
N TYR A 74 -5.43 -27.93 30.39
CA TYR A 74 -4.10 -27.38 30.65
C TYR A 74 -3.07 -28.50 30.56
N ALA A 75 -2.00 -28.25 29.79
CA ALA A 75 -0.90 -29.20 29.65
C ALA A 75 0.38 -28.55 30.16
N PRO A 76 0.79 -28.83 31.39
CA PRO A 76 1.99 -28.19 31.93
C PRO A 76 3.25 -28.75 31.30
N GLY A 77 4.33 -27.98 31.43
CA GLY A 77 5.63 -28.35 30.89
C GLY A 77 6.42 -29.29 31.77
N GLY A 78 6.06 -30.57 31.76
CA GLY A 78 6.71 -31.56 32.59
C GLY A 78 8.16 -31.80 32.23
N PRO A 79 8.75 -32.85 32.81
CA PRO A 79 10.19 -33.09 32.59
C PRO A 79 10.57 -33.33 31.14
N SER A 80 9.65 -33.83 30.33
CA SER A 80 9.94 -34.15 28.93
C SER A 80 8.69 -33.91 28.11
N ALA A 81 8.66 -34.45 26.89
CA ALA A 81 7.53 -34.28 26.01
C ALA A 81 6.45 -35.31 26.30
N TYR A 82 5.22 -34.95 25.97
CA TYR A 82 4.09 -35.88 26.02
C TYR A 82 4.04 -36.66 24.71
N MET A 83 4.11 -37.98 24.79
CA MET A 83 4.10 -38.83 23.61
C MET A 83 2.66 -39.14 23.22
N THR A 84 2.29 -38.73 22.02
CA THR A 84 0.95 -38.91 21.48
C THR A 84 1.01 -39.70 20.19
N THR A 85 0.16 -40.70 20.06
CA THR A 85 0.12 -41.55 18.88
C THR A 85 -1.16 -41.38 18.07
N GLY A 86 -2.20 -40.78 18.65
CA GLY A 86 -3.48 -40.63 17.97
C GLY A 86 -3.87 -39.18 17.84
N GLU A 87 -4.93 -38.95 17.07
CA GLU A 87 -5.41 -37.61 16.80
C GLU A 87 -6.14 -37.04 18.01
N ILE A 88 -6.02 -35.73 18.20
CA ILE A 88 -6.79 -34.99 19.20
C ILE A 88 -7.80 -34.13 18.45
N ASN A 89 -9.09 -34.34 18.75
CA ASN A 89 -10.14 -33.71 17.96
C ASN A 89 -10.44 -32.28 18.40
N LEU A 90 -10.16 -31.95 19.67
CA LEU A 90 -10.39 -30.62 20.23
C LEU A 90 -11.89 -30.30 20.30
N GLY A 91 -12.73 -31.24 19.86
CA GLY A 91 -14.16 -31.09 19.92
C GLY A 91 -14.81 -32.36 20.42
N GLY A 92 -13.99 -33.34 20.76
CA GLY A 92 -14.47 -34.64 21.23
C GLY A 92 -14.66 -35.63 20.11
N GLU A 93 -14.50 -36.90 20.46
CA GLU A 93 -14.71 -37.96 19.48
C GLU A 93 -16.17 -38.00 19.05
N GLY A 94 -16.40 -38.12 17.75
CA GLY A 94 -17.72 -38.06 17.19
C GLY A 94 -18.11 -36.72 16.59
N PHE A 95 -17.24 -35.73 16.68
CA PHE A 95 -17.46 -34.40 16.10
C PHE A 95 -16.53 -34.28 14.89
N THR A 96 -16.99 -34.76 13.74
CA THR A 96 -16.17 -34.83 12.55
C THR A 96 -16.67 -33.95 11.41
N GLY A 97 -17.90 -33.47 11.46
CA GLY A 97 -18.43 -32.65 10.39
C GLY A 97 -19.86 -32.26 10.67
N GLY A 98 -20.44 -31.56 9.68
CA GLY A 98 -21.81 -31.10 9.81
C GLY A 98 -21.91 -29.92 10.76
N GLU A 99 -23.15 -29.61 11.14
CA GLU A 99 -23.42 -28.56 12.11
C GLU A 99 -23.22 -29.09 13.51
N GLY A 100 -22.44 -28.38 14.32
CA GLY A 100 -22.26 -28.75 15.70
C GLY A 100 -23.49 -28.43 16.54
N SER A 101 -23.49 -28.94 17.77
CA SER A 101 -24.57 -28.65 18.69
C SER A 101 -24.57 -27.17 19.03
N ARG A 102 -25.65 -26.48 18.71
CA ARG A 102 -25.76 -25.04 18.86
C ARG A 102 -26.76 -24.70 19.96
N ASP A 103 -26.38 -23.75 20.81
CA ASP A 103 -27.25 -23.31 21.89
C ASP A 103 -28.29 -22.34 21.35
N VAL A 104 -28.94 -21.59 22.25
CA VAL A 104 -29.96 -20.64 21.84
C VAL A 104 -29.35 -19.33 21.35
N TRP A 105 -28.03 -19.23 21.32
CA TRP A 105 -27.34 -17.99 21.00
C TRP A 105 -26.49 -18.10 19.74
N ARG A 106 -26.78 -19.10 18.89
CA ARG A 106 -26.09 -19.28 17.62
C ARG A 106 -24.60 -19.54 17.83
N GLY A 107 -24.28 -20.52 18.65
CA GLY A 107 -22.89 -20.87 18.92
C GLY A 107 -22.73 -22.33 19.26
N ILE A 108 -21.58 -22.89 18.89
CA ILE A 108 -21.30 -24.29 19.13
C ILE A 108 -20.92 -24.48 20.60
N THR A 109 -21.51 -25.49 21.24
CA THR A 109 -21.16 -25.81 22.62
C THR A 109 -20.04 -26.82 22.72
N GLN A 110 -19.76 -27.56 21.64
CA GLN A 110 -18.75 -28.60 21.65
C GLN A 110 -17.39 -27.99 21.34
N GLY A 111 -16.47 -28.06 22.31
CA GLY A 111 -15.12 -27.55 22.08
C GLY A 111 -14.24 -27.45 23.31
N VAL A 112 -12.93 -27.36 23.10
CA VAL A 112 -11.95 -27.25 24.18
C VAL A 112 -10.87 -26.27 23.76
N HIS A 113 -10.46 -25.41 24.70
CA HIS A 113 -9.30 -24.52 24.52
C HIS A 113 -8.08 -25.23 25.11
N PHE A 114 -7.26 -25.80 24.24
CA PHE A 114 -6.07 -26.53 24.65
C PHE A 114 -4.89 -25.56 24.69
N PHE A 115 -4.35 -25.33 25.88
CA PHE A 115 -3.22 -24.43 26.04
C PHE A 115 -2.19 -25.05 26.97
N GLY A 116 -0.95 -24.63 26.81
CA GLY A 116 0.14 -25.14 27.62
C GLY A 116 0.77 -24.08 28.50
N ASP A 117 2.11 -24.01 28.50
CA ASP A 117 2.84 -23.06 29.32
C ASP A 117 3.60 -22.02 28.52
N GLY A 118 3.95 -22.31 27.26
CA GLY A 118 4.67 -21.37 26.43
C GLY A 118 4.91 -21.91 25.05
N PRO A 119 5.49 -21.09 24.17
CA PRO A 119 5.75 -21.55 22.79
C PRO A 119 6.63 -22.78 22.72
N TYR A 120 7.61 -22.91 23.61
CA TYR A 120 8.47 -24.08 23.65
C TYR A 120 8.57 -24.68 25.05
N SER A 121 7.72 -24.26 25.98
CA SER A 121 7.76 -24.81 27.33
C SER A 121 7.19 -26.23 27.37
N THR A 122 6.12 -26.47 26.62
CA THR A 122 5.48 -27.78 26.55
C THR A 122 5.71 -28.39 25.18
N ILE A 123 6.11 -29.66 25.16
CA ILE A 123 6.49 -30.36 23.94
C ILE A 123 5.60 -31.57 23.78
N ILE A 124 5.04 -31.74 22.58
CA ILE A 124 4.22 -32.89 22.22
C ILE A 124 4.94 -33.65 21.12
N ALA A 125 5.33 -34.88 21.41
CA ALA A 125 5.98 -35.76 20.44
C ALA A 125 4.92 -36.62 19.78
N PHE A 126 4.66 -36.36 18.50
CA PHE A 126 3.55 -36.97 17.78
C PHE A 126 4.06 -38.04 16.83
N ASN A 127 3.43 -39.22 16.90
CA ASN A 127 3.74 -40.32 15.98
C ASN A 127 2.52 -40.56 15.09
N PRO A 128 2.53 -40.13 13.84
CA PRO A 128 1.34 -40.21 13.00
C PRO A 128 1.08 -41.64 12.56
N PRO A 129 -0.14 -42.16 12.76
CA PRO A 129 -0.47 -43.48 12.22
C PRO A 129 -0.36 -43.55 10.70
N ASN A 130 -0.70 -42.47 10.00
CA ASN A 130 -0.58 -42.41 8.55
C ASN A 130 -0.17 -41.00 8.13
N THR A 131 -0.19 -40.76 6.82
CA THR A 131 0.31 -39.50 6.28
C THR A 131 -0.55 -38.32 6.70
N ASP A 132 -1.87 -38.49 6.71
CA ASP A 132 -2.80 -37.38 6.91
C ASP A 132 -3.26 -37.25 8.36
N ALA A 133 -2.65 -37.98 9.28
CA ALA A 133 -3.06 -37.91 10.68
C ALA A 133 -2.54 -36.62 11.32
N PRO A 134 -3.39 -35.76 11.85
CA PRO A 134 -2.91 -34.57 12.56
C PRO A 134 -2.79 -34.81 14.06
N CYS A 135 -1.77 -34.17 14.64
CA CYS A 135 -1.64 -34.19 16.09
C CYS A 135 -2.80 -33.45 16.74
N PHE A 136 -3.20 -32.31 16.17
CA PHE A 136 -4.34 -31.54 16.64
C PHE A 136 -5.22 -31.18 15.45
N SER A 137 -6.54 -31.25 15.66
CA SER A 137 -7.50 -31.05 14.59
C SER A 137 -8.66 -30.22 15.09
N ALA A 138 -9.36 -29.60 14.13
CA ALA A 138 -10.60 -28.87 14.39
C ALA A 138 -11.57 -29.25 13.28
N ARG A 139 -12.49 -30.15 13.60
CA ARG A 139 -13.45 -30.71 12.65
C ARG A 139 -14.87 -30.45 13.16
N GLY A 140 -15.77 -30.09 12.26
CA GLY A 140 -17.17 -30.00 12.63
C GLY A 140 -17.95 -28.80 12.13
N GLY A 141 -18.51 -28.04 13.07
CA GLY A 141 -19.44 -26.97 12.77
C GLY A 141 -18.88 -25.78 12.01
N TRP A 142 -19.52 -25.44 10.89
CA TRP A 142 -19.15 -24.30 10.08
C TRP A 142 -20.24 -23.23 10.14
N GLY A 143 -19.82 -21.97 10.02
CA GLY A 143 -20.73 -20.84 9.99
C GLY A 143 -20.82 -20.05 11.28
N THR A 144 -20.35 -20.62 12.40
CA THR A 144 -20.42 -19.94 13.69
C THR A 144 -19.17 -20.26 14.50
N HIS A 145 -19.03 -19.58 15.63
CA HIS A 145 -17.87 -19.71 16.47
C HIS A 145 -17.99 -20.95 17.36
N SER A 146 -16.84 -21.46 17.78
CA SER A 146 -16.76 -22.60 18.68
C SER A 146 -15.71 -22.31 19.73
N PRO A 147 -15.81 -22.93 20.91
CA PRO A 147 -14.80 -22.69 21.96
C PRO A 147 -13.49 -23.41 21.69
N ARG A 148 -13.35 -24.02 20.51
CA ARG A 148 -12.12 -24.70 20.16
C ARG A 148 -11.00 -23.68 19.93
N ALA A 149 -9.87 -23.91 20.58
CA ALA A 149 -8.72 -23.04 20.44
C ALA A 149 -7.47 -23.80 20.87
N LEU A 150 -6.31 -23.29 20.45
CA LEU A 150 -5.04 -23.91 20.76
C LEU A 150 -3.97 -22.84 20.87
N SER A 151 -3.09 -22.97 21.86
CA SER A 151 -2.06 -21.97 22.07
C SER A 151 -0.94 -22.55 22.93
N LYS A 152 0.25 -21.98 22.74
CA LYS A 152 1.40 -22.17 23.64
C LYS A 152 1.81 -23.64 23.76
N LEU A 153 2.23 -24.21 22.63
CA LEU A 153 2.79 -25.56 22.60
C LEU A 153 3.46 -25.82 21.26
N ALA A 154 3.97 -27.04 21.11
CA ALA A 154 4.71 -27.43 19.92
C ALA A 154 4.23 -28.79 19.43
N ILE A 155 3.89 -28.86 18.14
CA ILE A 155 3.62 -30.12 17.46
C ILE A 155 4.92 -30.53 16.78
N GLU A 156 5.48 -31.64 17.23
CA GLU A 156 6.89 -31.91 16.98
C GLU A 156 7.11 -33.42 16.97
N PRO A 157 7.82 -33.94 15.97
CA PRO A 157 7.70 -35.36 15.61
C PRO A 157 8.55 -36.31 16.43
N VAL A 158 8.03 -37.53 16.58
CA VAL A 158 8.82 -38.62 17.16
C VAL A 158 9.90 -39.08 16.18
N ASN A 159 9.51 -39.30 14.92
CA ASN A 159 10.43 -39.75 13.88
C ASN A 159 10.77 -38.55 12.98
N TRP A 160 12.04 -38.14 13.01
CA TRP A 160 12.49 -37.00 12.21
C TRP A 160 12.92 -37.51 10.85
N ALA A 161 12.09 -37.31 9.83
CA ALA A 161 12.43 -37.72 8.48
C ALA A 161 13.51 -36.83 7.89
N ASP A 162 14.37 -37.42 7.09
CA ASP A 162 15.43 -36.66 6.43
C ASP A 162 14.83 -35.71 5.40
N TYR A 163 15.58 -34.64 5.11
CA TYR A 163 15.13 -33.66 4.12
C TYR A 163 15.05 -34.28 2.73
N ASN A 164 15.84 -35.32 2.47
CA ASN A 164 15.77 -36.00 1.19
C ASN A 164 14.44 -36.73 1.01
N ALA A 165 13.97 -37.40 2.05
CA ALA A 165 12.76 -38.21 1.98
C ALA A 165 11.53 -37.38 2.33
N THR A 166 10.37 -38.03 2.25
CA THR A 166 9.09 -37.39 2.55
C THR A 166 8.62 -37.78 3.94
N SER A 167 8.16 -36.79 4.70
CA SER A 167 7.67 -37.01 6.05
C SER A 167 6.19 -37.35 6.02
N SER A 168 5.67 -37.78 7.18
CA SER A 168 4.27 -38.14 7.34
C SER A 168 3.72 -37.46 8.58
N GLY A 169 2.47 -37.02 8.48
CA GLY A 169 1.78 -36.38 9.59
C GLY A 169 1.44 -34.93 9.28
N THR A 170 0.54 -34.40 10.11
CA THR A 170 0.08 -33.03 9.98
C THR A 170 0.19 -32.33 11.34
N GLY A 171 0.66 -31.10 11.32
CA GLY A 171 0.77 -30.32 12.55
C GLY A 171 -0.58 -29.94 13.11
N VAL A 172 -1.31 -29.09 12.41
CA VAL A 172 -2.65 -28.66 12.80
C VAL A 172 -3.57 -28.78 11.60
N LEU A 173 -4.68 -29.49 11.77
CA LEU A 173 -5.69 -29.67 10.74
C LEU A 173 -6.91 -28.84 11.07
N LEU A 174 -7.45 -28.13 10.07
CA LEU A 174 -8.61 -27.27 10.26
C LEU A 174 -9.57 -27.56 9.11
N GLN A 175 -10.65 -28.28 9.37
CA GLN A 175 -11.67 -28.54 8.37
C GLN A 175 -13.04 -28.26 8.96
N GLY A 176 -13.87 -27.51 8.23
CA GLY A 176 -15.20 -27.19 8.69
C GLY A 176 -15.23 -26.45 10.02
N CYS A 177 -14.19 -25.68 10.32
CA CYS A 177 -14.10 -24.95 11.57
C CYS A 177 -13.92 -23.46 11.29
N CYS A 178 -14.53 -22.65 12.14
CA CYS A 178 -14.48 -21.20 12.03
C CYS A 178 -14.12 -20.60 13.38
N PHE A 179 -13.26 -19.58 13.36
CA PHE A 179 -12.82 -18.89 14.58
C PHE A 179 -12.14 -19.85 15.56
N VAL A 180 -11.07 -20.48 15.09
CA VAL A 180 -10.23 -21.32 15.93
C VAL A 180 -8.86 -20.67 16.04
N PRO A 181 -8.57 -19.95 17.12
CA PRO A 181 -7.29 -19.24 17.23
C PRO A 181 -6.15 -20.22 17.51
N VAL A 182 -5.02 -20.00 16.82
CA VAL A 182 -3.81 -20.78 17.02
C VAL A 182 -2.68 -19.78 17.22
N THR A 183 -2.29 -19.55 18.47
CA THR A 183 -1.35 -18.50 18.82
C THR A 183 -0.15 -19.08 19.55
N ASP A 184 1.04 -18.59 19.18
CA ASP A 184 2.29 -18.87 19.90
C ASP A 184 2.57 -20.38 19.96
N VAL A 185 2.65 -20.99 18.77
CA VAL A 185 2.92 -22.42 18.69
C VAL A 185 4.04 -22.69 17.70
N HIS A 186 4.69 -23.84 17.90
CA HIS A 186 5.76 -24.31 17.03
C HIS A 186 5.32 -25.60 16.36
N ILE A 187 5.78 -25.81 15.13
CA ILE A 187 5.52 -27.03 14.38
C ILE A 187 6.80 -27.46 13.68
N GLY A 188 7.14 -28.73 13.78
CA GLY A 188 8.40 -29.20 13.23
C GLY A 188 8.36 -30.43 12.35
N ARG A 189 8.86 -30.31 11.13
CA ARG A 189 9.20 -31.43 10.25
C ARG A 189 8.08 -32.48 10.18
N PHE A 190 6.95 -32.04 9.65
CA PHE A 190 5.85 -32.92 9.29
C PHE A 190 5.59 -32.82 7.79
N HIS A 191 4.69 -33.68 7.30
CA HIS A 191 4.28 -33.58 5.91
C HIS A 191 3.56 -32.27 5.65
N ARG A 192 2.74 -31.83 6.61
CA ARG A 192 2.02 -30.57 6.50
C ARG A 192 2.00 -29.90 7.85
N GLY A 193 2.25 -28.59 7.87
CA GLY A 193 2.25 -27.84 9.11
C GLY A 193 0.86 -27.36 9.49
N ILE A 194 0.24 -26.60 8.59
CA ILE A 194 -1.14 -26.15 8.74
C ILE A 194 -1.91 -26.64 7.52
N HIS A 195 -3.01 -27.35 7.74
CA HIS A 195 -3.78 -27.93 6.66
C HIS A 195 -5.23 -27.46 6.76
N PHE A 196 -5.58 -26.47 5.94
CA PHE A 196 -6.97 -26.07 5.75
C PHE A 196 -7.61 -27.05 4.76
N TRP A 197 -8.69 -27.71 5.18
CA TRP A 197 -9.28 -28.79 4.41
C TRP A 197 -10.78 -28.58 4.27
N ASN A 198 -11.29 -28.91 3.08
CA ASN A 198 -12.74 -29.00 2.83
C ASN A 198 -12.96 -30.39 2.26
N LYS A 199 -13.18 -31.36 3.15
CA LYS A 199 -13.20 -32.77 2.78
C LYS A 199 -14.59 -33.37 2.67
N LEU A 200 -15.42 -33.23 3.70
CA LEU A 200 -16.70 -33.93 3.75
C LEU A 200 -17.73 -33.26 2.85
N GLN A 201 -18.54 -34.08 2.20
CA GLN A 201 -19.66 -33.60 1.41
C GLN A 201 -20.93 -33.57 2.25
N GLY A 202 -21.85 -32.67 1.88
CA GLY A 202 -23.11 -32.59 2.59
C GLY A 202 -23.87 -33.89 2.52
N THR A 203 -24.41 -34.32 3.67
CA THR A 203 -25.13 -35.58 3.74
C THR A 203 -26.48 -35.52 3.04
N ASP A 204 -27.03 -34.32 2.83
CA ASP A 204 -28.32 -34.14 2.16
C ASP A 204 -28.13 -33.62 0.74
N ASP A 205 -27.11 -34.11 0.05
CA ASP A 205 -26.78 -33.66 -1.30
C ASP A 205 -26.72 -34.88 -2.21
N PRO A 206 -27.88 -35.39 -2.65
CA PRO A 206 -27.87 -36.55 -3.55
C PRO A 206 -27.66 -36.20 -5.01
N THR A 207 -27.85 -34.95 -5.41
CA THR A 207 -27.68 -34.52 -6.78
C THR A 207 -26.28 -34.00 -7.08
N ASN A 208 -25.38 -34.02 -6.09
CA ASN A 208 -23.96 -33.68 -6.28
C ASN A 208 -23.79 -32.26 -6.80
N THR A 209 -24.21 -31.30 -5.99
CA THR A 209 -23.97 -29.89 -6.27
C THR A 209 -22.68 -29.37 -5.64
N PHE A 210 -22.25 -29.96 -4.53
CA PHE A 210 -21.04 -29.56 -3.81
C PHE A 210 -21.10 -28.10 -3.38
N THR A 211 -22.32 -27.57 -3.20
CA THR A 211 -22.52 -26.22 -2.69
C THR A 211 -22.86 -26.19 -1.21
N LYS A 212 -23.45 -27.25 -0.67
CA LYS A 212 -23.73 -27.38 0.75
C LYS A 212 -22.80 -28.43 1.32
N GLY A 213 -22.04 -28.05 2.35
CA GLY A 213 -21.10 -28.99 2.95
C GLY A 213 -19.95 -28.33 3.66
N ASP A 214 -18.75 -28.88 3.48
CA ASP A 214 -17.57 -28.46 4.23
C ASP A 214 -16.94 -27.24 3.57
N PHE A 215 -16.77 -26.18 4.35
CA PHE A 215 -15.94 -25.05 3.96
C PHE A 215 -15.30 -24.47 5.21
N THR A 216 -14.05 -24.06 5.09
CA THR A 216 -13.27 -23.54 6.22
C THR A 216 -13.06 -22.05 6.01
N GLU A 217 -13.38 -21.26 7.04
CA GLU A 217 -13.31 -19.81 6.92
C GLU A 217 -13.02 -19.18 8.28
N PHE A 218 -12.39 -18.01 8.24
CA PHE A 218 -12.18 -17.18 9.43
C PHE A 218 -11.42 -17.91 10.52
N ASN A 219 -10.15 -18.21 10.25
CA ASN A 219 -9.26 -18.78 11.25
C ASN A 219 -8.11 -17.81 11.54
N ARG A 220 -7.72 -17.73 12.81
CA ARG A 220 -6.70 -16.79 13.25
C ARG A 220 -5.45 -17.57 13.65
N ILE A 221 -4.33 -17.26 13.01
CA ILE A 221 -3.05 -17.90 13.26
C ILE A 221 -2.00 -16.82 13.49
N THR A 222 -1.54 -16.69 14.72
CA THR A 222 -0.62 -15.63 15.11
C THR A 222 0.61 -16.22 15.78
N ARG A 223 1.79 -15.69 15.42
CA ARG A 223 3.06 -16.04 16.05
C ARG A 223 3.27 -17.56 16.05
N VAL A 224 3.23 -18.14 14.86
CA VAL A 224 3.33 -19.58 14.68
C VAL A 224 4.53 -19.87 13.80
N ARG A 225 5.37 -20.82 14.22
CA ARG A 225 6.54 -21.22 13.45
C ARG A 225 6.32 -22.60 12.84
N VAL A 226 6.74 -22.76 11.59
CA VAL A 226 6.76 -24.06 10.91
C VAL A 226 8.18 -24.31 10.42
N PHE A 227 8.73 -25.48 10.73
CA PHE A 227 10.15 -25.78 10.51
C PHE A 227 10.28 -26.95 9.53
N ASN A 228 10.65 -26.64 8.28
CA ASN A 228 11.01 -27.63 7.28
C ASN A 228 9.93 -28.70 7.10
N CYS A 229 8.69 -28.25 6.92
CA CYS A 229 7.64 -29.18 6.52
C CYS A 229 7.57 -29.26 5.00
N ASP A 230 7.05 -30.39 4.51
CA ASP A 230 6.92 -30.58 3.07
C ASP A 230 6.00 -29.53 2.46
N ILE A 231 4.87 -29.27 3.11
CA ILE A 231 3.97 -28.18 2.73
C ILE A 231 3.62 -27.45 4.03
N ASP A 232 4.13 -26.24 4.18
CA ASP A 232 3.92 -25.50 5.44
C ASP A 232 2.46 -25.15 5.63
N VAL A 233 1.83 -24.59 4.60
CA VAL A 233 0.40 -24.26 4.62
C VAL A 233 -0.23 -24.89 3.38
N ASP A 234 -1.33 -25.62 3.58
CA ASP A 234 -1.97 -26.35 2.49
C ASP A 234 -3.47 -26.08 2.51
N TYR A 235 -3.95 -25.39 1.48
CA TYR A 235 -5.39 -25.24 1.23
C TYR A 235 -5.80 -26.34 0.28
N GLN A 236 -6.67 -27.24 0.75
CA GLN A 236 -7.10 -28.39 -0.04
C GLN A 236 -8.60 -28.57 0.08
N VAL A 237 -9.25 -28.82 -1.05
CA VAL A 237 -10.66 -29.14 -1.10
C VAL A 237 -10.85 -30.41 -1.92
N SER A 238 -11.61 -31.37 -1.37
CA SER A 238 -11.85 -32.63 -2.04
C SER A 238 -13.32 -32.79 -2.40
N LEU A 239 -14.23 -32.70 -1.43
CA LEU A 239 -15.66 -32.85 -1.69
C LEU A 239 -16.47 -31.76 -0.99
N GLY A 240 -15.83 -30.63 -0.69
CA GLY A 240 -16.51 -29.56 0.01
C GLY A 240 -16.64 -28.29 -0.83
N ASN A 241 -17.01 -27.20 -0.18
CA ASN A 241 -17.20 -25.94 -0.88
C ASN A 241 -15.85 -25.30 -1.22
N ASN A 242 -15.90 -24.26 -2.04
CA ASN A 242 -14.72 -23.55 -2.49
C ASN A 242 -14.23 -22.50 -1.50
N SER A 243 -14.95 -22.28 -0.41
CA SER A 243 -14.72 -21.12 0.44
C SER A 243 -13.48 -21.30 1.31
N PHE A 244 -12.52 -20.39 1.16
CA PHE A 244 -11.40 -20.21 2.10
C PHE A 244 -11.31 -18.72 2.34
N HIS A 245 -12.03 -18.24 3.36
CA HIS A 245 -12.31 -16.82 3.52
C HIS A 245 -11.98 -16.38 4.94
N GLY A 246 -11.18 -15.33 5.07
CA GLY A 246 -10.95 -14.70 6.35
C GLY A 246 -9.84 -15.29 7.19
N ASN A 247 -9.22 -16.38 6.75
CA ASN A 247 -8.10 -16.94 7.48
C ASN A 247 -6.92 -15.97 7.44
N SER A 248 -6.33 -15.70 8.60
CA SER A 248 -5.31 -14.67 8.72
C SER A 248 -4.01 -15.27 9.26
N PHE A 249 -2.90 -14.85 8.66
CA PHE A 249 -1.56 -15.18 9.13
C PHE A 249 -0.86 -13.87 9.49
N THR A 250 -0.31 -13.81 10.69
CA THR A 250 0.43 -12.63 11.13
C THR A 250 1.55 -13.04 12.07
N ASP A 251 2.68 -12.35 11.96
CA ASP A 251 3.84 -12.56 12.84
C ASP A 251 4.31 -14.01 12.82
N CYS A 252 4.23 -14.64 11.65
CA CYS A 252 4.61 -16.05 11.49
C CYS A 252 5.79 -16.16 10.53
N MET A 253 6.60 -17.20 10.73
CA MET A 253 7.72 -17.50 9.85
C MET A 253 7.58 -18.92 9.35
N CYS A 254 7.95 -19.15 8.10
CA CYS A 254 7.90 -20.47 7.49
C CYS A 254 9.25 -20.83 6.90
N GLN A 255 9.76 -21.99 7.29
CA GLN A 255 11.02 -22.53 6.82
C GLN A 255 10.73 -23.51 5.69
N ILE A 256 10.95 -23.08 4.46
CA ILE A 256 10.64 -23.90 3.29
C ILE A 256 11.71 -24.98 3.16
N ASN A 257 11.28 -26.23 3.00
CA ASN A 257 12.23 -27.33 2.86
C ASN A 257 13.05 -27.16 1.59
N SER A 258 14.36 -27.37 1.72
CA SER A 258 15.26 -27.16 0.59
C SER A 258 14.97 -28.14 -0.55
N TYR A 259 14.73 -29.41 -0.24
CA TYR A 259 14.53 -30.44 -1.25
C TYR A 259 13.09 -30.42 -1.75
N GLY A 260 12.80 -29.40 -2.57
CA GLY A 260 11.51 -29.28 -3.20
C GLY A 260 10.34 -29.07 -2.26
N GLY A 261 10.54 -28.30 -1.19
CA GLY A 261 9.47 -27.99 -0.27
C GLY A 261 8.61 -26.86 -0.77
N ILE A 262 7.33 -26.89 -0.39
CA ILE A 262 6.35 -25.88 -0.79
C ILE A 262 5.95 -25.08 0.44
N GLY A 263 6.26 -23.79 0.43
CA GLY A 263 5.89 -22.95 1.56
C GLY A 263 4.38 -22.77 1.69
N MET A 264 3.70 -22.59 0.58
CA MET A 264 2.25 -22.43 0.57
C MET A 264 1.69 -23.10 -0.67
N ARG A 265 0.68 -23.94 -0.49
CA ARG A 265 0.03 -24.65 -1.59
C ARG A 265 -1.47 -24.40 -1.51
N MET A 266 -2.08 -24.15 -2.67
CA MET A 266 -3.54 -24.08 -2.80
C MET A 266 -3.92 -24.96 -3.99
N TRP A 267 -4.68 -26.03 -3.71
CA TRP A 267 -4.92 -27.01 -4.75
C TRP A 267 -6.21 -27.76 -4.50
N ASP A 268 -6.84 -28.17 -5.60
CA ASP A 268 -7.98 -29.08 -5.60
C ASP A 268 -7.52 -30.41 -6.18
N ASP A 269 -7.82 -31.49 -5.48
CA ASP A 269 -7.39 -32.81 -5.92
C ASP A 269 -8.26 -33.38 -7.03
N GLY A 270 -9.38 -32.73 -7.37
CA GLY A 270 -10.23 -33.21 -8.43
C GLY A 270 -11.05 -34.44 -8.09
N SER A 271 -11.27 -34.71 -6.81
CA SER A 271 -12.07 -35.88 -6.42
C SER A 271 -13.53 -35.74 -6.81
N ARG A 272 -14.07 -34.52 -6.75
CA ARG A 272 -15.44 -34.27 -7.16
C ARG A 272 -15.58 -34.14 -8.68
N ASN A 273 -14.47 -34.02 -9.40
CA ASN A 273 -14.52 -34.03 -10.86
C ASN A 273 -14.98 -35.39 -11.37
N ALA A 274 -14.53 -36.48 -10.74
CA ALA A 274 -14.93 -37.81 -11.18
C ALA A 274 -16.43 -38.04 -10.99
N ILE A 275 -16.98 -37.57 -9.87
CA ILE A 275 -18.40 -37.76 -9.61
C ILE A 275 -19.25 -37.00 -10.62
N ARG A 276 -18.91 -35.74 -10.86
CA ARG A 276 -19.61 -34.92 -11.84
C ARG A 276 -18.57 -34.18 -12.68
N PRO A 277 -18.32 -34.63 -13.93
CA PRO A 277 -17.33 -33.96 -14.79
C PRO A 277 -17.42 -32.45 -14.77
N SER A 278 -18.56 -31.91 -15.18
CA SER A 278 -18.87 -30.48 -15.09
C SER A 278 -17.70 -29.62 -15.57
N SER A 279 -17.38 -29.80 -16.86
CA SER A 279 -16.18 -29.21 -17.44
C SER A 279 -16.32 -27.69 -17.49
N LEU A 280 -16.13 -27.08 -16.33
CA LEU A 280 -16.15 -25.63 -16.18
C LEU A 280 -14.90 -25.24 -15.39
N PRO A 281 -14.19 -24.18 -15.81
CA PRO A 281 -12.87 -23.92 -15.20
C PRO A 281 -12.92 -23.52 -13.74
N TYR A 282 -13.73 -22.53 -13.38
CA TYR A 282 -13.72 -21.94 -12.04
C TYR A 282 -14.76 -22.55 -11.11
N GLU A 283 -15.47 -23.59 -11.54
CA GLU A 283 -16.48 -24.19 -10.66
C GLU A 283 -15.83 -25.03 -9.56
N TYR A 284 -14.82 -25.82 -9.90
CA TYR A 284 -14.13 -26.69 -8.96
C TYR A 284 -12.74 -26.13 -8.71
N ILE A 285 -12.65 -25.21 -7.74
CA ILE A 285 -11.40 -24.57 -7.37
C ILE A 285 -11.38 -24.34 -5.87
N ALA A 286 -10.20 -24.02 -5.36
CA ALA A 286 -10.05 -23.56 -3.98
C ALA A 286 -9.99 -22.04 -4.00
N ASN A 287 -11.05 -21.40 -3.53
CA ASN A 287 -11.15 -19.94 -3.59
C ASN A 287 -10.58 -19.35 -2.31
N VAL A 288 -9.30 -18.98 -2.35
CA VAL A 288 -8.65 -18.29 -1.24
C VAL A 288 -8.85 -16.80 -1.45
N TYR A 289 -9.87 -16.24 -0.83
CA TYR A 289 -10.19 -14.82 -1.01
C TYR A 289 -10.28 -14.12 0.33
N ASN A 290 -9.80 -12.88 0.37
CA ASN A 290 -9.85 -12.01 1.53
C ASN A 290 -9.08 -12.56 2.73
N ASN A 291 -8.06 -13.38 2.49
CA ASN A 291 -7.24 -13.90 3.57
C ASN A 291 -5.96 -13.07 3.72
N LYS A 292 -5.43 -13.09 4.94
CA LYS A 292 -4.24 -12.32 5.29
C LYS A 292 -3.04 -13.26 5.30
N HIS A 293 -1.99 -12.87 4.59
CA HIS A 293 -0.77 -13.67 4.46
C HIS A 293 0.42 -12.78 4.82
N GLU A 294 0.73 -12.71 6.11
CA GLU A 294 1.89 -11.99 6.62
C GLU A 294 2.86 -13.02 7.18
N ILE A 295 3.69 -13.59 6.31
CA ILE A 295 4.59 -14.68 6.66
C ILE A 295 5.99 -14.35 6.17
N ASN A 296 6.97 -14.53 7.05
CA ASN A 296 8.38 -14.39 6.68
C ASN A 296 8.88 -15.75 6.21
N TRP A 297 9.22 -15.85 4.93
CA TRP A 297 9.63 -17.11 4.33
C TRP A 297 11.16 -17.20 4.30
N PHE A 298 11.68 -18.38 4.59
CA PHE A 298 13.12 -18.62 4.41
C PHE A 298 13.29 -19.88 3.55
N GLY A 299 13.91 -19.70 2.38
CA GLY A 299 14.10 -20.77 1.44
C GLY A 299 15.53 -21.27 1.39
N SER A 300 15.92 -21.73 0.19
CA SER A 300 17.24 -22.30 -0.06
C SER A 300 17.84 -21.72 -1.33
N ASP A 301 19.15 -21.53 -1.34
CA ASP A 301 19.89 -21.07 -2.51
C ASP A 301 20.60 -22.19 -3.25
N ALA A 302 20.28 -23.44 -2.96
CA ALA A 302 21.00 -24.58 -3.53
C ALA A 302 20.13 -25.48 -4.40
N ARG A 303 18.93 -25.82 -3.94
CA ARG A 303 18.15 -26.89 -4.56
C ARG A 303 16.71 -26.45 -4.78
N THR A 304 16.54 -25.24 -5.35
CA THR A 304 15.30 -24.72 -5.93
C THR A 304 14.03 -25.06 -5.14
N CYS A 305 13.94 -24.58 -3.91
CA CYS A 305 12.72 -24.77 -3.12
C CYS A 305 11.58 -23.96 -3.73
N TYR A 306 10.36 -24.33 -3.36
CA TYR A 306 9.15 -23.74 -3.92
C TYR A 306 8.48 -22.85 -2.88
N LEU A 307 8.04 -21.67 -3.30
CA LEU A 307 7.37 -20.74 -2.40
C LEU A 307 5.84 -20.91 -2.44
N MET A 308 5.24 -20.84 -3.62
CA MET A 308 3.79 -20.99 -3.75
C MET A 308 3.47 -21.94 -4.89
N HIS A 309 2.52 -22.83 -4.63
CA HIS A 309 2.03 -23.81 -5.60
C HIS A 309 0.53 -23.62 -5.77
N ILE A 310 0.09 -23.58 -7.01
CA ILE A 310 -1.33 -23.38 -7.34
C ILE A 310 -1.75 -24.50 -8.29
N ASP A 311 -2.80 -25.22 -7.93
CA ASP A 311 -3.31 -26.30 -8.78
C ASP A 311 -4.84 -26.33 -8.66
N LYS A 312 -5.51 -25.64 -9.59
CA LYS A 312 -6.97 -25.46 -9.57
C LYS A 312 -7.40 -24.75 -8.29
N ALA A 313 -6.85 -23.55 -8.11
CA ALA A 313 -7.19 -22.69 -6.99
C ALA A 313 -6.88 -21.25 -7.39
N GLN A 314 -7.52 -20.31 -6.71
CA GLN A 314 -7.32 -18.90 -7.02
C GLN A 314 -7.22 -18.10 -5.73
N GLY A 315 -6.17 -17.28 -5.64
CA GLY A 315 -6.00 -16.35 -4.55
C GLY A 315 -6.39 -14.94 -4.97
N ARG A 316 -7.54 -14.48 -4.51
CA ARG A 316 -8.15 -13.26 -5.02
C ARG A 316 -8.43 -12.30 -3.87
N GLY A 317 -7.91 -11.08 -3.99
CA GLY A 317 -8.16 -10.05 -2.98
C GLY A 317 -7.56 -10.36 -1.63
N CYS A 318 -6.35 -10.91 -1.60
CA CYS A 318 -5.66 -11.17 -0.35
C CYS A 318 -4.90 -9.91 0.09
N ASN A 319 -4.24 -10.00 1.25
CA ASN A 319 -3.49 -8.88 1.80
C ASN A 319 -2.41 -9.42 2.72
N GLY A 320 -1.56 -8.53 3.20
CA GLY A 320 -0.47 -8.87 4.08
C GLY A 320 0.88 -8.70 3.41
N ASP A 321 1.89 -8.45 4.24
CA ASP A 321 3.26 -8.25 3.79
C ASP A 321 4.07 -9.51 3.99
N MET A 322 4.78 -9.95 2.95
CA MET A 322 5.51 -11.21 2.95
C MET A 322 7.01 -10.95 2.86
N THR A 323 7.78 -11.74 3.59
CA THR A 323 9.23 -11.66 3.60
C THR A 323 9.82 -12.97 3.10
N VAL A 324 10.80 -12.88 2.21
CA VAL A 324 11.47 -14.05 1.66
C VAL A 324 12.98 -13.88 1.80
N GLU A 325 13.66 -14.95 2.19
CA GLU A 325 15.10 -15.02 2.17
C GLU A 325 15.53 -16.27 1.41
N ALA A 326 16.71 -16.20 0.79
CA ALA A 326 17.23 -17.23 -0.12
C ALA A 326 16.35 -17.35 -1.35
N ALA A 327 16.79 -18.14 -2.33
CA ALA A 327 16.10 -18.22 -3.60
C ALA A 327 14.82 -19.05 -3.48
N VAL A 328 13.74 -18.52 -4.04
CA VAL A 328 12.46 -19.24 -4.12
C VAL A 328 11.90 -19.09 -5.52
N THR A 329 11.00 -19.98 -5.87
CA THR A 329 10.30 -19.93 -7.14
C THR A 329 8.81 -20.14 -6.94
N LEU A 330 8.02 -19.42 -7.72
CA LEU A 330 6.57 -19.50 -7.68
C LEU A 330 6.07 -20.33 -8.85
N ARG A 331 5.33 -21.39 -8.54
CA ARG A 331 4.85 -22.33 -9.54
C ARG A 331 3.36 -22.16 -9.73
N ALA A 332 2.93 -22.00 -10.98
CA ALA A 332 1.51 -21.89 -11.33
C ALA A 332 1.18 -22.94 -12.38
N ILE A 333 0.18 -23.77 -12.07
CA ILE A 333 -0.24 -24.84 -12.97
C ILE A 333 -1.59 -24.44 -13.57
N GLY A 334 -1.62 -24.30 -14.89
CA GLY A 334 -2.84 -23.93 -15.58
C GLY A 334 -3.01 -22.44 -15.78
N GLN A 335 -4.26 -21.99 -15.86
CA GLN A 335 -4.58 -20.58 -16.06
C GLN A 335 -4.83 -19.85 -14.75
N TYR A 336 -4.65 -20.51 -13.61
CA TYR A 336 -4.99 -19.95 -12.32
C TYR A 336 -3.92 -18.97 -11.85
N TRP A 337 -4.31 -18.12 -10.90
CA TRP A 337 -3.49 -16.97 -10.53
C TRP A 337 -3.60 -16.73 -9.02
N TYR A 338 -2.85 -15.73 -8.57
CA TYR A 338 -2.89 -15.28 -7.17
C TYR A 338 -2.72 -13.77 -7.15
N GLN A 339 -3.63 -13.09 -6.45
CA GLN A 339 -3.60 -11.64 -6.36
C GLN A 339 -3.75 -11.22 -4.91
N SER A 340 -2.91 -10.27 -4.47
CA SER A 340 -2.92 -9.79 -3.10
C SER A 340 -2.81 -8.28 -3.09
N PHE A 341 -3.34 -7.67 -2.02
CA PHE A 341 -3.27 -6.23 -1.82
C PHE A 341 -2.09 -5.82 -0.93
N GLY A 342 -1.22 -6.75 -0.59
CA GLY A 342 -0.01 -6.47 0.15
C GLY A 342 1.20 -6.37 -0.75
N SER A 343 2.38 -6.54 -0.14
CA SER A 343 3.64 -6.51 -0.86
C SER A 343 4.58 -7.54 -0.26
N LEU A 344 5.51 -8.01 -1.07
CA LEU A 344 6.52 -8.97 -0.62
C LEU A 344 7.89 -8.45 -0.95
N HIS A 345 8.84 -8.70 -0.04
CA HIS A 345 10.22 -8.28 -0.24
C HIS A 345 11.15 -9.44 0.05
N SER A 346 12.25 -9.48 -0.70
CA SER A 346 13.21 -10.57 -0.59
C SER A 346 14.61 -10.06 -0.93
N ILE A 347 15.58 -10.41 -0.09
CA ILE A 347 17.00 -10.19 -0.45
C ILE A 347 17.44 -11.46 -1.17
N SER A 348 17.05 -11.55 -2.44
CA SER A 348 17.27 -12.76 -3.25
C SER A 348 16.77 -12.55 -4.67
N ALA A 349 16.93 -13.58 -5.50
CA ALA A 349 16.30 -13.64 -6.81
C ALA A 349 15.12 -14.60 -6.74
N ILE A 350 13.95 -14.15 -7.16
CA ILE A 350 12.72 -14.94 -7.13
C ILE A 350 12.39 -15.36 -8.55
N ASN A 351 12.24 -16.67 -8.76
CA ASN A 351 11.93 -17.23 -10.06
C ASN A 351 10.45 -17.53 -10.18
N THR A 352 9.99 -17.71 -11.42
CA THR A 352 8.59 -18.01 -11.69
C THR A 352 8.50 -19.03 -12.81
N VAL A 353 7.65 -20.03 -12.60
CA VAL A 353 7.36 -21.04 -13.62
C VAL A 353 5.85 -21.19 -13.74
N VAL A 354 5.36 -21.20 -14.98
CA VAL A 354 3.94 -21.36 -15.28
C VAL A 354 3.78 -22.54 -16.22
N ASP A 355 2.88 -23.46 -15.88
CA ASP A 355 2.67 -24.68 -16.65
C ASP A 355 1.47 -24.57 -17.57
N GLY A 356 1.23 -23.39 -18.13
CA GLY A 356 0.12 -23.21 -19.04
C GLY A 356 -0.05 -21.75 -19.38
N ASP A 357 -1.17 -21.46 -20.04
CA ASP A 357 -1.53 -20.09 -20.42
C ASP A 357 -2.38 -19.50 -19.31
N THR A 358 -1.85 -18.48 -18.64
CA THR A 358 -2.56 -17.83 -17.55
C THR A 358 -3.85 -17.20 -18.07
N ASP A 359 -4.91 -17.26 -17.27
CA ASP A 359 -6.19 -16.72 -17.67
C ASP A 359 -6.11 -15.19 -17.70
N THR A 360 -5.81 -14.64 -18.86
CA THR A 360 -5.61 -13.20 -19.00
C THR A 360 -6.92 -12.41 -18.95
N ALA A 361 -8.05 -13.09 -19.16
CA ALA A 361 -9.35 -12.41 -19.11
C ALA A 361 -9.71 -11.95 -17.70
N THR A 362 -9.00 -12.43 -16.67
CA THR A 362 -9.27 -12.03 -15.29
C THR A 362 -8.12 -11.24 -14.68
N ARG A 363 -6.89 -11.73 -14.81
CA ARG A 363 -5.71 -11.06 -14.27
C ARG A 363 -4.64 -10.97 -15.34
N PRO A 364 -3.81 -9.92 -15.30
CA PRO A 364 -2.74 -9.77 -16.29
C PRO A 364 -1.69 -10.87 -16.19
N VAL A 365 -1.18 -11.11 -14.98
CA VAL A 365 -0.15 -12.11 -14.74
C VAL A 365 -0.61 -13.01 -13.60
N ALA A 366 0.09 -14.13 -13.44
CA ALA A 366 -0.31 -15.13 -12.45
C ALA A 366 -0.16 -14.60 -11.03
N PHE A 367 0.93 -13.92 -10.73
CA PHE A 367 1.23 -13.45 -9.39
C PHE A 367 1.32 -11.92 -9.39
N MET A 368 0.55 -11.29 -8.51
CA MET A 368 0.48 -9.83 -8.46
C MET A 368 0.57 -9.35 -7.02
N TRP A 369 1.23 -8.20 -6.84
CA TRP A 369 1.28 -7.52 -5.55
C TRP A 369 1.29 -6.02 -5.80
N MET A 370 1.28 -5.25 -4.70
CA MET A 370 1.34 -3.79 -4.82
C MET A 370 2.66 -3.31 -5.39
N ASN A 371 3.76 -4.04 -5.16
CA ASN A 371 5.08 -3.58 -5.55
C ASN A 371 5.69 -4.35 -6.71
N SER A 372 5.28 -5.58 -6.95
CA SER A 372 5.90 -6.38 -8.00
C SER A 372 4.89 -7.37 -8.56
N ALA A 373 5.16 -7.81 -9.79
CA ALA A 373 4.41 -8.90 -10.44
C ALA A 373 5.44 -9.74 -11.17
N TYR A 374 5.80 -10.87 -10.58
CA TYR A 374 7.00 -11.63 -10.90
C TYR A 374 6.98 -12.35 -12.25
N PRO A 375 5.83 -12.85 -12.75
CA PRO A 375 5.86 -13.47 -14.08
C PRO A 375 6.12 -12.46 -15.18
N GLN A 376 7.37 -12.01 -15.28
CA GLN A 376 7.78 -11.02 -16.26
C GLN A 376 8.31 -11.74 -17.49
N VAL A 377 7.66 -11.54 -18.63
CA VAL A 377 8.01 -12.19 -19.88
C VAL A 377 8.44 -11.11 -20.88
N ASN A 378 9.51 -11.39 -21.62
CA ASN A 378 10.04 -10.44 -22.58
C ASN A 378 9.02 -10.16 -23.68
N PHE A 379 9.11 -8.97 -24.26
CA PHE A 379 8.20 -8.57 -25.33
C PHE A 379 8.34 -9.48 -26.53
N ASP A 380 7.21 -9.85 -27.12
CA ASP A 380 7.22 -10.63 -28.35
C ASP A 380 7.71 -9.76 -29.51
N GLY A 381 8.38 -10.41 -30.46
CA GLY A 381 8.98 -9.69 -31.57
C GLY A 381 7.99 -9.21 -32.61
N THR A 382 7.13 -8.27 -32.22
CA THR A 382 6.17 -7.66 -33.14
C THR A 382 6.26 -6.15 -33.20
N ASP A 383 6.38 -5.47 -32.06
CA ASP A 383 6.48 -4.01 -32.04
C ASP A 383 7.87 -3.56 -32.50
N PRO A 384 7.94 -2.57 -33.38
CA PRO A 384 9.27 -2.09 -33.83
C PRO A 384 10.12 -1.55 -32.69
N LEU A 385 9.50 -0.93 -31.69
CA LEU A 385 10.24 -0.38 -30.56
C LEU A 385 10.40 -1.39 -29.43
N LEU A 386 9.30 -2.00 -29.00
CA LEU A 386 9.33 -3.01 -27.94
C LEU A 386 9.68 -4.36 -28.58
N THR A 387 10.98 -4.65 -28.63
CA THR A 387 11.50 -5.85 -29.26
C THR A 387 11.82 -6.92 -28.24
N SER A 388 12.16 -8.11 -28.74
CA SER A 388 12.58 -9.19 -27.87
C SER A 388 13.86 -8.82 -27.13
N GLY A 389 13.96 -9.28 -25.88
CA GLY A 389 15.02 -8.85 -24.99
C GLY A 389 14.65 -7.70 -24.10
N LEU A 390 13.47 -7.11 -24.30
CA LEU A 390 12.94 -6.04 -23.45
C LEU A 390 11.84 -6.62 -22.58
N THR A 391 11.96 -6.41 -21.28
CA THR A 391 10.97 -6.95 -20.35
C THR A 391 10.24 -5.84 -19.62
N PRO A 392 8.92 -5.91 -19.52
CA PRO A 392 8.17 -4.87 -18.80
C PRO A 392 8.16 -5.13 -17.30
N ARG A 393 8.22 -4.04 -16.54
CA ARG A 393 8.08 -4.09 -15.09
C ARG A 393 7.20 -2.94 -14.64
N GLN A 394 6.36 -3.19 -13.64
CA GLN A 394 5.37 -2.20 -13.21
C GLN A 394 6.07 -1.04 -12.50
N TYR A 395 5.25 -0.10 -12.04
CA TYR A 395 5.77 1.21 -11.64
C TYR A 395 6.59 1.13 -10.35
N ASP A 396 6.09 0.38 -9.36
CA ASP A 396 6.57 0.20 -7.97
C ASP A 396 6.18 1.39 -7.08
N LEU A 397 5.53 2.41 -7.64
CA LEU A 397 4.78 3.45 -6.92
C LEU A 397 5.66 4.46 -6.18
N ASN A 398 6.94 4.18 -5.97
CA ASN A 398 7.80 5.16 -5.35
C ASN A 398 9.21 5.23 -5.92
N ASN A 399 9.53 4.48 -6.97
CA ASN A 399 10.88 4.44 -7.54
C ASN A 399 11.91 4.01 -6.49
N SER A 400 11.57 2.96 -5.76
CA SER A 400 12.52 2.38 -4.81
C SER A 400 13.72 1.73 -5.50
N GLY A 401 13.55 1.29 -6.75
CA GLY A 401 14.65 0.71 -7.49
C GLY A 401 15.65 1.72 -8.02
N ASN A 402 15.33 3.01 -7.92
CA ASN A 402 16.24 4.10 -8.25
C ASN A 402 16.54 4.17 -9.75
N THR A 403 15.98 3.24 -10.52
CA THR A 403 16.26 3.17 -11.95
C THR A 403 15.02 3.32 -12.83
N GLY A 404 13.82 3.33 -12.25
CA GLY A 404 12.61 3.42 -13.01
C GLY A 404 12.04 4.84 -13.07
N MET A 405 10.94 4.98 -13.80
CA MET A 405 10.26 6.26 -13.91
C MET A 405 9.64 6.64 -12.57
N GLU A 406 9.31 7.93 -12.43
CA GLU A 406 8.84 8.47 -11.17
C GLU A 406 7.80 9.57 -11.40
N LEU A 407 6.78 9.59 -10.56
CA LEU A 407 5.71 10.58 -10.59
C LEU A 407 5.98 11.65 -9.54
N LEU A 408 5.92 12.92 -9.93
CA LEU A 408 6.24 14.04 -9.06
C LEU A 408 5.27 15.19 -9.26
N ASN A 409 4.97 15.88 -8.17
CA ASN A 409 4.21 17.12 -8.16
C ASN A 409 5.15 18.29 -7.89
N ILE A 410 4.78 19.46 -8.36
CA ILE A 410 5.57 20.68 -8.16
C ILE A 410 4.83 21.59 -7.20
N ARG A 411 5.52 22.04 -6.16
CA ARG A 411 4.90 22.81 -5.09
C ARG A 411 5.60 24.16 -4.94
N GLY A 412 4.86 25.14 -4.47
CA GLY A 412 5.38 26.48 -4.27
C GLY A 412 5.17 27.38 -5.47
N ALA A 413 4.33 28.40 -5.31
CA ALA A 413 3.98 29.31 -6.40
C ALA A 413 3.46 28.54 -7.61
N ASN A 414 4.31 28.38 -8.62
CA ASN A 414 3.95 27.62 -9.80
C ASN A 414 3.76 26.14 -9.44
N THR A 415 2.80 25.50 -10.11
CA THR A 415 2.44 24.12 -9.82
C THR A 415 2.39 23.34 -11.13
N GLY A 416 2.69 22.05 -11.04
CA GLY A 416 2.62 21.20 -12.22
C GLY A 416 2.88 19.75 -11.85
N ALA A 417 2.87 18.90 -12.87
CA ALA A 417 3.10 17.47 -12.69
C ALA A 417 4.15 17.00 -13.68
N ILE A 418 5.10 16.20 -13.21
CA ILE A 418 6.17 15.68 -14.06
C ILE A 418 6.37 14.20 -13.75
N TRP A 419 6.38 13.39 -14.80
CA TRP A 419 6.76 11.98 -14.69
C TRP A 419 8.02 11.76 -15.52
N SER A 420 9.06 11.29 -14.86
CA SER A 420 10.42 11.36 -15.38
C SER A 420 11.08 9.99 -15.43
N ILE A 421 12.14 9.90 -16.24
CA ILE A 421 12.89 8.67 -16.43
C ILE A 421 14.37 8.97 -16.21
N GLN A 422 15.12 7.92 -15.91
CA GLN A 422 16.56 8.05 -15.67
C GLN A 422 17.29 8.36 -16.97
N ASN A 423 18.43 9.04 -16.84
CA ASN A 423 19.26 9.34 -18.00
C ASN A 423 19.75 8.07 -18.66
N GLY A 424 19.88 8.10 -19.99
CA GLY A 424 20.28 6.95 -20.76
C GLY A 424 19.13 6.14 -21.33
N ALA A 425 17.89 6.45 -20.95
CA ALA A 425 16.72 5.75 -21.47
C ALA A 425 16.45 6.23 -22.89
N ALA A 426 16.94 5.47 -23.87
CA ALA A 426 16.85 5.89 -25.26
C ALA A 426 15.42 5.86 -25.79
N LEU A 427 14.59 4.96 -25.28
CA LEU A 427 13.24 4.82 -25.78
C LEU A 427 12.34 5.98 -25.39
N GLY A 428 12.66 6.68 -24.29
CA GLY A 428 11.86 7.81 -23.89
C GLY A 428 10.49 7.41 -23.35
N TRP A 429 9.53 8.30 -23.53
CA TRP A 429 8.17 8.09 -23.04
C TRP A 429 7.31 7.60 -24.19
N ILE A 430 6.57 6.51 -23.95
CA ILE A 430 5.80 5.84 -24.99
C ILE A 430 4.35 5.72 -24.55
N LEU A 431 3.43 6.02 -25.47
CA LEU A 431 2.02 5.75 -25.32
C LEU A 431 1.72 4.47 -26.09
N GLY A 432 1.28 3.43 -25.38
CA GLY A 432 1.07 2.12 -25.98
C GLY A 432 -0.31 1.55 -25.66
N ARG A 433 -0.63 0.44 -26.32
CA ARG A 433 -1.91 -0.23 -26.13
C ARG A 433 -1.67 -1.74 -26.08
N ARG A 434 -2.60 -2.44 -25.46
CA ARG A 434 -2.48 -3.87 -25.24
C ARG A 434 -3.79 -4.56 -25.60
N ALA A 435 -3.69 -5.84 -25.95
CA ALA A 435 -4.85 -6.66 -26.23
C ALA A 435 -5.33 -7.38 -24.97
N GLN A 436 -6.56 -7.88 -25.02
CA GLN A 436 -7.08 -8.64 -23.89
C GLN A 436 -6.42 -9.99 -23.76
N ALA A 437 -6.04 -10.62 -24.88
CA ALA A 437 -5.43 -11.94 -24.84
C ALA A 437 -4.09 -11.92 -24.11
N ASP A 438 -3.27 -10.90 -24.36
CA ASP A 438 -1.99 -10.74 -23.69
C ASP A 438 -1.87 -9.34 -23.11
N SER A 439 -1.60 -9.26 -21.80
CA SER A 439 -1.64 -7.97 -21.10
C SER A 439 -0.36 -7.18 -21.28
N ARG A 440 0.76 -7.72 -20.82
CA ARG A 440 2.02 -6.97 -20.81
C ARG A 440 2.91 -7.29 -22.00
N LYS A 441 3.17 -8.58 -22.24
CA LYS A 441 3.78 -8.97 -23.51
C LYS A 441 2.79 -8.71 -24.64
N GLY A 442 3.29 -8.21 -25.76
CA GLY A 442 2.43 -7.83 -26.86
C GLY A 442 1.92 -6.41 -26.83
N THR A 443 2.49 -5.56 -25.97
CA THR A 443 2.07 -4.16 -25.92
C THR A 443 2.48 -3.45 -27.20
N ARG A 444 1.54 -2.74 -27.81
CA ARG A 444 1.75 -2.09 -29.10
C ARG A 444 1.97 -0.60 -28.88
N SER A 445 3.16 -0.12 -29.27
CA SER A 445 3.49 1.29 -29.12
C SER A 445 2.75 2.12 -30.16
N VAL A 446 2.19 3.24 -29.72
CA VAL A 446 1.41 4.12 -30.57
C VAL A 446 2.09 5.48 -30.74
N TRP A 447 2.52 6.08 -29.63
CA TRP A 447 3.16 7.39 -29.64
C TRP A 447 4.52 7.31 -28.98
N GLN A 448 5.48 8.06 -29.51
CA GLN A 448 6.79 8.20 -28.90
C GLN A 448 7.17 9.67 -28.81
N PHE A 449 7.77 10.07 -27.70
CA PHE A 449 8.15 11.45 -27.46
C PHE A 449 9.67 11.66 -27.45
N SER A 450 10.44 10.58 -27.55
CA SER A 450 11.90 10.62 -27.69
C SER A 450 12.61 11.11 -26.44
N TYR A 451 13.80 10.55 -26.17
CA TYR A 451 14.60 10.99 -25.04
C TYR A 451 15.16 12.40 -25.23
N ASN A 452 15.59 12.73 -26.44
CA ASN A 452 16.27 13.99 -26.70
C ASN A 452 15.32 15.13 -27.04
N GLY A 453 14.00 14.90 -26.96
CA GLY A 453 13.05 15.97 -27.17
C GLY A 453 13.09 16.56 -28.56
N GLU A 454 13.12 15.72 -29.59
CA GLU A 454 13.27 16.18 -30.96
C GLU A 454 12.09 15.86 -31.86
N VAL A 455 11.50 14.68 -31.74
CA VAL A 455 10.43 14.25 -32.64
C VAL A 455 9.31 13.60 -31.83
N ILE A 456 8.07 13.87 -32.24
CA ILE A 456 6.90 13.15 -31.75
C ILE A 456 6.49 12.20 -32.86
N LYS A 457 6.63 10.90 -32.60
CA LYS A 457 6.54 9.89 -33.63
C LYS A 457 5.33 8.98 -33.40
N SER A 458 4.52 8.82 -34.43
CA SER A 458 3.44 7.83 -34.44
C SER A 458 4.06 6.51 -34.88
N VAL A 459 4.41 5.66 -33.91
CA VAL A 459 5.25 4.50 -34.18
C VAL A 459 4.52 3.50 -35.09
N SER A 460 3.25 3.26 -34.81
CA SER A 460 2.49 2.22 -35.51
C SER A 460 1.50 2.77 -36.52
N ALA A 461 1.51 4.09 -36.78
CA ALA A 461 0.58 4.69 -37.72
C ALA A 461 1.30 5.75 -38.54
N ALA A 462 0.79 5.97 -39.75
CA ALA A 462 1.32 6.98 -40.65
C ALA A 462 0.52 8.28 -40.49
N ASN A 463 0.64 9.18 -41.46
CA ASN A 463 -0.17 10.39 -41.64
C ASN A 463 -0.59 11.03 -40.32
N VAL A 464 0.43 11.38 -39.53
CA VAL A 464 0.21 12.01 -38.23
C VAL A 464 0.05 13.52 -38.41
N GLY A 465 -0.68 14.15 -37.50
CA GLY A 465 -0.91 15.57 -37.58
C GLY A 465 -1.47 16.09 -36.27
N LEU A 466 -1.89 17.36 -36.29
CA LEU A 466 -2.50 17.99 -35.13
C LEU A 466 -3.54 19.01 -35.57
N GLN A 467 -4.54 19.21 -34.71
CA GLN A 467 -5.66 20.09 -35.01
C GLN A 467 -6.20 20.67 -33.71
N ASN A 468 -6.97 21.74 -33.83
CA ASN A 468 -7.49 22.47 -32.69
C ASN A 468 -8.85 21.91 -32.27
N SER A 469 -9.55 22.64 -31.39
CA SER A 469 -10.81 22.15 -30.84
C SER A 469 -11.86 21.92 -31.91
N THR A 470 -11.99 22.85 -32.86
CA THR A 470 -12.99 22.70 -33.92
C THR A 470 -12.69 21.51 -34.83
N GLY A 471 -11.44 21.05 -34.86
CA GLY A 471 -11.04 19.95 -35.72
C GLY A 471 -10.26 20.37 -36.95
N ALA A 472 -10.20 21.65 -37.26
CA ALA A 472 -9.38 22.15 -38.35
C ALA A 472 -7.91 22.13 -37.92
N GLY A 473 -7.05 21.65 -38.81
CA GLY A 473 -5.65 21.52 -38.47
C GLY A 473 -4.86 21.04 -39.66
N PHE A 474 -3.64 20.61 -39.39
CA PHE A 474 -2.70 20.24 -40.44
C PHE A 474 -1.85 19.05 -40.00
N GLY A 475 -1.40 18.29 -41.00
CA GLY A 475 -0.67 17.07 -40.72
C GLY A 475 -0.09 16.48 -41.99
N MET A 476 0.35 15.22 -41.86
CA MET A 476 0.95 14.46 -42.94
C MET A 476 -0.07 13.52 -43.57
N LEU A 477 0.29 12.99 -44.75
CA LEU A 477 -0.57 12.05 -45.47
C LEU A 477 0.31 11.18 -46.35
N GLY A 478 0.52 9.94 -45.93
CA GLY A 478 1.18 8.93 -46.76
C GLY A 478 2.61 9.23 -47.13
N ASP A 479 3.41 9.73 -46.19
CA ASP A 479 4.86 9.93 -46.35
C ASP A 479 5.21 10.93 -47.43
N THR A 480 4.23 11.56 -48.06
CA THR A 480 4.48 12.40 -49.24
C THR A 480 3.80 13.77 -49.17
N LEU A 481 2.68 13.91 -48.47
CA LEU A 481 1.87 15.11 -48.51
C LEU A 481 1.81 15.77 -47.14
N LEU A 482 1.90 17.10 -47.13
CA LEU A 482 1.60 17.91 -45.96
C LEU A 482 0.31 18.68 -46.26
N ARG A 483 -0.75 18.36 -45.53
CA ARG A 483 -2.08 18.82 -45.90
C ARG A 483 -2.81 19.42 -44.71
N PRO A 484 -3.73 20.36 -44.97
CA PRO A 484 -4.70 20.74 -43.96
C PRO A 484 -5.89 19.79 -43.95
N TYR A 485 -6.43 19.56 -42.75
CA TYR A 485 -7.51 18.59 -42.60
C TYR A 485 -8.77 19.04 -43.34
N ALA A 486 -9.08 20.33 -43.31
CA ALA A 486 -10.23 20.87 -44.02
C ALA A 486 -9.78 21.48 -45.34
N ALA A 487 -10.47 21.12 -46.41
CA ALA A 487 -10.04 21.51 -47.74
C ALA A 487 -10.31 23.00 -47.97
N SER A 488 -9.28 23.71 -48.46
CA SER A 488 -9.39 25.10 -48.86
C SER A 488 -9.85 25.99 -47.69
N THR A 489 -9.28 25.76 -46.52
CA THR A 489 -9.59 26.57 -45.35
C THR A 489 -8.37 27.27 -44.75
N ILE A 490 -7.29 26.53 -44.51
CA ILE A 490 -6.17 27.03 -43.71
C ILE A 490 -5.12 27.64 -44.63
N SER A 491 -4.70 28.86 -44.32
CA SER A 491 -3.77 29.63 -45.15
C SER A 491 -2.38 29.61 -44.54
N LEU A 492 -1.36 29.65 -45.40
CA LEU A 492 0.04 29.67 -44.98
C LEU A 492 0.53 31.11 -44.92
N GLY A 493 0.60 31.65 -43.71
CA GLY A 493 1.17 32.97 -43.50
C GLY A 493 0.11 34.07 -43.58
N SER A 494 0.39 35.14 -42.85
CA SER A 494 -0.48 36.31 -42.77
C SER A 494 0.38 37.55 -42.89
N PRO A 495 -0.22 38.70 -43.20
CA PRO A 495 0.56 39.95 -43.20
C PRO A 495 1.23 40.22 -41.86
N THR A 496 0.64 39.77 -40.77
CA THR A 496 1.28 39.92 -39.46
C THR A 496 2.43 38.95 -39.26
N TYR A 497 2.32 37.73 -39.79
CA TYR A 497 3.31 36.68 -39.59
C TYR A 497 3.76 36.11 -40.93
N PRO A 498 4.69 36.79 -41.60
CA PRO A 498 5.22 36.26 -42.87
C PRO A 498 6.17 35.09 -42.63
N PHE A 499 6.59 34.47 -43.74
CA PHE A 499 7.50 33.33 -43.69
C PHE A 499 8.86 33.62 -44.29
N THR A 500 9.01 34.72 -45.04
CA THR A 500 10.22 35.28 -45.61
C THR A 500 10.75 34.48 -46.80
N ARG A 501 10.23 33.29 -47.08
CA ARG A 501 10.78 32.45 -48.14
C ARG A 501 9.99 31.18 -48.36
N LEU A 502 9.95 30.70 -49.61
CA LEU A 502 9.46 29.37 -49.93
C LEU A 502 10.46 28.74 -50.89
N ARG A 503 11.12 27.67 -50.46
CA ARG A 503 12.13 27.00 -51.27
C ARG A 503 11.61 25.60 -51.62
N THR A 504 11.42 25.36 -52.91
CA THR A 504 11.01 24.05 -53.42
C THR A 504 12.18 23.46 -54.20
N THR A 505 11.94 22.29 -54.80
CA THR A 505 12.99 21.63 -55.57
C THR A 505 13.37 22.44 -56.81
N ASP A 506 12.39 23.07 -57.45
CA ASP A 506 12.63 23.76 -58.71
C ASP A 506 12.33 25.25 -58.67
N TRP A 507 11.86 25.78 -57.55
CA TRP A 507 11.57 27.20 -57.42
C TRP A 507 11.97 27.68 -56.04
N THR A 508 12.22 28.99 -55.93
CA THR A 508 12.39 29.63 -54.63
C THR A 508 11.84 31.05 -54.70
N VAL A 509 11.09 31.42 -53.67
CA VAL A 509 10.44 32.73 -53.58
C VAL A 509 10.97 33.41 -52.32
N ASP A 510 11.77 34.45 -52.51
CA ASP A 510 12.41 35.13 -51.38
C ASP A 510 12.59 36.60 -51.74
N THR A 511 13.43 37.29 -50.98
CA THR A 511 13.66 38.71 -51.20
C THR A 511 14.23 38.98 -52.59
N ASN A 512 15.08 38.08 -53.07
CA ASN A 512 15.65 38.24 -54.41
C ASN A 512 14.59 38.13 -55.50
N GLY A 513 13.42 37.56 -55.18
CA GLY A 513 12.33 37.45 -56.12
C GLY A 513 11.87 36.00 -56.21
N ILE A 514 11.24 35.68 -57.33
CA ILE A 514 10.78 34.32 -57.62
C ILE A 514 11.70 33.78 -58.71
N VAL A 515 12.62 32.90 -58.34
CA VAL A 515 13.59 32.40 -59.31
C VAL A 515 13.64 30.87 -59.26
N PRO A 516 13.85 30.21 -60.40
CA PRO A 516 13.98 28.74 -60.39
C PRO A 516 15.36 28.31 -59.92
N VAL A 517 15.50 27.00 -59.73
CA VAL A 517 16.80 26.42 -59.39
C VAL A 517 17.63 26.12 -60.62
N GLN A 518 16.99 25.87 -61.76
CA GLN A 518 17.69 25.61 -63.02
C GLN A 518 17.36 26.72 -64.01
N ASP A 519 18.20 26.84 -65.03
CA ASP A 519 18.14 27.97 -65.95
C ASP A 519 17.34 27.62 -67.19
N GLY A 520 16.26 28.37 -67.44
CA GLY A 520 15.58 28.33 -68.71
C GLY A 520 14.87 27.04 -69.05
N ILE A 521 14.34 26.32 -68.07
CA ILE A 521 13.58 25.11 -68.35
C ILE A 521 12.19 25.21 -67.73
N LYS A 522 12.05 26.09 -66.75
CA LYS A 522 10.79 26.23 -66.03
C LYS A 522 9.99 27.41 -66.59
N ASN A 523 8.69 27.19 -66.78
CA ASN A 523 7.81 28.14 -67.43
C ASN A 523 6.88 28.80 -66.41
N ILE A 524 6.37 29.97 -66.78
CA ILE A 524 5.36 30.68 -66.01
C ILE A 524 4.07 30.56 -66.79
N GLY A 525 3.16 29.73 -66.32
CA GLY A 525 1.92 29.45 -67.03
C GLY A 525 2.05 28.22 -67.92
N SER A 526 0.96 27.94 -68.61
CA SER A 526 0.89 26.77 -69.48
C SER A 526 0.02 27.10 -70.69
N SER A 527 0.13 26.27 -71.72
CA SER A 527 -0.64 26.50 -72.94
C SER A 527 -2.14 26.42 -72.67
N SER A 528 -2.57 25.43 -71.88
CA SER A 528 -3.98 25.28 -71.56
C SER A 528 -4.40 26.05 -70.32
N LEU A 529 -3.47 26.28 -69.39
CA LEU A 529 -3.74 26.99 -68.14
C LEU A 529 -2.86 28.24 -68.13
N ARG A 530 -3.40 29.35 -68.65
CA ARG A 530 -2.64 30.58 -68.82
C ARG A 530 -2.91 31.55 -67.68
N VAL A 531 -1.90 32.38 -67.40
CA VAL A 531 -2.05 33.50 -66.47
C VAL A 531 -2.68 34.66 -67.23
N GLY A 532 -3.08 35.70 -66.50
CA GLY A 532 -3.76 36.82 -67.13
C GLY A 532 -2.82 37.95 -67.51
N THR A 533 -2.87 39.05 -66.77
CA THR A 533 -2.08 40.24 -67.07
C THR A 533 -0.84 40.25 -66.19
N VAL A 534 0.30 40.58 -66.80
CA VAL A 534 1.57 40.69 -66.09
C VAL A 534 1.92 42.17 -65.96
N PHE A 535 1.95 42.67 -64.74
CA PHE A 535 2.24 44.08 -64.45
C PHE A 535 3.69 44.19 -64.01
N ALA A 536 4.54 44.75 -64.87
CA ALA A 536 5.95 44.90 -64.58
C ALA A 536 6.38 46.32 -64.87
N ALA A 537 7.39 46.79 -64.12
CA ALA A 537 7.84 48.17 -64.27
C ALA A 537 8.67 48.37 -65.53
N THR A 538 9.37 47.33 -65.99
CA THR A 538 10.25 47.49 -67.14
C THR A 538 9.46 47.49 -68.45
N GLY A 539 8.74 46.40 -68.72
CA GLY A 539 7.97 46.29 -69.93
C GLY A 539 8.63 45.54 -71.07
N THR A 540 9.75 44.87 -70.82
CA THR A 540 10.45 44.13 -71.85
C THR A 540 11.21 42.98 -71.21
N ILE A 541 11.13 41.81 -71.85
CA ILE A 541 11.83 40.64 -71.34
C ILE A 541 13.33 40.88 -71.42
N ASN A 542 14.07 40.30 -70.46
CA ASN A 542 15.53 40.40 -70.40
C ASN A 542 15.97 41.85 -70.24
N PHE B 38 -16.39 -14.98 45.84
CA PHE B 38 -17.22 -13.86 46.26
C PHE B 38 -18.71 -14.13 46.07
N GLY B 39 -19.11 -15.40 46.07
CA GLY B 39 -20.51 -15.75 45.95
C GLY B 39 -21.06 -15.79 44.54
N ALA B 40 -20.19 -15.79 43.52
CA ALA B 40 -20.62 -15.86 42.14
C ALA B 40 -20.75 -17.31 41.73
N VAL B 41 -21.87 -17.66 41.11
CA VAL B 41 -22.10 -18.99 40.56
C VAL B 41 -22.59 -18.86 39.13
N ALA B 42 -22.37 -19.90 38.35
CA ALA B 42 -22.76 -19.94 36.94
C ALA B 42 -23.86 -20.99 36.78
N ASP B 43 -25.11 -20.55 36.93
CA ASP B 43 -26.26 -21.44 36.83
C ASP B 43 -27.37 -20.79 36.03
N TYR B 44 -27.01 -20.08 34.96
CA TYR B 44 -28.01 -19.43 34.12
C TYR B 44 -28.78 -20.48 33.32
N ASN B 45 -30.11 -20.34 33.29
CA ASN B 45 -30.97 -21.25 32.55
C ASN B 45 -31.54 -20.54 31.33
N PRO B 46 -31.08 -20.83 30.12
CA PRO B 46 -31.63 -20.13 28.94
C PRO B 46 -33.12 -20.38 28.74
N THR B 47 -33.62 -21.56 29.11
CA THR B 47 -35.03 -21.87 28.89
C THR B 47 -35.94 -20.93 29.68
N THR B 48 -35.61 -20.70 30.95
CA THR B 48 -36.43 -19.87 31.82
C THR B 48 -35.90 -18.45 31.96
N LYS B 49 -34.68 -18.18 31.49
CA LYS B 49 -34.05 -16.86 31.58
C LYS B 49 -33.92 -16.40 33.03
N THR B 50 -33.61 -17.35 33.92
CA THR B 50 -33.44 -17.06 35.33
C THR B 50 -32.09 -17.58 35.80
N GLY B 51 -31.59 -17.00 36.88
CA GLY B 51 -30.33 -17.42 37.45
C GLY B 51 -29.90 -16.47 38.55
N THR B 52 -28.75 -16.77 39.13
CA THR B 52 -28.20 -15.95 40.19
C THR B 52 -27.56 -14.69 39.62
N ASP B 53 -27.87 -13.54 40.21
CA ASP B 53 -27.31 -12.27 39.76
C ASP B 53 -25.90 -12.13 40.31
N ASN B 54 -24.90 -12.15 39.42
CA ASN B 54 -23.50 -12.13 39.80
C ASN B 54 -22.87 -10.75 39.69
N THR B 55 -23.66 -9.71 39.45
CA THR B 55 -23.10 -8.36 39.33
C THR B 55 -22.49 -7.90 40.64
N GLN B 56 -23.15 -8.19 41.77
CA GLN B 56 -22.62 -7.79 43.07
C GLN B 56 -21.34 -8.56 43.39
N ALA B 57 -21.32 -9.86 43.09
CA ALA B 57 -20.10 -10.64 43.31
C ALA B 57 -18.95 -10.14 42.45
N PHE B 58 -19.23 -9.81 41.18
CA PHE B 58 -18.19 -9.28 40.31
C PHE B 58 -17.68 -7.95 40.82
N ARG B 59 -18.58 -7.08 41.28
CA ARG B 59 -18.15 -5.79 41.81
C ARG B 59 -17.31 -5.96 43.08
N ASN B 60 -17.70 -6.88 43.95
CA ASN B 60 -16.92 -7.14 45.15
C ASN B 60 -15.55 -7.69 44.81
N ALA B 61 -15.48 -8.59 43.82
CA ALA B 61 -14.18 -9.11 43.39
C ALA B 61 -13.30 -8.01 42.82
N VAL B 62 -13.88 -7.11 42.02
CA VAL B 62 -13.11 -6.01 41.45
C VAL B 62 -12.59 -5.09 42.55
N ALA B 63 -13.46 -4.77 43.53
CA ALA B 63 -13.04 -3.89 44.62
C ALA B 63 -11.94 -4.54 45.46
N ALA B 64 -12.06 -5.83 45.75
CA ALA B 64 -11.04 -6.52 46.52
C ALA B 64 -9.72 -6.59 45.76
N ALA B 65 -9.79 -6.81 44.45
CA ALA B 65 -8.58 -6.83 43.64
C ALA B 65 -7.90 -5.47 43.64
N ILE B 66 -8.69 -4.39 43.52
CA ILE B 66 -8.12 -3.05 43.52
C ILE B 66 -7.50 -2.72 44.88
N ALA B 67 -8.20 -3.06 45.97
CA ALA B 67 -7.74 -2.67 47.30
C ALA B 67 -6.39 -3.30 47.64
N GLN B 68 -6.20 -4.56 47.29
CA GLN B 68 -4.98 -5.29 47.62
C GLN B 68 -3.93 -5.21 46.51
N ASN B 69 -4.17 -4.43 45.47
CA ASN B 69 -3.26 -4.22 44.35
C ASN B 69 -3.01 -5.46 43.53
N ILE B 70 -3.80 -6.52 43.73
CA ILE B 70 -3.73 -7.72 42.89
C ILE B 70 -4.72 -7.48 41.74
N ARG B 71 -4.25 -6.77 40.72
CA ARG B 71 -5.11 -6.21 39.69
C ARG B 71 -5.42 -7.27 38.61
N ASN B 72 -6.17 -8.28 39.02
CA ASN B 72 -6.68 -9.30 38.11
C ASN B 72 -7.78 -10.09 38.79
N VAL B 73 -8.83 -10.37 38.04
CA VAL B 73 -9.94 -11.20 38.51
C VAL B 73 -10.16 -12.32 37.51
N TYR B 74 -10.25 -13.55 37.99
CA TYR B 74 -10.38 -14.74 37.16
C TYR B 74 -11.82 -15.24 37.19
N ALA B 75 -12.38 -15.47 36.00
CA ALA B 75 -13.75 -16.00 35.88
C ALA B 75 -13.69 -17.34 35.16
N PRO B 76 -13.71 -18.45 35.88
CA PRO B 76 -13.62 -19.77 35.23
C PRO B 76 -14.89 -20.12 34.50
N GLY B 77 -14.76 -21.07 33.58
CA GLY B 77 -15.86 -21.55 32.76
C GLY B 77 -16.73 -22.58 33.44
N GLY B 78 -17.59 -22.14 34.35
CA GLY B 78 -18.45 -23.03 35.09
C GLY B 78 -19.47 -23.76 34.24
N PRO B 79 -20.42 -24.42 34.90
CA PRO B 79 -21.40 -25.24 34.14
C PRO B 79 -22.24 -24.44 33.16
N SER B 80 -22.45 -23.15 33.41
CA SER B 80 -23.31 -22.33 32.55
C SER B 80 -22.75 -20.91 32.54
N ALA B 81 -23.57 -19.97 32.10
CA ALA B 81 -23.17 -18.58 32.03
C ALA B 81 -23.38 -17.88 33.37
N TYR B 82 -22.59 -16.84 33.60
CA TYR B 82 -22.78 -15.96 34.75
C TYR B 82 -23.79 -14.88 34.39
N MET B 83 -24.86 -14.81 35.16
CA MET B 83 -25.94 -13.86 34.90
C MET B 83 -25.59 -12.53 35.57
N THR B 84 -25.47 -11.48 34.76
CA THR B 84 -25.13 -10.14 35.24
C THR B 84 -26.22 -9.16 34.82
N THR B 85 -26.66 -8.34 35.77
CA THR B 85 -27.70 -7.35 35.51
C THR B 85 -27.19 -5.92 35.58
N GLY B 86 -26.00 -5.68 36.15
CA GLY B 86 -25.48 -4.34 36.31
C GLY B 86 -24.15 -4.19 35.60
N GLU B 87 -23.69 -2.94 35.54
CA GLU B 87 -22.45 -2.61 34.86
C GLU B 87 -21.24 -3.03 35.69
N ILE B 88 -20.18 -3.44 35.00
CA ILE B 88 -18.88 -3.71 35.62
C ILE B 88 -17.93 -2.61 35.18
N ASN B 89 -17.37 -1.90 36.16
CA ASN B 89 -16.60 -0.70 35.86
C ASN B 89 -15.15 -1.01 35.48
N LEU B 90 -14.62 -2.15 35.95
CA LEU B 90 -13.24 -2.57 35.68
C LEU B 90 -12.23 -1.62 36.32
N GLY B 91 -12.72 -0.59 37.01
CA GLY B 91 -11.88 0.34 37.72
C GLY B 91 -12.43 0.63 39.10
N GLY B 92 -13.52 -0.04 39.44
CA GLY B 92 -14.17 0.15 40.73
C GLY B 92 -15.25 1.21 40.68
N GLU B 93 -16.25 1.04 41.54
CA GLU B 93 -17.32 2.03 41.63
C GLU B 93 -16.77 3.35 42.14
N GLY B 94 -17.17 4.44 41.49
CA GLY B 94 -16.65 5.76 41.81
C GLY B 94 -15.56 6.24 40.87
N PHE B 95 -15.15 5.43 39.90
CA PHE B 95 -14.16 5.81 38.90
C PHE B 95 -14.90 5.99 37.57
N THR B 96 -15.44 7.19 37.36
CA THR B 96 -16.28 7.46 36.21
C THR B 96 -15.68 8.49 35.25
N GLY B 97 -14.67 9.24 35.66
CA GLY B 97 -14.09 10.24 34.78
C GLY B 97 -12.98 10.99 35.49
N GLY B 98 -12.45 11.99 34.78
CA GLY B 98 -11.35 12.78 35.30
C GLY B 98 -10.05 12.01 35.29
N GLU B 99 -9.07 12.56 36.01
CA GLU B 99 -7.77 11.91 36.16
C GLU B 99 -7.85 10.87 37.26
N GLY B 100 -7.40 9.66 36.96
CA GLY B 100 -7.36 8.62 37.95
C GLY B 100 -6.22 8.82 38.94
N SER B 101 -6.25 8.04 40.02
CA SER B 101 -5.18 8.10 41.00
C SER B 101 -3.87 7.64 40.38
N ARG B 102 -2.88 8.53 40.36
CA ARG B 102 -1.62 8.29 39.69
C ARG B 102 -0.50 8.16 40.71
N ASP B 103 0.35 7.17 40.52
CA ASP B 103 1.48 6.94 41.41
C ASP B 103 2.61 7.91 41.06
N VAL B 104 3.82 7.62 41.55
CA VAL B 104 4.96 8.48 41.29
C VAL B 104 5.57 8.22 39.92
N TRP B 105 4.99 7.31 39.14
CA TRP B 105 5.55 6.86 37.87
C TRP B 105 4.64 7.19 36.69
N ARG B 106 3.71 8.12 36.86
CA ARG B 106 2.81 8.57 35.80
C ARG B 106 1.95 7.42 35.29
N GLY B 107 1.25 6.76 36.22
CA GLY B 107 0.37 5.66 35.85
C GLY B 107 -0.77 5.51 36.82
N ILE B 108 -1.91 5.05 36.30
CA ILE B 108 -3.12 4.89 37.10
C ILE B 108 -2.99 3.62 37.93
N THR B 109 -3.31 3.73 39.23
CA THR B 109 -3.29 2.56 40.11
C THR B 109 -4.64 1.85 40.15
N GLN B 110 -5.71 2.52 39.74
CA GLN B 110 -7.05 1.96 39.81
C GLN B 110 -7.33 1.14 38.56
N GLY B 111 -7.52 -0.17 38.72
CA GLY B 111 -7.84 -1.02 37.58
C GLY B 111 -7.79 -2.51 37.85
N VAL B 112 -8.44 -3.29 36.98
CA VAL B 112 -8.50 -4.74 37.09
C VAL B 112 -8.36 -5.34 35.70
N HIS B 113 -7.56 -6.41 35.59
CA HIS B 113 -7.47 -7.22 34.36
C HIS B 113 -8.44 -8.38 34.50
N PHE B 114 -9.59 -8.26 33.84
CA PHE B 114 -10.64 -9.28 33.90
C PHE B 114 -10.42 -10.26 32.75
N PHE B 115 -10.12 -11.51 33.09
CA PHE B 115 -9.89 -12.54 32.09
C PHE B 115 -10.61 -13.82 32.49
N GLY B 116 -10.93 -14.64 31.50
CA GLY B 116 -11.61 -15.90 31.73
C GLY B 116 -10.78 -17.10 31.36
N ASP B 117 -11.39 -18.03 30.63
CA ASP B 117 -10.71 -19.27 30.22
C ASP B 117 -10.49 -19.38 28.72
N GLY B 118 -11.29 -18.69 27.91
CA GLY B 118 -11.16 -18.76 26.47
C GLY B 118 -12.17 -17.86 25.77
N PRO B 119 -12.06 -17.76 24.44
CA PRO B 119 -13.00 -16.91 23.70
C PRO B 119 -14.45 -17.29 23.89
N TYR B 120 -14.75 -18.59 24.01
CA TYR B 120 -16.12 -19.05 24.25
C TYR B 120 -16.20 -20.01 25.43
N SER B 121 -15.14 -20.14 26.23
CA SER B 121 -15.18 -21.03 27.38
C SER B 121 -16.03 -20.46 28.50
N THR B 122 -15.94 -19.15 28.73
CA THR B 122 -16.71 -18.47 29.76
C THR B 122 -17.75 -17.58 29.11
N ILE B 123 -18.98 -17.66 29.61
CA ILE B 123 -20.13 -16.97 29.03
C ILE B 123 -20.73 -16.05 30.09
N ILE B 124 -20.97 -14.81 29.72
CA ILE B 124 -21.62 -13.82 30.57
C ILE B 124 -22.94 -13.43 29.92
N ALA B 125 -24.05 -13.73 30.61
CA ALA B 125 -25.38 -13.38 30.15
C ALA B 125 -25.77 -12.04 30.76
N PHE B 126 -25.83 -10.99 29.94
CA PHE B 126 -26.02 -9.63 30.42
C PHE B 126 -27.45 -9.17 30.16
N ASN B 127 -28.07 -8.60 31.19
CA ASN B 127 -29.39 -8.02 31.08
C ASN B 127 -29.28 -6.50 31.29
N PRO B 128 -29.33 -5.70 30.24
CA PRO B 128 -29.08 -4.26 30.39
C PRO B 128 -30.26 -3.57 31.05
N PRO B 129 -30.02 -2.79 32.11
CA PRO B 129 -31.10 -1.98 32.68
C PRO B 129 -31.69 -0.98 31.71
N ASN B 130 -30.87 -0.41 30.83
CA ASN B 130 -31.35 0.52 29.81
C ASN B 130 -30.55 0.33 28.53
N THR B 131 -30.76 1.23 27.57
CA THR B 131 -30.16 1.08 26.25
C THR B 131 -28.64 1.21 26.30
N ASP B 132 -28.13 2.15 27.09
CA ASP B 132 -26.71 2.48 27.08
C ASP B 132 -25.91 1.77 28.17
N ALA B 133 -26.51 0.80 28.85
CA ALA B 133 -25.80 0.10 29.91
C ALA B 133 -24.81 -0.90 29.31
N PRO B 134 -23.53 -0.81 29.61
CA PRO B 134 -22.57 -1.80 29.14
C PRO B 134 -22.35 -2.92 30.14
N CYS B 135 -22.15 -4.13 29.62
CA CYS B 135 -21.75 -5.23 30.49
C CYS B 135 -20.38 -4.99 31.09
N PHE B 136 -19.45 -4.48 30.29
CA PHE B 136 -18.12 -4.12 30.75
C PHE B 136 -17.77 -2.72 30.25
N SER B 137 -17.11 -1.95 31.11
CA SER B 137 -16.82 -0.55 30.81
C SER B 137 -15.42 -0.20 31.28
N ALA B 138 -14.87 0.86 30.69
CA ALA B 138 -13.59 1.42 31.08
C ALA B 138 -13.78 2.95 31.10
N ARG B 139 -13.96 3.50 32.30
CA ARG B 139 -14.23 4.90 32.51
C ARG B 139 -13.17 5.49 33.43
N GLY B 140 -12.72 6.71 33.13
CA GLY B 140 -11.84 7.40 34.05
C GLY B 140 -10.65 8.13 33.46
N GLY B 141 -9.46 7.75 33.91
CA GLY B 141 -8.23 8.46 33.60
C GLY B 141 -7.79 8.43 32.16
N TRP B 142 -7.55 9.61 31.59
CA TRP B 142 -7.07 9.75 30.23
C TRP B 142 -5.65 10.31 30.23
N GLY B 143 -4.87 9.92 29.22
CA GLY B 143 -3.52 10.42 29.03
C GLY B 143 -2.43 9.46 29.46
N THR B 144 -2.75 8.42 30.24
CA THR B 144 -1.75 7.48 30.71
C THR B 144 -2.37 6.08 30.76
N HIS B 145 -1.53 5.09 31.00
CA HIS B 145 -1.94 3.70 31.01
C HIS B 145 -2.60 3.34 32.34
N SER B 146 -3.44 2.32 32.31
CA SER B 146 -4.12 1.79 33.47
C SER B 146 -4.06 0.28 33.43
N PRO B 147 -4.13 -0.38 34.58
CA PRO B 147 -4.11 -1.86 34.58
C PRO B 147 -5.42 -2.48 34.13
N ARG B 148 -6.35 -1.66 33.65
CA ARG B 148 -7.63 -2.16 33.17
C ARG B 148 -7.42 -2.93 31.87
N ALA B 149 -7.95 -4.15 31.82
CA ALA B 149 -7.85 -4.98 30.63
C ALA B 149 -8.95 -6.04 30.68
N LEU B 150 -9.23 -6.62 29.52
CA LEU B 150 -10.27 -7.63 29.40
C LEU B 150 -9.89 -8.61 28.30
N SER B 151 -10.11 -9.90 28.55
CA SER B 151 -9.73 -10.91 27.57
C SER B 151 -10.48 -12.21 27.85
N LYS B 152 -10.67 -12.99 26.79
CA LYS B 152 -11.10 -14.39 26.87
C LYS B 152 -12.45 -14.54 27.57
N LEU B 153 -13.48 -13.97 26.94
CA LEU B 153 -14.85 -14.14 27.41
C LEU B 153 -15.83 -13.63 26.35
N ALA B 154 -17.11 -13.70 26.68
CA ALA B 154 -18.18 -13.32 25.77
C ALA B 154 -19.20 -12.44 26.47
N ILE B 155 -19.50 -11.29 25.86
CA ILE B 155 -20.60 -10.45 26.28
C ILE B 155 -21.79 -10.82 25.42
N GLU B 156 -22.83 -11.36 26.03
CA GLU B 156 -23.82 -12.13 25.28
C GLU B 156 -25.15 -12.05 26.02
N PRO B 157 -26.23 -11.76 25.31
CA PRO B 157 -27.44 -11.23 25.96
C PRO B 157 -28.37 -12.26 26.57
N VAL B 158 -29.06 -11.83 27.63
CA VAL B 158 -30.14 -12.63 28.21
C VAL B 158 -31.36 -12.62 27.27
N ASN B 159 -31.75 -11.44 26.81
CA ASN B 159 -32.90 -11.27 25.91
C ASN B 159 -32.38 -11.06 24.49
N TRP B 160 -32.66 -12.00 23.60
CA TRP B 160 -32.20 -11.93 22.22
C TRP B 160 -33.28 -11.20 21.41
N ALA B 161 -33.02 -9.94 21.09
CA ALA B 161 -33.95 -9.16 20.29
C ALA B 161 -33.94 -9.63 18.84
N ASP B 162 -35.12 -9.57 18.21
CA ASP B 162 -35.23 -9.96 16.82
C ASP B 162 -34.50 -8.96 15.93
N TYR B 163 -34.08 -9.43 14.75
CA TYR B 163 -33.39 -8.56 13.81
C TYR B 163 -34.30 -7.44 13.32
N ASN B 164 -35.61 -7.66 13.32
CA ASN B 164 -36.54 -6.61 12.93
C ASN B 164 -36.53 -5.46 13.93
N ALA B 165 -36.50 -5.77 15.22
CA ALA B 165 -36.59 -4.75 16.26
C ALA B 165 -35.20 -4.27 16.66
N THR B 166 -35.18 -3.30 17.59
CA THR B 166 -33.94 -2.72 18.08
C THR B 166 -33.59 -3.31 19.44
N SER B 167 -32.32 -3.67 19.59
CA SER B 167 -31.82 -4.24 20.84
C SER B 167 -31.37 -3.14 21.79
N SER B 168 -31.10 -3.54 23.03
CA SER B 168 -30.67 -2.63 24.07
C SER B 168 -29.44 -3.21 24.77
N GLY B 169 -28.49 -2.33 25.11
CA GLY B 169 -27.29 -2.72 25.81
C GLY B 169 -26.05 -2.49 24.97
N THR B 170 -24.90 -2.51 25.67
CA THR B 170 -23.60 -2.31 25.05
C THR B 170 -22.67 -3.43 25.46
N GLY B 171 -21.90 -3.94 24.50
CA GLY B 171 -20.93 -4.97 24.78
C GLY B 171 -19.78 -4.49 25.63
N VAL B 172 -18.96 -3.61 25.07
CA VAL B 172 -17.83 -3.02 25.79
C VAL B 172 -17.87 -1.51 25.57
N LEU B 173 -17.85 -0.76 26.68
CA LEU B 173 -17.82 0.70 26.64
C LEU B 173 -16.43 1.19 27.02
N LEU B 174 -15.92 2.17 26.27
CA LEU B 174 -14.59 2.73 26.52
C LEU B 174 -14.72 4.24 26.43
N GLN B 175 -14.69 4.91 27.59
CA GLN B 175 -14.72 6.37 27.63
C GLN B 175 -13.63 6.87 28.57
N GLY B 176 -12.86 7.84 28.11
CA GLY B 176 -11.79 8.40 28.93
C GLY B 176 -10.76 7.38 29.36
N CYS B 177 -10.54 6.35 28.56
CA CYS B 177 -9.60 5.29 28.90
C CYS B 177 -8.57 5.14 27.79
N CYS B 178 -7.33 4.85 28.17
CA CYS B 178 -6.22 4.69 27.25
C CYS B 178 -5.49 3.40 27.58
N PHE B 179 -5.09 2.66 26.55
CA PHE B 179 -4.35 1.40 26.71
C PHE B 179 -5.15 0.38 27.51
N VAL B 180 -6.33 0.06 27.01
CA VAL B 180 -7.17 -0.99 27.59
C VAL B 180 -7.27 -2.12 26.55
N PRO B 181 -6.48 -3.19 26.69
CA PRO B 181 -6.51 -4.25 25.68
C PRO B 181 -7.76 -5.11 25.82
N VAL B 182 -8.36 -5.44 24.68
CA VAL B 182 -9.53 -6.31 24.60
C VAL B 182 -9.20 -7.38 23.56
N THR B 183 -8.82 -8.56 24.03
CA THR B 183 -8.30 -9.62 23.16
C THR B 183 -9.13 -10.89 23.32
N ASP B 184 -9.44 -11.52 22.19
CA ASP B 184 -10.06 -12.85 22.15
C ASP B 184 -11.39 -12.88 22.90
N VAL B 185 -12.30 -12.01 22.45
CA VAL B 185 -13.62 -11.94 23.07
C VAL B 185 -14.71 -11.98 22.00
N HIS B 186 -15.89 -12.40 22.44
CA HIS B 186 -17.08 -12.47 21.60
C HIS B 186 -18.12 -11.50 22.13
N ILE B 187 -18.92 -10.93 21.23
CA ILE B 187 -20.02 -10.04 21.59
C ILE B 187 -21.21 -10.40 20.72
N GLY B 188 -22.39 -10.51 21.33
CA GLY B 188 -23.56 -10.93 20.58
C GLY B 188 -24.82 -10.10 20.75
N ARG B 189 -25.36 -9.62 19.63
CA ARG B 189 -26.71 -9.07 19.53
C ARG B 189 -27.03 -8.09 20.67
N PHE B 190 -26.29 -6.99 20.68
CA PHE B 190 -26.58 -5.85 21.53
C PHE B 190 -26.85 -4.63 20.66
N HIS B 191 -27.27 -3.54 21.30
CA HIS B 191 -27.43 -2.29 20.58
C HIS B 191 -26.09 -1.79 20.05
N ARG B 192 -25.03 -1.96 20.83
CA ARG B 192 -23.69 -1.55 20.43
C ARG B 192 -22.69 -2.59 20.92
N GLY B 193 -21.76 -2.97 20.05
CA GLY B 193 -20.74 -3.94 20.41
C GLY B 193 -19.56 -3.31 21.11
N ILE B 194 -18.93 -2.35 20.43
CA ILE B 194 -17.83 -1.57 20.99
C ILE B 194 -18.25 -0.11 20.90
N HIS B 195 -18.21 0.60 22.02
CA HIS B 195 -18.64 1.99 22.07
C HIS B 195 -17.52 2.86 22.62
N PHE B 196 -16.80 3.54 21.73
CA PHE B 196 -15.87 4.58 22.11
C PHE B 196 -16.66 5.85 22.37
N TRP B 197 -16.54 6.41 23.57
CA TRP B 197 -17.37 7.52 24.00
C TRP B 197 -16.51 8.63 24.59
N ASN B 198 -16.88 9.87 24.28
CA ASN B 198 -16.34 11.07 24.93
C ASN B 198 -17.54 11.83 25.48
N LYS B 199 -17.94 11.49 26.71
CA LYS B 199 -19.18 11.96 27.29
C LYS B 199 -19.01 13.10 28.28
N LEU B 200 -18.17 12.93 29.29
CA LEU B 200 -18.11 13.89 30.39
C LEU B 200 -17.33 15.15 29.97
N GLN B 201 -17.81 16.29 30.46
CA GLN B 201 -17.12 17.56 30.26
C GLN B 201 -16.21 17.84 31.45
N GLY B 202 -15.15 18.61 31.19
CA GLY B 202 -14.24 18.98 32.25
C GLY B 202 -14.94 19.75 33.35
N THR B 203 -14.65 19.38 34.61
CA THR B 203 -15.30 20.01 35.74
C THR B 203 -14.82 21.43 35.97
N ASP B 204 -13.64 21.79 35.45
CA ASP B 204 -13.07 23.12 35.59
C ASP B 204 -13.19 23.92 34.29
N ASP B 205 -14.31 23.76 33.59
CA ASP B 205 -14.55 24.42 32.31
C ASP B 205 -15.86 25.20 32.40
N PRO B 206 -15.84 26.38 33.02
CA PRO B 206 -17.07 27.19 33.10
C PRO B 206 -17.36 28.01 31.86
N THR B 207 -16.37 28.24 31.00
CA THR B 207 -16.55 29.03 29.79
C THR B 207 -16.91 28.19 28.57
N ASN B 208 -17.05 26.87 28.74
CA ASN B 208 -17.54 25.97 27.69
C ASN B 208 -16.64 26.00 26.46
N THR B 209 -15.38 25.59 26.65
CA THR B 209 -14.46 25.41 25.54
C THR B 209 -14.47 24.00 24.97
N PHE B 210 -14.81 23.00 25.79
CA PHE B 210 -14.84 21.60 25.39
C PHE B 210 -13.49 21.13 24.85
N THR B 211 -12.41 21.76 25.31
CA THR B 211 -11.05 21.35 24.98
C THR B 211 -10.38 20.55 26.07
N LYS B 212 -10.78 20.74 27.33
CA LYS B 212 -10.29 19.95 28.45
C LYS B 212 -11.42 19.04 28.92
N GLY B 213 -11.16 17.74 28.97
CA GLY B 213 -12.18 16.81 29.38
C GLY B 213 -11.99 15.40 28.86
N ASP B 214 -13.09 14.78 28.43
CA ASP B 214 -13.09 13.38 28.05
C ASP B 214 -12.61 13.22 26.61
N PHE B 215 -11.60 12.39 26.41
CA PHE B 215 -11.21 11.94 25.09
C PHE B 215 -10.64 10.53 25.21
N THR B 216 -10.97 9.68 24.26
CA THR B 216 -10.57 8.27 24.27
C THR B 216 -9.53 8.05 23.18
N GLU B 217 -8.41 7.44 23.55
CA GLU B 217 -7.31 7.27 22.61
C GLU B 217 -6.51 6.02 22.97
N PHE B 218 -5.87 5.44 21.94
CA PHE B 218 -4.92 4.34 22.11
C PHE B 218 -5.55 3.14 22.84
N ASN B 219 -6.50 2.49 22.17
CA ASN B 219 -7.07 1.25 22.65
C ASN B 219 -6.76 0.11 21.69
N ARG B 220 -6.48 -1.06 22.24
CA ARG B 220 -6.08 -2.23 21.46
C ARG B 220 -7.20 -3.26 21.50
N ILE B 221 -7.70 -3.64 20.32
CA ILE B 221 -8.77 -4.61 20.18
C ILE B 221 -8.33 -5.65 19.16
N THR B 222 -8.06 -6.87 19.63
CA THR B 222 -7.53 -7.93 18.78
C THR B 222 -8.40 -9.18 18.91
N ARG B 223 -8.66 -9.81 17.77
CA ARG B 223 -9.38 -11.09 17.71
C ARG B 223 -10.70 -11.03 18.45
N VAL B 224 -11.53 -10.07 18.05
CA VAL B 224 -12.81 -9.81 18.70
C VAL B 224 -13.91 -9.98 17.67
N ARG B 225 -14.96 -10.73 18.04
CA ARG B 225 -16.10 -10.94 17.16
C ARG B 225 -17.31 -10.16 17.67
N VAL B 226 -18.05 -9.55 16.75
CA VAL B 226 -19.32 -8.90 17.05
C VAL B 226 -20.39 -9.50 16.13
N PHE B 227 -21.50 -9.94 16.70
CA PHE B 227 -22.50 -10.72 15.99
C PHE B 227 -23.83 -9.96 15.97
N ASN B 228 -24.16 -9.39 14.81
CA ASN B 228 -25.47 -8.79 14.54
C ASN B 228 -25.86 -7.75 15.60
N CYS B 229 -24.94 -6.83 15.88
CA CYS B 229 -25.31 -5.69 16.70
C CYS B 229 -25.84 -4.55 15.82
N ASP B 230 -26.65 -3.70 16.42
CA ASP B 230 -27.20 -2.56 15.68
C ASP B 230 -26.09 -1.65 15.18
N ILE B 231 -25.11 -1.35 16.04
CA ILE B 231 -23.92 -0.62 15.66
C ILE B 231 -22.73 -1.38 16.25
N ASP B 232 -21.95 -2.03 15.38
CA ASP B 232 -20.86 -2.87 15.87
C ASP B 232 -19.79 -2.04 16.57
N VAL B 233 -19.35 -0.95 15.93
CA VAL B 233 -18.38 -0.02 16.50
C VAL B 233 -18.97 1.38 16.39
N ASP B 234 -18.97 2.11 17.51
CA ASP B 234 -19.59 3.43 17.58
C ASP B 234 -18.63 4.42 18.21
N TYR B 235 -18.15 5.38 17.43
CA TYR B 235 -17.40 6.53 17.93
C TYR B 235 -18.41 7.66 18.17
N GLN B 236 -18.56 8.05 19.43
CA GLN B 236 -19.53 9.07 19.81
C GLN B 236 -18.90 10.07 20.77
N VAL B 237 -19.15 11.34 20.53
CA VAL B 237 -18.73 12.42 21.43
C VAL B 237 -19.94 13.29 21.73
N SER B 238 -20.16 13.57 23.01
CA SER B 238 -21.28 14.41 23.44
C SER B 238 -20.80 15.70 24.07
N LEU B 239 -19.96 15.63 25.10
CA LEU B 239 -19.48 16.83 25.78
C LEU B 239 -17.98 16.75 26.02
N GLY B 240 -17.28 15.94 25.25
CA GLY B 240 -15.84 15.76 25.43
C GLY B 240 -15.02 16.25 24.25
N ASN B 241 -13.74 15.90 24.24
CA ASN B 241 -12.86 16.35 23.18
C ASN B 241 -13.11 15.54 21.89
N ASN B 242 -12.50 16.02 20.81
CA ASN B 242 -12.66 15.40 19.49
C ASN B 242 -11.73 14.22 19.27
N SER B 243 -10.85 13.92 20.22
CA SER B 243 -9.75 12.99 19.98
C SER B 243 -10.22 11.54 19.99
N PHE B 244 -10.01 10.85 18.87
CA PHE B 244 -10.11 9.39 18.78
C PHE B 244 -8.86 8.93 18.04
N HIS B 245 -7.80 8.66 18.79
CA HIS B 245 -6.46 8.53 18.23
C HIS B 245 -5.81 7.24 18.72
N GLY B 246 -5.31 6.44 17.78
CA GLY B 246 -4.50 5.29 18.12
C GLY B 246 -5.26 4.01 18.39
N ASN B 247 -6.58 4.05 18.41
CA ASN B 247 -7.36 2.83 18.61
C ASN B 247 -7.16 1.89 17.42
N SER B 248 -6.86 0.63 17.70
CA SER B 248 -6.49 -0.31 16.65
C SER B 248 -7.44 -1.51 16.65
N PHE B 249 -7.85 -1.92 15.45
CA PHE B 249 -8.61 -3.14 15.23
C PHE B 249 -7.79 -4.06 14.35
N THR B 250 -7.62 -5.31 14.79
CA THR B 250 -6.89 -6.29 14.00
C THR B 250 -7.46 -7.68 14.25
N ASP B 251 -7.51 -8.49 13.20
CA ASP B 251 -7.95 -9.88 13.28
C ASP B 251 -9.37 -9.99 13.84
N CYS B 252 -10.22 -9.02 13.50
CA CYS B 252 -11.58 -8.97 13.98
C CYS B 252 -12.57 -9.10 12.83
N MET B 253 -13.75 -9.66 13.13
CA MET B 253 -14.82 -9.78 12.15
C MET B 253 -16.06 -9.11 12.72
N CYS B 254 -16.83 -8.46 11.85
CA CYS B 254 -18.07 -7.80 12.25
C CYS B 254 -19.22 -8.28 11.36
N GLN B 255 -20.28 -8.74 12.00
CA GLN B 255 -21.48 -9.21 11.34
C GLN B 255 -22.50 -8.08 11.34
N ILE B 256 -22.65 -7.42 10.20
CA ILE B 256 -23.54 -6.27 10.08
C ILE B 256 -24.98 -6.77 10.05
N ASN B 257 -25.83 -6.18 10.89
CA ASN B 257 -27.23 -6.57 10.92
C ASN B 257 -27.90 -6.28 9.59
N SER B 258 -28.68 -7.24 9.11
CA SER B 258 -29.32 -7.11 7.80
C SER B 258 -30.32 -5.96 7.78
N TYR B 259 -31.13 -5.84 8.83
CA TYR B 259 -32.20 -4.84 8.88
C TYR B 259 -31.63 -3.49 9.30
N GLY B 260 -30.93 -2.87 8.36
CA GLY B 260 -30.40 -1.52 8.56
C GLY B 260 -29.36 -1.42 9.65
N GLY B 261 -28.49 -2.41 9.78
CA GLY B 261 -27.42 -2.35 10.76
C GLY B 261 -26.22 -1.56 10.24
N ILE B 262 -25.51 -0.94 11.17
CA ILE B 262 -24.35 -0.12 10.86
C ILE B 262 -23.11 -0.83 11.40
N GLY B 263 -22.21 -1.22 10.51
CA GLY B 263 -20.98 -1.88 10.94
C GLY B 263 -20.06 -0.96 11.71
N MET B 264 -19.93 0.29 11.26
CA MET B 264 -19.09 1.28 11.91
C MET B 264 -19.76 2.65 11.80
N ARG B 265 -19.89 3.34 12.92
CA ARG B 265 -20.50 4.65 12.97
C ARG B 265 -19.54 5.62 13.67
N MET B 266 -19.40 6.82 13.11
CA MET B 266 -18.67 7.91 13.74
C MET B 266 -19.56 9.14 13.69
N TRP B 267 -19.98 9.62 14.87
CA TRP B 267 -20.99 10.68 14.88
C TRP B 267 -20.87 11.51 16.16
N ASP B 268 -21.26 12.77 16.02
CA ASP B 268 -21.43 13.70 17.13
C ASP B 268 -22.92 13.98 17.28
N ASP B 269 -23.43 13.85 18.51
CA ASP B 269 -24.85 14.05 18.74
C ASP B 269 -25.25 15.52 18.81
N GLY B 270 -24.28 16.43 18.82
CA GLY B 270 -24.58 17.85 18.87
C GLY B 270 -25.07 18.35 20.20
N SER B 271 -24.77 17.65 21.29
CA SER B 271 -25.21 18.10 22.61
C SER B 271 -24.50 19.37 23.05
N ARG B 272 -23.22 19.52 22.69
CA ARG B 272 -22.48 20.74 23.00
C ARG B 272 -22.78 21.88 22.03
N ASN B 273 -23.47 21.59 20.93
CA ASN B 273 -23.91 22.66 20.04
C ASN B 273 -24.96 23.54 20.72
N ALA B 274 -25.86 22.94 21.50
CA ALA B 274 -26.88 23.72 22.19
C ALA B 274 -26.27 24.66 23.22
N ILE B 275 -25.26 24.20 23.96
CA ILE B 275 -24.64 25.03 24.97
C ILE B 275 -23.93 26.21 24.34
N ARG B 276 -23.15 25.97 23.30
CA ARG B 276 -22.44 27.03 22.56
C ARG B 276 -22.65 26.79 21.08
N PRO B 277 -23.52 27.56 20.41
CA PRO B 277 -23.74 27.38 18.97
C PRO B 277 -22.45 27.20 18.17
N SER B 278 -21.59 28.21 18.20
CA SER B 278 -20.25 28.16 17.61
C SER B 278 -20.30 27.55 16.20
N SER B 279 -21.01 28.26 15.32
CA SER B 279 -21.31 27.75 13.98
C SER B 279 -20.02 27.67 13.15
N LEU B 280 -19.24 26.63 13.44
CA LEU B 280 -18.01 26.32 12.74
C LEU B 280 -18.05 24.85 12.35
N PRO B 281 -17.68 24.49 11.13
CA PRO B 281 -17.92 23.11 10.67
C PRO B 281 -17.11 22.05 11.39
N TYR B 282 -15.78 22.23 11.48
CA TYR B 282 -14.90 21.19 11.99
C TYR B 282 -14.58 21.35 13.48
N GLU B 283 -15.21 22.29 14.18
CA GLU B 283 -14.93 22.46 15.60
C GLU B 283 -15.56 21.36 16.43
N TYR B 284 -16.81 21.02 16.14
CA TYR B 284 -17.56 20.00 16.88
C TYR B 284 -17.70 18.77 15.98
N ILE B 285 -16.70 17.90 16.02
CA ILE B 285 -16.67 16.67 15.24
C ILE B 285 -16.02 15.57 16.06
N ALA B 286 -16.17 14.34 15.57
CA ALA B 286 -15.43 13.21 16.12
C ALA B 286 -14.24 12.96 15.20
N ASN B 287 -13.04 13.27 15.69
CA ASN B 287 -11.83 13.18 14.89
C ASN B 287 -11.22 11.80 15.05
N VAL B 288 -11.57 10.87 14.16
CA VAL B 288 -10.97 9.54 14.12
C VAL B 288 -9.73 9.61 13.24
N TYR B 289 -8.57 9.80 13.85
CA TYR B 289 -7.34 9.95 13.11
C TYR B 289 -6.29 8.97 13.62
N ASN B 290 -5.51 8.43 12.67
CA ASN B 290 -4.40 7.52 12.94
C ASN B 290 -4.85 6.23 13.63
N ASN B 291 -6.08 5.80 13.39
CA ASN B 291 -6.56 4.55 13.95
C ASN B 291 -6.47 3.43 12.92
N LYS B 292 -6.36 2.20 13.41
CA LYS B 292 -6.21 1.01 12.58
C LYS B 292 -7.55 0.30 12.48
N HIS B 293 -7.99 0.02 11.26
CA HIS B 293 -9.27 -0.62 11.00
C HIS B 293 -9.03 -1.83 10.10
N GLU B 294 -8.71 -2.97 10.71
CA GLU B 294 -8.52 -4.24 10.02
C GLU B 294 -9.66 -5.15 10.46
N ILE B 295 -10.80 -5.04 9.79
CA ILE B 295 -12.02 -5.75 10.17
C ILE B 295 -12.59 -6.43 8.93
N ASN B 296 -12.94 -7.71 9.07
CA ASN B 296 -13.64 -8.45 8.03
C ASN B 296 -15.14 -8.28 8.23
N TRP B 297 -15.79 -7.59 7.30
CA TRP B 297 -17.21 -7.28 7.42
C TRP B 297 -18.04 -8.30 6.65
N PHE B 298 -19.16 -8.71 7.22
CA PHE B 298 -20.12 -9.53 6.51
C PHE B 298 -21.49 -8.88 6.58
N GLY B 299 -22.04 -8.51 5.41
CA GLY B 299 -23.29 -7.82 5.32
C GLY B 299 -24.42 -8.71 4.82
N SER B 300 -25.36 -8.08 4.11
CA SER B 300 -26.55 -8.74 3.59
C SER B 300 -26.78 -8.33 2.14
N ASP B 301 -27.28 -9.28 1.34
CA ASP B 301 -27.64 -9.04 -0.05
C ASP B 301 -29.13 -8.84 -0.26
N ALA B 302 -29.90 -8.65 0.81
CA ALA B 302 -31.35 -8.58 0.71
C ALA B 302 -31.93 -7.23 1.12
N ARG B 303 -31.48 -6.68 2.24
CA ARG B 303 -32.16 -5.54 2.87
C ARG B 303 -31.16 -4.44 3.22
N THR B 304 -30.29 -4.10 2.27
CA THR B 304 -29.43 -2.91 2.26
C THR B 304 -28.84 -2.54 3.61
N CYS B 305 -28.02 -3.41 4.18
CA CYS B 305 -27.32 -3.08 5.41
C CYS B 305 -26.29 -1.98 5.16
N TYR B 306 -25.88 -1.33 6.25
CA TYR B 306 -24.98 -0.17 6.20
C TYR B 306 -23.60 -0.57 6.70
N LEU B 307 -22.56 -0.14 5.99
CA LEU B 307 -21.19 -0.44 6.38
C LEU B 307 -20.59 0.67 7.26
N MET B 308 -20.62 1.92 6.79
CA MET B 308 -20.06 3.03 7.54
C MET B 308 -21.05 4.19 7.54
N HIS B 309 -21.22 4.81 8.71
CA HIS B 309 -22.08 5.97 8.89
C HIS B 309 -21.25 7.10 9.47
N ILE B 310 -21.39 8.29 8.88
CA ILE B 310 -20.64 9.47 9.30
C ILE B 310 -21.64 10.59 9.56
N ASP B 311 -21.59 11.18 10.75
CA ASP B 311 -22.48 12.28 11.09
C ASP B 311 -21.72 13.27 11.98
N LYS B 312 -21.14 14.29 11.35
CA LYS B 312 -20.28 15.26 12.03
C LYS B 312 -19.07 14.56 12.67
N ALA B 313 -18.31 13.88 11.81
CA ALA B 313 -17.09 13.20 12.21
C ALA B 313 -16.20 13.06 10.98
N GLN B 314 -14.91 12.90 11.21
CA GLN B 314 -13.96 12.77 10.11
C GLN B 314 -12.95 11.68 10.42
N GLY B 315 -12.78 10.77 9.46
CA GLY B 315 -11.76 9.74 9.53
C GLY B 315 -10.56 10.12 8.67
N ARG B 316 -9.47 10.52 9.30
CA ARG B 316 -8.34 11.13 8.61
C ARG B 316 -7.07 10.38 8.93
N GLY B 317 -6.37 9.92 7.90
CA GLY B 317 -5.10 9.24 8.09
C GLY B 317 -5.20 7.91 8.81
N CYS B 318 -6.24 7.13 8.50
CA CYS B 318 -6.37 5.80 9.08
C CYS B 318 -5.59 4.78 8.26
N ASN B 319 -5.62 3.52 8.69
CA ASN B 319 -4.91 2.46 8.01
C ASN B 319 -5.58 1.13 8.34
N GLY B 320 -5.12 0.07 7.69
CA GLY B 320 -5.65 -1.25 7.88
C GLY B 320 -6.39 -1.75 6.64
N ASP B 321 -6.42 -3.08 6.50
CA ASP B 321 -7.07 -3.74 5.38
C ASP B 321 -8.44 -4.26 5.81
N MET B 322 -9.46 -3.96 5.02
CA MET B 322 -10.84 -4.29 5.35
C MET B 322 -11.40 -5.30 4.36
N THR B 323 -12.18 -6.24 4.87
CA THR B 323 -12.83 -7.27 4.07
C THR B 323 -14.34 -7.14 4.19
N VAL B 324 -15.03 -7.21 3.06
CA VAL B 324 -16.49 -7.12 3.02
C VAL B 324 -17.04 -8.29 2.23
N GLU B 325 -18.11 -8.88 2.73
CA GLU B 325 -18.90 -9.87 1.99
C GLU B 325 -20.37 -9.45 2.00
N ALA B 326 -21.08 -9.85 0.95
CA ALA B 326 -22.45 -9.42 0.68
C ALA B 326 -22.52 -7.92 0.43
N ALA B 327 -23.68 -7.42 0.02
CA ALA B 327 -23.81 -6.04 -0.38
C ALA B 327 -23.83 -5.11 0.84
N VAL B 328 -23.04 -4.03 0.76
CA VAL B 328 -23.02 -3.00 1.78
C VAL B 328 -23.07 -1.64 1.09
N THR B 329 -23.47 -0.63 1.85
CA THR B 329 -23.50 0.74 1.37
C THR B 329 -22.87 1.66 2.42
N LEU B 330 -22.14 2.66 1.93
CA LEU B 330 -21.48 3.65 2.76
C LEU B 330 -22.28 4.94 2.74
N ARG B 331 -22.69 5.40 3.93
CA ARG B 331 -23.53 6.57 4.07
C ARG B 331 -22.72 7.71 4.65
N ALA B 332 -22.78 8.87 3.98
CA ALA B 332 -22.10 10.08 4.44
C ALA B 332 -23.12 11.20 4.55
N ILE B 333 -23.21 11.79 5.73
CA ILE B 333 -24.14 12.88 5.99
C ILE B 333 -23.36 14.18 6.09
N GLY B 334 -23.65 15.11 5.18
CA GLY B 334 -22.98 16.40 5.18
C GLY B 334 -21.75 16.43 4.30
N GLN B 335 -20.79 17.30 4.65
CA GLN B 335 -19.56 17.46 3.89
C GLN B 335 -18.43 16.60 4.43
N TYR B 336 -18.69 15.78 5.44
CA TYR B 336 -17.65 15.03 6.12
C TYR B 336 -17.23 13.81 5.31
N TRP B 337 -16.05 13.28 5.62
CA TRP B 337 -15.40 12.29 4.78
C TRP B 337 -14.68 11.27 5.66
N TYR B 338 -14.07 10.28 4.99
CA TYR B 338 -13.26 9.28 5.63
C TYR B 338 -12.11 8.91 4.71
N GLN B 339 -10.88 8.96 5.23
CA GLN B 339 -9.69 8.66 4.45
C GLN B 339 -8.82 7.68 5.22
N SER B 340 -8.33 6.66 4.52
CA SER B 340 -7.49 5.63 5.12
C SER B 340 -6.31 5.33 4.21
N PHE B 341 -5.22 4.87 4.82
CA PHE B 341 -4.02 4.46 4.09
C PHE B 341 -3.99 2.97 3.80
N GLY B 342 -5.07 2.25 4.09
CA GLY B 342 -5.18 0.85 3.77
C GLY B 342 -5.99 0.61 2.51
N SER B 343 -6.51 -0.60 2.38
CA SER B 343 -7.34 -0.98 1.24
C SER B 343 -8.44 -1.91 1.72
N LEU B 344 -9.54 -1.92 0.98
CA LEU B 344 -10.66 -2.80 1.29
C LEU B 344 -11.02 -3.61 0.05
N HIS B 345 -11.40 -4.85 0.28
CA HIS B 345 -11.80 -5.75 -0.80
C HIS B 345 -13.11 -6.43 -0.45
N SER B 346 -13.92 -6.67 -1.48
CA SER B 346 -15.24 -7.26 -1.30
C SER B 346 -15.61 -8.06 -2.53
N ILE B 347 -16.11 -9.27 -2.32
CA ILE B 347 -16.74 -10.04 -3.40
C ILE B 347 -18.21 -9.66 -3.37
N SER B 348 -18.52 -8.48 -3.92
CA SER B 348 -19.85 -7.89 -3.86
C SER B 348 -19.90 -6.57 -4.62
N ALA B 349 -21.07 -5.95 -4.66
CA ALA B 349 -21.22 -4.58 -5.12
C ALA B 349 -21.41 -3.67 -3.92
N ILE B 350 -20.59 -2.63 -3.82
CA ILE B 350 -20.63 -1.69 -2.71
C ILE B 350 -21.27 -0.39 -3.21
N ASN B 351 -22.31 0.05 -2.51
CA ASN B 351 -23.03 1.26 -2.85
C ASN B 351 -22.59 2.43 -1.98
N THR B 352 -22.90 3.63 -2.44
CA THR B 352 -22.55 4.84 -1.70
C THR B 352 -23.68 5.84 -1.77
N VAL B 353 -24.02 6.44 -0.63
CA VAL B 353 -25.01 7.50 -0.56
C VAL B 353 -24.43 8.66 0.24
N VAL B 354 -24.59 9.87 -0.28
CA VAL B 354 -24.12 11.09 0.36
C VAL B 354 -25.30 12.03 0.51
N ASP B 355 -25.50 12.55 1.72
CA ASP B 355 -26.63 13.42 2.05
C ASP B 355 -26.25 14.89 2.02
N GLY B 356 -25.35 15.27 1.13
CA GLY B 356 -24.95 16.67 1.03
C GLY B 356 -23.79 16.81 0.06
N ASP B 357 -23.21 18.02 0.07
CA ASP B 357 -22.06 18.33 -0.76
C ASP B 357 -20.80 18.05 0.05
N THR B 358 -20.02 17.06 -0.39
CA THR B 358 -18.79 16.70 0.32
C THR B 358 -17.81 17.87 0.30
N ASP B 359 -17.10 18.06 1.41
CA ASP B 359 -16.15 19.16 1.51
C ASP B 359 -14.96 18.91 0.59
N THR B 360 -15.03 19.43 -0.62
CA THR B 360 -14.01 19.18 -1.63
C THR B 360 -12.72 19.94 -1.36
N ALA B 361 -12.77 20.97 -0.51
CA ALA B 361 -11.57 21.74 -0.20
C ALA B 361 -10.57 20.94 0.63
N THR B 362 -10.97 19.79 1.18
CA THR B 362 -10.08 18.94 1.97
C THR B 362 -9.82 17.60 1.31
N ARG B 363 -10.86 16.91 0.87
CA ARG B 363 -10.72 15.62 0.22
C ARG B 363 -11.51 15.60 -1.08
N PRO B 364 -11.05 14.85 -2.09
CA PRO B 364 -11.78 14.78 -3.36
C PRO B 364 -13.15 14.14 -3.22
N VAL B 365 -13.20 12.96 -2.60
CA VAL B 365 -14.44 12.23 -2.40
C VAL B 365 -14.59 11.88 -0.93
N ALA B 366 -15.79 11.44 -0.55
CA ALA B 366 -16.09 11.16 0.85
C ALA B 366 -15.27 9.99 1.37
N PHE B 367 -15.17 8.91 0.59
CA PHE B 367 -14.50 7.69 1.03
C PHE B 367 -13.31 7.42 0.12
N MET B 368 -12.13 7.24 0.71
CA MET B 368 -10.90 7.04 -0.04
C MET B 368 -10.10 5.89 0.55
N TRP B 369 -9.42 5.14 -0.32
CA TRP B 369 -8.50 4.10 0.07
C TRP B 369 -7.36 4.06 -0.93
N MET B 370 -6.39 3.18 -0.67
CA MET B 370 -5.27 3.02 -1.61
C MET B 370 -5.71 2.42 -2.95
N ASN B 371 -6.75 1.60 -2.95
CA ASN B 371 -7.17 0.89 -4.15
C ASN B 371 -8.46 1.38 -4.77
N SER B 372 -9.34 2.03 -4.01
CA SER B 372 -10.62 2.45 -4.54
C SER B 372 -11.11 3.69 -3.81
N ALA B 373 -11.99 4.43 -4.49
CA ALA B 373 -12.71 5.56 -3.89
C ALA B 373 -14.13 5.48 -4.42
N TYR B 374 -15.03 4.98 -3.58
CA TYR B 374 -16.34 4.48 -3.98
C TYR B 374 -17.35 5.54 -4.42
N PRO B 375 -17.35 6.77 -3.85
CA PRO B 375 -18.29 7.78 -4.35
C PRO B 375 -17.95 8.22 -5.78
N GLN B 376 -18.23 7.36 -6.74
CA GLN B 376 -17.94 7.61 -8.14
C GLN B 376 -19.19 8.22 -8.80
N VAL B 377 -19.06 9.44 -9.29
CA VAL B 377 -20.16 10.17 -9.91
C VAL B 377 -19.82 10.41 -11.38
N ASN B 378 -20.81 10.23 -12.25
CA ASN B 378 -20.60 10.40 -13.67
C ASN B 378 -20.23 11.84 -13.99
N PHE B 379 -19.49 12.02 -15.09
CA PHE B 379 -19.06 13.35 -15.50
C PHE B 379 -20.26 14.23 -15.83
N ASP B 380 -20.19 15.49 -15.41
CA ASP B 380 -21.22 16.45 -15.75
C ASP B 380 -21.13 16.81 -17.24
N GLY B 381 -22.28 17.09 -17.83
CA GLY B 381 -22.35 17.35 -19.25
C GLY B 381 -21.80 18.70 -19.66
N THR B 382 -20.49 18.89 -19.50
CA THR B 382 -19.82 20.12 -19.93
C THR B 382 -18.66 19.89 -20.88
N ASP B 383 -17.81 18.90 -20.61
CA ASP B 383 -16.67 18.61 -21.47
C ASP B 383 -17.14 17.90 -22.74
N PRO B 384 -16.65 18.32 -23.91
CA PRO B 384 -17.05 17.65 -25.15
C PRO B 384 -16.67 16.18 -25.19
N LEU B 385 -15.54 15.81 -24.57
CA LEU B 385 -15.10 14.42 -24.56
C LEU B 385 -15.64 13.67 -23.35
N LEU B 386 -15.46 14.22 -22.16
CA LEU B 386 -15.95 13.60 -20.92
C LEU B 386 -17.41 13.99 -20.76
N THR B 387 -18.30 13.16 -21.29
CA THR B 387 -19.73 13.43 -21.29
C THR B 387 -20.44 12.63 -20.19
N SER B 388 -21.72 12.92 -20.02
CA SER B 388 -22.53 12.17 -19.07
C SER B 388 -22.61 10.71 -19.48
N GLY B 389 -22.64 9.82 -18.49
CA GLY B 389 -22.53 8.40 -18.71
C GLY B 389 -21.12 7.87 -18.61
N LEU B 390 -20.13 8.74 -18.45
CA LEU B 390 -18.74 8.36 -18.25
C LEU B 390 -18.39 8.60 -16.79
N THR B 391 -17.86 7.57 -16.12
CA THR B 391 -17.52 7.69 -14.72
C THR B 391 -16.02 7.52 -14.52
N PRO B 392 -15.40 8.38 -13.71
CA PRO B 392 -13.97 8.23 -13.46
C PRO B 392 -13.69 7.23 -12.35
N ARG B 393 -12.59 6.49 -12.52
CA ARG B 393 -12.10 5.59 -11.49
C ARG B 393 -10.58 5.72 -11.40
N GLN B 394 -10.06 5.64 -10.18
CA GLN B 394 -8.64 5.88 -9.96
C GLN B 394 -7.81 4.72 -10.53
N TYR B 395 -6.50 4.82 -10.34
CA TYR B 395 -5.56 3.99 -11.10
C TYR B 395 -5.63 2.53 -10.66
N ASP B 396 -5.67 2.29 -9.35
CA ASP B 396 -5.60 1.00 -8.61
C ASP B 396 -4.16 0.49 -8.52
N LEU B 397 -3.19 1.19 -9.12
CA LEU B 397 -1.76 1.05 -8.87
C LEU B 397 -1.13 -0.23 -9.42
N ASN B 398 -1.92 -1.22 -9.79
CA ASN B 398 -1.35 -2.41 -10.42
C ASN B 398 -2.17 -3.00 -11.55
N ASN B 399 -3.27 -2.37 -11.96
CA ASN B 399 -4.14 -2.90 -13.00
C ASN B 399 -4.66 -4.30 -12.64
N SER B 400 -5.13 -4.43 -11.39
CA SER B 400 -5.75 -5.68 -10.96
C SER B 400 -7.08 -5.92 -11.66
N GLY B 401 -7.75 -4.86 -12.12
CA GLY B 401 -9.01 -5.03 -12.84
C GLY B 401 -8.85 -5.50 -14.27
N ASN B 402 -7.62 -5.53 -14.77
CA ASN B 402 -7.28 -6.09 -16.08
C ASN B 402 -7.86 -5.26 -17.21
N THR B 403 -8.57 -4.18 -16.90
CA THR B 403 -9.23 -3.36 -17.90
C THR B 403 -8.78 -1.91 -17.91
N GLY B 404 -8.01 -1.48 -16.91
CA GLY B 404 -7.57 -0.10 -16.81
C GLY B 404 -6.17 0.11 -17.36
N MET B 405 -5.75 1.37 -17.33
CA MET B 405 -4.41 1.73 -17.76
C MET B 405 -3.36 1.18 -16.80
N GLU B 406 -2.11 1.14 -17.27
CA GLU B 406 -1.03 0.49 -16.54
C GLU B 406 0.28 1.21 -16.76
N LEU B 407 1.07 1.33 -15.70
CA LEU B 407 2.39 1.95 -15.72
C LEU B 407 3.46 0.86 -15.81
N LEU B 408 4.40 1.01 -16.74
CA LEU B 408 5.42 0.01 -17.00
C LEU B 408 6.77 0.66 -17.27
N ASN B 409 7.82 0.00 -16.81
CA ASN B 409 9.20 0.35 -17.11
C ASN B 409 9.77 -0.67 -18.09
N ILE B 410 10.75 -0.26 -18.87
CA ILE B 410 11.42 -1.11 -19.85
C ILE B 410 12.83 -1.40 -19.36
N ARG B 411 13.18 -2.69 -19.31
CA ARG B 411 14.46 -3.12 -18.76
C ARG B 411 15.25 -3.91 -19.80
N GLY B 412 16.57 -3.86 -19.66
CA GLY B 412 17.46 -4.56 -20.57
C GLY B 412 17.91 -3.70 -21.73
N ALA B 413 19.20 -3.36 -21.76
CA ALA B 413 19.76 -2.50 -22.79
C ALA B 413 19.00 -1.18 -22.85
N ASN B 414 18.13 -1.03 -23.85
CA ASN B 414 17.31 0.16 -23.97
C ASN B 414 16.33 0.25 -22.81
N THR B 415 16.06 1.48 -22.37
CA THR B 415 15.22 1.74 -21.21
C THR B 415 14.19 2.80 -21.56
N GLY B 416 13.02 2.72 -20.93
CA GLY B 416 11.99 3.71 -21.17
C GLY B 416 10.81 3.48 -20.24
N ALA B 417 9.80 4.33 -20.40
CA ALA B 417 8.59 4.24 -19.60
C ALA B 417 7.38 4.29 -20.52
N ILE B 418 6.41 3.40 -20.26
CA ILE B 418 5.20 3.33 -21.06
C ILE B 418 3.99 3.19 -20.13
N TRP B 419 2.99 4.05 -20.34
CA TRP B 419 1.71 3.90 -19.68
C TRP B 419 0.65 3.64 -20.74
N SER B 420 -0.06 2.52 -20.59
CA SER B 420 -0.83 1.93 -21.67
C SER B 420 -2.27 1.70 -21.27
N ILE B 421 -3.12 1.55 -22.29
CA ILE B 421 -4.55 1.33 -22.12
C ILE B 421 -4.97 0.11 -22.92
N GLN B 422 -6.09 -0.48 -22.52
CA GLN B 422 -6.61 -1.65 -23.19
C GLN B 422 -7.13 -1.30 -24.58
N ASN B 423 -7.10 -2.28 -25.48
CA ASN B 423 -7.63 -2.09 -26.82
C ASN B 423 -9.13 -1.79 -26.77
N GLY B 424 -9.57 -0.95 -27.69
CA GLY B 424 -10.96 -0.51 -27.75
C GLY B 424 -11.23 0.81 -27.06
N ALA B 425 -10.25 1.35 -26.33
CA ALA B 425 -10.40 2.63 -25.65
C ALA B 425 -10.35 3.75 -26.69
N ALA B 426 -11.52 4.22 -27.13
CA ALA B 426 -11.56 5.19 -28.22
C ALA B 426 -11.06 6.56 -27.78
N LEU B 427 -11.23 6.91 -26.51
CA LEU B 427 -10.83 8.24 -26.05
C LEU B 427 -9.31 8.41 -25.98
N GLY B 428 -8.57 7.32 -25.85
CA GLY B 428 -7.12 7.42 -25.82
C GLY B 428 -6.61 8.05 -24.53
N TRP B 429 -5.46 8.72 -24.64
CA TRP B 429 -4.81 9.36 -23.51
C TRP B 429 -5.15 10.84 -23.51
N ILE B 430 -5.60 11.34 -22.35
CA ILE B 430 -6.10 12.70 -22.23
C ILE B 430 -5.34 13.42 -21.12
N LEU B 431 -4.95 14.65 -21.39
CA LEU B 431 -4.42 15.58 -20.40
C LEU B 431 -5.56 16.51 -20.01
N GLY B 432 -5.97 16.48 -18.74
CA GLY B 432 -7.10 17.23 -18.26
C GLY B 432 -6.78 18.04 -17.02
N ARG B 433 -7.74 18.88 -16.64
CA ARG B 433 -7.60 19.75 -15.47
C ARG B 433 -8.92 19.76 -14.71
N ARG B 434 -8.83 20.07 -13.41
CA ARG B 434 -9.99 20.04 -12.53
C ARG B 434 -10.02 21.30 -11.68
N ALA B 435 -11.21 21.66 -11.23
CA ALA B 435 -11.39 22.79 -10.34
C ALA B 435 -11.33 22.33 -8.89
N GLN B 436 -11.17 23.31 -7.98
CA GLN B 436 -11.15 22.98 -6.56
C GLN B 436 -12.55 22.63 -6.05
N ALA B 437 -13.59 23.24 -6.61
CA ALA B 437 -14.95 22.97 -6.15
C ALA B 437 -15.36 21.53 -6.40
N ASP B 438 -15.01 20.99 -7.57
CA ASP B 438 -15.29 19.60 -7.90
C ASP B 438 -14.03 18.91 -8.39
N SER B 439 -13.68 17.79 -7.76
CA SER B 439 -12.39 17.14 -8.01
C SER B 439 -12.43 16.26 -9.26
N ARG B 440 -13.28 15.23 -9.24
CA ARG B 440 -13.29 14.24 -10.30
C ARG B 440 -14.37 14.51 -11.34
N LYS B 441 -15.61 14.68 -10.92
CA LYS B 441 -16.63 15.20 -11.81
C LYS B 441 -16.30 16.64 -12.16
N GLY B 442 -16.50 17.01 -13.42
CA GLY B 442 -16.11 18.33 -13.88
C GLY B 442 -14.70 18.45 -14.41
N THR B 443 -14.02 17.35 -14.64
CA THR B 443 -12.67 17.40 -15.18
C THR B 443 -12.70 17.90 -16.62
N ARG B 444 -11.86 18.90 -16.91
CA ARG B 444 -11.85 19.56 -18.21
C ARG B 444 -10.68 19.03 -19.03
N SER B 445 -11.00 18.41 -20.17
CA SER B 445 -9.98 17.87 -21.05
C SER B 445 -9.27 18.99 -21.79
N VAL B 446 -7.94 18.92 -21.86
CA VAL B 446 -7.11 19.93 -22.49
C VAL B 446 -6.40 19.38 -23.73
N TRP B 447 -5.78 18.21 -23.59
CA TRP B 447 -5.03 17.59 -24.68
C TRP B 447 -5.55 16.17 -24.93
N GLN B 448 -5.59 15.78 -26.19
CA GLN B 448 -5.93 14.41 -26.57
C GLN B 448 -4.89 13.89 -27.54
N PHE B 449 -4.51 12.62 -27.37
CA PHE B 449 -3.50 11.99 -28.21
C PHE B 449 -4.07 10.90 -29.11
N SER B 450 -5.36 10.57 -28.97
CA SER B 450 -6.08 9.67 -29.84
C SER B 450 -5.64 8.21 -29.70
N TYR B 451 -6.58 7.29 -29.84
CA TYR B 451 -6.26 5.87 -29.79
C TYR B 451 -5.45 5.41 -31.00
N ASN B 452 -5.79 5.91 -32.18
CA ASN B 452 -5.18 5.44 -33.42
C ASN B 452 -3.90 6.17 -33.77
N GLY B 453 -3.41 7.06 -32.91
CA GLY B 453 -2.14 7.73 -33.16
C GLY B 453 -2.12 8.59 -34.40
N GLU B 454 -3.15 9.42 -34.59
CA GLU B 454 -3.30 10.20 -35.80
C GLU B 454 -3.25 11.71 -35.57
N VAL B 455 -3.89 12.21 -34.51
CA VAL B 455 -4.00 13.65 -34.28
C VAL B 455 -3.72 13.95 -32.82
N ILE B 456 -3.02 15.05 -32.58
CA ILE B 456 -2.87 15.63 -31.25
C ILE B 456 -3.80 16.84 -31.19
N LYS B 457 -4.84 16.74 -30.36
CA LYS B 457 -5.94 17.68 -30.40
C LYS B 457 -6.01 18.48 -29.10
N SER B 458 -6.08 19.80 -29.24
CA SER B 458 -6.36 20.70 -28.12
C SER B 458 -7.86 20.77 -27.98
N VAL B 459 -8.41 19.97 -27.06
CA VAL B 459 -9.86 19.74 -27.02
C VAL B 459 -10.59 21.02 -26.63
N SER B 460 -10.07 21.76 -25.66
CA SER B 460 -10.77 22.92 -25.12
C SER B 460 -10.16 24.25 -25.56
N ALA B 461 -9.18 24.23 -26.46
CA ALA B 461 -8.54 25.45 -26.92
C ALA B 461 -8.28 25.38 -28.41
N ALA B 462 -8.26 26.55 -29.04
CA ALA B 462 -7.98 26.67 -30.47
C ALA B 462 -6.48 26.92 -30.68
N ASN B 463 -6.13 27.38 -31.88
CA ASN B 463 -4.81 27.91 -32.26
C ASN B 463 -3.66 27.18 -31.56
N VAL B 464 -3.61 25.87 -31.79
CA VAL B 464 -2.58 25.01 -31.21
C VAL B 464 -1.35 25.04 -32.10
N GLY B 465 -0.18 24.81 -31.48
CA GLY B 465 1.07 24.82 -32.23
C GLY B 465 2.18 24.22 -31.40
N LEU B 466 3.41 24.34 -31.91
CA LEU B 466 4.58 23.86 -31.21
C LEU B 466 5.78 24.75 -31.53
N GLN B 467 6.71 24.81 -30.58
CA GLN B 467 7.88 25.67 -30.67
C GLN B 467 9.02 25.04 -29.90
N ASN B 468 10.23 25.52 -30.18
CA ASN B 468 11.44 24.97 -29.59
C ASN B 468 11.79 25.69 -28.29
N SER B 469 13.00 25.47 -27.78
CA SER B 469 13.40 26.03 -26.49
C SER B 469 13.39 27.55 -26.49
N THR B 470 13.91 28.17 -27.56
CA THR B 470 13.94 29.63 -27.62
C THR B 470 12.54 30.23 -27.69
N GLY B 471 11.54 29.46 -28.10
CA GLY B 471 10.18 29.93 -28.23
C GLY B 471 9.74 30.19 -29.65
N ALA B 472 10.66 30.18 -30.61
CA ALA B 472 10.30 30.31 -32.02
C ALA B 472 9.71 28.99 -32.50
N GLY B 473 8.62 29.09 -33.24
CA GLY B 473 7.92 27.90 -33.68
C GLY B 473 6.76 28.25 -34.58
N PHE B 474 5.91 27.27 -34.81
CA PHE B 474 4.82 27.40 -35.76
C PHE B 474 3.57 26.68 -35.25
N GLY B 475 2.41 27.17 -35.69
CA GLY B 475 1.15 26.64 -35.20
C GLY B 475 -0.02 27.22 -35.98
N MET B 476 -1.21 27.00 -35.41
CA MET B 476 -2.46 27.46 -35.98
C MET B 476 -2.93 28.75 -35.31
N LEU B 477 -3.91 29.41 -35.95
CA LEU B 477 -4.48 30.63 -35.42
C LEU B 477 -5.91 30.78 -35.95
N GLY B 478 -6.88 30.50 -35.09
CA GLY B 478 -8.28 30.78 -35.39
C GLY B 478 -8.86 30.01 -36.54
N ASP B 479 -8.55 28.72 -36.65
CA ASP B 479 -9.15 27.79 -37.60
C ASP B 479 -8.85 28.15 -39.06
N THR B 480 -8.07 29.20 -39.30
CA THR B 480 -7.87 29.72 -40.65
C THR B 480 -6.42 29.94 -41.03
N LEU B 481 -5.54 30.22 -40.08
CA LEU B 481 -4.18 30.64 -40.37
C LEU B 481 -3.18 29.62 -39.85
N LEU B 482 -2.14 29.36 -40.63
CA LEU B 482 -0.95 28.63 -40.19
C LEU B 482 0.20 29.62 -40.15
N ARG B 483 0.70 29.89 -38.94
CA ARG B 483 1.60 31.01 -38.75
C ARG B 483 2.84 30.61 -37.95
N PRO B 484 3.95 31.30 -38.16
CA PRO B 484 5.08 31.21 -37.23
C PRO B 484 4.89 32.15 -36.06
N TYR B 485 5.35 31.73 -34.89
CA TYR B 485 5.14 32.51 -33.67
C TYR B 485 5.89 33.85 -33.73
N ALA B 486 7.10 33.85 -34.29
CA ALA B 486 7.87 35.07 -34.45
C ALA B 486 7.71 35.59 -35.86
N ALA B 487 7.42 36.88 -35.98
CA ALA B 487 7.11 37.47 -37.28
C ALA B 487 8.37 37.60 -38.12
N SER B 488 8.28 37.13 -39.37
CA SER B 488 9.35 37.28 -40.36
C SER B 488 10.66 36.65 -39.89
N THR B 489 10.57 35.46 -39.31
CA THR B 489 11.75 34.73 -38.86
C THR B 489 11.90 33.38 -39.51
N ILE B 490 10.86 32.55 -39.51
CA ILE B 490 10.96 31.14 -39.88
C ILE B 490 10.65 30.97 -41.35
N SER B 491 11.53 30.28 -42.07
CA SER B 491 11.44 30.11 -43.51
C SER B 491 10.93 28.71 -43.84
N LEU B 492 10.19 28.61 -44.96
CA LEU B 492 9.65 27.32 -45.42
C LEU B 492 10.60 26.74 -46.46
N GLY B 493 11.39 25.76 -46.05
CA GLY B 493 12.24 25.03 -46.96
C GLY B 493 13.63 25.65 -47.07
N SER B 494 14.60 24.80 -47.37
CA SER B 494 16.00 25.18 -47.52
C SER B 494 16.54 24.49 -48.76
N PRO B 495 17.67 24.96 -49.29
CA PRO B 495 18.29 24.23 -50.41
C PRO B 495 18.61 22.78 -50.07
N THR B 496 18.90 22.49 -48.80
CA THR B 496 19.12 21.11 -48.39
C THR B 496 17.82 20.30 -48.32
N TYR B 497 16.72 20.93 -47.90
CA TYR B 497 15.45 20.25 -47.69
C TYR B 497 14.34 20.97 -48.47
N PRO B 498 14.22 20.69 -49.76
CA PRO B 498 13.13 21.29 -50.54
C PRO B 498 11.79 20.63 -50.22
N PHE B 499 10.73 21.20 -50.80
CA PHE B 499 9.38 20.70 -50.59
C PHE B 499 8.74 20.14 -51.86
N THR B 500 9.32 20.40 -53.03
CA THR B 500 9.01 19.88 -54.35
C THR B 500 7.72 20.47 -54.93
N ARG B 501 6.91 21.19 -54.16
CA ARG B 501 5.62 21.67 -54.65
C ARG B 501 4.91 22.57 -53.65
N LEU B 502 4.15 23.54 -54.15
CA LEU B 502 3.20 24.29 -53.34
C LEU B 502 1.90 24.36 -54.12
N ARG B 503 0.85 23.75 -53.58
CA ARG B 503 -0.46 23.72 -54.24
C ARG B 503 -1.45 24.53 -53.40
N THR B 504 -1.95 25.60 -53.97
CA THR B 504 -2.97 26.44 -53.35
C THR B 504 -4.29 26.26 -54.11
N THR B 505 -5.31 27.01 -53.71
CA THR B 505 -6.60 26.92 -54.37
C THR B 505 -6.52 27.41 -55.82
N ASP B 506 -5.74 28.45 -56.07
CA ASP B 506 -5.71 29.08 -57.39
C ASP B 506 -4.34 29.04 -58.06
N TRP B 507 -3.32 28.49 -57.40
CA TRP B 507 -1.98 28.40 -57.97
C TRP B 507 -1.34 27.09 -57.57
N THR B 508 -0.38 26.65 -58.37
CA THR B 508 0.47 25.52 -58.01
C THR B 508 1.87 25.75 -58.56
N VAL B 509 2.87 25.49 -57.74
CA VAL B 509 4.28 25.70 -58.07
C VAL B 509 4.96 24.34 -57.95
N ASP B 510 5.35 23.77 -59.07
CA ASP B 510 5.95 22.44 -59.08
C ASP B 510 6.95 22.35 -60.23
N THR B 511 7.34 21.12 -60.58
CA THR B 511 8.31 20.92 -61.66
C THR B 511 7.80 21.46 -62.97
N ASN B 512 6.49 21.33 -63.22
CA ASN B 512 5.92 21.85 -64.46
C ASN B 512 6.00 23.37 -64.52
N GLY B 513 6.22 24.05 -63.39
CA GLY B 513 6.36 25.49 -63.35
C GLY B 513 5.38 26.07 -62.36
N ILE B 514 5.07 27.36 -62.55
CA ILE B 514 4.11 28.07 -61.72
C ILE B 514 2.88 28.27 -62.59
N VAL B 515 1.82 27.50 -62.34
CA VAL B 515 0.62 27.59 -63.18
C VAL B 515 -0.62 27.72 -62.31
N PRO B 516 -1.61 28.48 -62.76
CA PRO B 516 -2.87 28.60 -62.00
C PRO B 516 -3.75 27.37 -62.18
N VAL B 517 -4.81 27.32 -61.38
CA VAL B 517 -5.81 26.26 -61.51
C VAL B 517 -6.86 26.60 -62.57
N GLN B 518 -7.11 27.88 -62.82
CA GLN B 518 -8.06 28.32 -63.83
C GLN B 518 -7.32 29.08 -64.91
N ASP B 519 -7.96 29.19 -66.08
CA ASP B 519 -7.31 29.72 -67.27
C ASP B 519 -7.60 31.20 -67.43
N GLY B 520 -6.55 32.01 -67.45
CA GLY B 520 -6.65 33.39 -67.87
C GLY B 520 -7.46 34.31 -67.00
N ILE B 521 -7.46 34.09 -65.68
CA ILE B 521 -8.16 35.00 -64.78
C ILE B 521 -7.19 35.51 -63.71
N LYS B 522 -6.10 34.80 -63.52
CA LYS B 522 -5.13 35.15 -62.48
C LYS B 522 -3.97 35.93 -63.09
N ASN B 523 -3.58 37.00 -62.40
CA ASN B 523 -2.57 37.92 -62.89
C ASN B 523 -1.26 37.76 -62.13
N ILE B 524 -0.19 38.20 -62.77
CA ILE B 524 1.14 38.26 -62.15
C ILE B 524 1.42 39.74 -61.90
N GLY B 525 1.34 40.15 -60.65
CA GLY B 525 1.50 41.55 -60.30
C GLY B 525 0.17 42.27 -60.24
N SER B 526 0.24 43.56 -59.93
CA SER B 526 -0.95 44.39 -59.79
C SER B 526 -0.63 45.78 -60.29
N SER B 527 -1.70 46.57 -60.53
CA SER B 527 -1.52 47.92 -61.03
C SER B 527 -0.76 48.79 -60.03
N SER B 528 -1.10 48.68 -58.74
CA SER B 528 -0.43 49.45 -57.71
C SER B 528 0.80 48.76 -57.15
N LEU B 529 0.83 47.43 -57.17
CA LEU B 529 1.93 46.63 -56.64
C LEU B 529 2.52 45.83 -57.80
N ARG B 530 3.52 46.41 -58.47
CA ARG B 530 4.09 45.84 -59.68
C ARG B 530 5.37 45.07 -59.37
N VAL B 531 5.64 44.05 -60.19
CA VAL B 531 6.91 43.34 -60.16
C VAL B 531 7.92 44.15 -60.97
N GLY B 532 9.19 43.77 -60.88
CA GLY B 532 10.24 44.52 -61.57
C GLY B 532 10.57 43.97 -62.94
N THR B 533 11.73 43.32 -63.07
CA THR B 533 12.19 42.81 -64.34
C THR B 533 11.87 41.33 -64.45
N VAL B 534 11.39 40.91 -65.62
CA VAL B 534 11.08 39.51 -65.89
C VAL B 534 12.15 38.97 -66.83
N PHE B 535 12.94 38.02 -66.35
CA PHE B 535 14.02 37.42 -67.13
C PHE B 535 13.55 36.07 -67.67
N ALA B 536 13.31 36.00 -68.97
CA ALA B 536 12.83 34.80 -69.62
C ALA B 536 13.68 34.50 -70.84
N ALA B 537 13.81 33.20 -71.15
CA ALA B 537 14.65 32.78 -72.26
C ALA B 537 14.00 33.08 -73.61
N THR B 538 12.67 33.05 -73.69
CA THR B 538 12.00 33.23 -74.97
C THR B 538 11.98 34.70 -75.39
N GLY B 539 11.36 35.55 -74.56
CA GLY B 539 11.26 36.96 -74.86
C GLY B 539 9.97 37.40 -75.51
N THR B 540 8.95 36.55 -75.54
CA THR B 540 7.68 36.88 -76.17
C THR B 540 6.57 36.08 -75.50
N ILE B 541 5.46 36.75 -75.19
CA ILE B 541 4.34 36.07 -74.57
C ILE B 541 3.76 35.04 -75.55
N ASN B 542 3.24 33.95 -74.99
CA ASN B 542 2.63 32.87 -75.78
C ASN B 542 3.63 32.25 -76.74
N PHE C 38 10.54 -18.67 46.20
CA PHE C 38 11.99 -18.55 46.27
C PHE C 38 12.43 -17.34 47.09
N GLY C 39 11.61 -16.87 48.01
CA GLY C 39 11.98 -15.76 48.86
C GLY C 39 11.75 -14.39 48.27
N ALA C 40 11.01 -14.29 47.18
CA ALA C 40 10.72 -12.99 46.56
C ALA C 40 9.47 -12.40 47.19
N VAL C 41 9.55 -11.14 47.60
CA VAL C 41 8.40 -10.41 48.12
C VAL C 41 8.29 -9.08 47.39
N ALA C 42 7.08 -8.53 47.36
CA ALA C 42 6.79 -7.26 46.70
C ALA C 42 6.44 -6.23 47.78
N ASP C 43 7.45 -5.53 48.27
CA ASP C 43 7.27 -4.53 49.32
C ASP C 43 8.09 -3.29 49.02
N TYR C 44 8.14 -2.88 47.75
CA TYR C 44 8.89 -1.69 47.37
C TYR C 44 8.17 -0.44 47.86
N ASN C 45 8.91 0.48 48.46
CA ASN C 45 8.36 1.73 48.95
C ASN C 45 8.84 2.88 48.09
N PRO C 46 7.99 3.46 47.23
CA PRO C 46 8.44 4.57 46.38
C PRO C 46 8.91 5.79 47.17
N THR C 47 8.32 6.04 48.34
CA THR C 47 8.69 7.22 49.11
C THR C 47 10.14 7.17 49.57
N THR C 48 10.58 6.01 50.06
CA THR C 48 11.94 5.85 50.57
C THR C 48 12.87 5.17 49.58
N LYS C 49 12.33 4.62 48.48
CA LYS C 49 13.13 3.93 47.47
C LYS C 49 13.90 2.75 48.06
N THR C 50 13.27 2.05 49.00
CA THR C 50 13.86 0.89 49.64
C THR C 50 12.92 -0.31 49.52
N GLY C 51 13.51 -1.50 49.62
CA GLY C 51 12.73 -2.72 49.57
C GLY C 51 13.64 -3.92 49.50
N THR C 52 13.00 -5.09 49.43
CA THR C 52 13.75 -6.34 49.35
C THR C 52 14.26 -6.56 47.93
N ASP C 53 15.54 -6.93 47.82
CA ASP C 53 16.15 -7.18 46.52
C ASP C 53 15.75 -8.58 46.05
N ASN C 54 14.96 -8.63 44.98
CA ASN C 54 14.41 -9.89 44.48
C ASN C 54 15.17 -10.44 43.28
N THR C 55 16.34 -9.87 42.96
CA THR C 55 17.11 -10.37 41.83
C THR C 55 17.62 -11.79 42.08
N GLN C 56 18.06 -12.08 43.31
CA GLN C 56 18.53 -13.42 43.62
C GLN C 56 17.39 -14.43 43.59
N ALA C 57 16.22 -14.05 44.12
CA ALA C 57 15.08 -14.94 44.08
C ALA C 57 14.64 -15.20 42.64
N PHE C 58 14.63 -14.16 41.81
CA PHE C 58 14.28 -14.34 40.40
C PHE C 58 15.27 -15.26 39.70
N ARG C 59 16.57 -15.08 39.97
CA ARG C 59 17.57 -15.94 39.35
C ARG C 59 17.42 -17.38 39.80
N ASN C 60 17.15 -17.60 41.09
CA ASN C 60 16.93 -18.95 41.59
C ASN C 60 15.70 -19.58 40.97
N ALA C 61 14.63 -18.81 40.81
CA ALA C 61 13.42 -19.33 40.16
C ALA C 61 13.71 -19.70 38.71
N VAL C 62 14.46 -18.86 37.99
CA VAL C 62 14.80 -19.16 36.60
C VAL C 62 15.64 -20.42 36.52
N ALA C 63 16.64 -20.56 37.39
CA ALA C 63 17.49 -21.74 37.38
C ALA C 63 16.70 -23.00 37.70
N ALA C 64 15.80 -22.93 38.69
CA ALA C 64 14.99 -24.09 39.03
C ALA C 64 14.04 -24.47 37.89
N ALA C 65 13.47 -23.46 37.23
CA ALA C 65 12.61 -23.73 36.08
C ALA C 65 13.38 -24.39 34.95
N ILE C 66 14.60 -23.93 34.69
CA ILE C 66 15.41 -24.52 33.63
C ILE C 66 15.80 -25.95 33.97
N ALA C 67 16.22 -26.19 35.22
CA ALA C 67 16.74 -27.49 35.60
C ALA C 67 15.68 -28.58 35.47
N GLN C 68 14.44 -28.29 35.87
CA GLN C 68 13.37 -29.26 35.85
C GLN C 68 12.56 -29.22 34.56
N ASN C 69 12.98 -28.44 33.57
CA ASN C 69 12.35 -28.32 32.26
C ASN C 69 10.94 -27.73 32.33
N ILE C 70 10.54 -27.17 33.46
CA ILE C 70 9.27 -26.46 33.58
C ILE C 70 9.58 -24.99 33.23
N ARG C 71 9.59 -24.71 31.93
CA ARG C 71 10.14 -23.45 31.41
C ARG C 71 9.10 -22.33 31.48
N ASN C 72 8.78 -21.95 32.72
CA ASN C 72 7.91 -20.81 32.97
C ASN C 72 8.03 -20.41 34.43
N VAL C 73 8.08 -19.10 34.68
CA VAL C 73 8.09 -18.55 36.02
C VAL C 73 6.97 -17.53 36.14
N TYR C 74 6.18 -17.63 37.19
CA TYR C 74 5.01 -16.78 37.40
C TYR C 74 5.33 -15.73 38.46
N ALA C 75 5.03 -14.47 38.14
CA ALA C 75 5.23 -13.35 39.06
C ALA C 75 3.88 -12.70 39.34
N PRO C 76 3.22 -13.04 40.45
CA PRO C 76 1.91 -12.45 40.73
C PRO C 76 2.00 -10.99 41.13
N GLY C 77 0.88 -10.30 41.02
CA GLY C 77 0.77 -8.89 41.34
C GLY C 77 0.58 -8.61 42.82
N GLY C 78 1.66 -8.72 43.60
CA GLY C 78 1.59 -8.52 45.02
C GLY C 78 1.24 -7.11 45.43
N PRO C 79 1.37 -6.80 46.73
CA PRO C 79 0.95 -5.48 47.22
C PRO C 79 1.69 -4.31 46.58
N SER C 80 2.92 -4.52 46.12
CA SER C 80 3.72 -3.44 45.56
C SER C 80 4.60 -4.04 44.47
N ALA C 81 5.63 -3.28 44.07
CA ALA C 81 6.54 -3.72 43.03
C ALA C 81 7.64 -4.61 43.59
N TYR C 82 8.17 -5.48 42.73
CA TYR C 82 9.33 -6.29 43.06
C TYR C 82 10.59 -5.48 42.75
N MET C 83 11.42 -5.27 43.77
CA MET C 83 12.64 -4.49 43.62
C MET C 83 13.76 -5.39 43.11
N THR C 84 14.30 -5.06 41.94
CA THR C 84 15.36 -5.83 41.31
C THR C 84 16.55 -4.92 41.05
N THR C 85 17.74 -5.40 41.41
CA THR C 85 18.97 -4.64 41.24
C THR C 85 19.90 -5.24 40.19
N GLY C 86 19.69 -6.50 39.81
CA GLY C 86 20.57 -7.17 38.87
C GLY C 86 19.82 -7.62 37.64
N GLU C 87 20.59 -8.08 36.65
CA GLU C 87 20.03 -8.51 35.38
C GLU C 87 19.36 -9.87 35.51
N ILE C 88 18.28 -10.07 34.75
CA ILE C 88 17.64 -11.37 34.62
C ILE C 88 17.92 -11.88 33.22
N ASN C 89 18.54 -13.07 33.14
CA ASN C 89 19.03 -13.56 31.86
C ASN C 89 17.95 -14.26 31.05
N LEU C 90 16.91 -14.80 31.70
CA LEU C 90 15.81 -15.51 31.05
C LEU C 90 16.29 -16.79 30.39
N GLY C 91 17.58 -17.09 30.50
CA GLY C 91 18.15 -18.31 29.99
C GLY C 91 19.10 -18.93 30.98
N GLY C 92 19.20 -18.33 32.15
CA GLY C 92 20.07 -18.80 33.21
C GLY C 92 21.45 -18.17 33.14
N GLU C 93 22.08 -18.04 34.30
CA GLU C 93 23.43 -17.52 34.36
C GLU C 93 24.40 -18.45 33.65
N GLY C 94 25.28 -17.88 32.83
CA GLY C 94 26.18 -18.65 32.01
C GLY C 94 25.75 -18.81 30.56
N PHE C 95 24.58 -18.29 30.20
CA PHE C 95 24.07 -18.34 28.83
C PHE C 95 24.17 -16.92 28.28
N THR C 96 25.34 -16.57 27.74
CA THR C 96 25.60 -15.21 27.29
C THR C 96 25.84 -15.10 25.79
N GLY C 97 26.07 -16.20 25.09
CA GLY C 97 26.32 -16.13 23.67
C GLY C 97 26.61 -17.51 23.10
N GLY C 98 26.93 -17.53 21.80
CA GLY C 98 27.20 -18.77 21.11
C GLY C 98 25.93 -19.56 20.86
N GLU C 99 26.12 -20.82 20.49
CA GLU C 99 25.02 -21.74 20.28
C GLU C 99 24.56 -22.31 21.61
N GLY C 100 23.27 -22.23 21.87
CA GLY C 100 22.71 -22.82 23.07
C GLY C 100 22.63 -24.33 22.98
N SER C 101 22.36 -24.96 24.12
CA SER C 101 22.21 -26.40 24.15
C SER C 101 20.98 -26.81 23.33
N ARG C 102 21.22 -27.61 22.29
CA ARG C 102 20.18 -27.97 21.34
C ARG C 102 19.86 -29.46 21.48
N ASP C 103 18.57 -29.78 21.48
CA ASP C 103 18.12 -31.17 21.58
C ASP C 103 18.24 -31.84 20.21
N VAL C 104 17.57 -32.98 20.05
CA VAL C 104 17.61 -33.72 18.80
C VAL C 104 16.67 -33.14 17.76
N TRP C 105 15.96 -32.05 18.10
CA TRP C 105 14.93 -31.48 17.24
C TRP C 105 15.26 -30.07 16.79
N ARG C 106 16.53 -29.68 16.85
CA ARG C 106 16.99 -28.37 16.40
C ARG C 106 16.32 -27.25 17.18
N GLY C 107 16.43 -27.31 18.51
CA GLY C 107 15.84 -26.29 19.35
C GLY C 107 16.59 -26.15 20.66
N ILE C 108 16.61 -24.93 21.18
CA ILE C 108 17.34 -24.63 22.42
C ILE C 108 16.51 -25.12 23.60
N THR C 109 17.16 -25.82 24.53
CA THR C 109 16.50 -26.28 25.74
C THR C 109 16.60 -25.28 26.88
N GLN C 110 17.53 -24.34 26.79
CA GLN C 110 17.76 -23.38 27.86
C GLN C 110 16.83 -22.18 27.68
N GLY C 111 15.92 -21.97 28.63
CA GLY C 111 15.03 -20.82 28.56
C GLY C 111 13.87 -20.83 29.54
N VAL C 112 13.28 -19.67 29.77
CA VAL C 112 12.16 -19.48 30.69
C VAL C 112 11.17 -18.51 30.08
N HIS C 113 9.88 -18.84 30.20
CA HIS C 113 8.79 -17.93 29.83
C HIS C 113 8.37 -17.17 31.09
N PHE C 114 8.82 -15.93 31.21
CA PHE C 114 8.52 -15.10 32.37
C PHE C 114 7.26 -14.30 32.08
N PHE C 115 6.20 -14.56 32.85
CA PHE C 115 4.93 -13.87 32.67
C PHE C 115 4.38 -13.48 34.04
N GLY C 116 3.55 -12.44 34.03
CA GLY C 116 2.94 -11.94 35.25
C GLY C 116 1.44 -12.09 35.28
N ASP C 117 0.74 -11.02 35.65
CA ASP C 117 -0.71 -11.02 35.74
C ASP C 117 -1.39 -10.10 34.74
N GLY C 118 -0.70 -9.06 34.25
CA GLY C 118 -1.27 -8.14 33.30
C GLY C 118 -0.28 -7.08 32.88
N PRO C 119 -0.68 -6.23 31.93
CA PRO C 119 0.24 -5.18 31.46
C PRO C 119 0.70 -4.24 32.56
N TYR C 120 -0.17 -3.94 33.53
CA TYR C 120 0.21 -3.09 34.66
C TYR C 120 -0.16 -3.72 36.00
N SER C 121 -0.52 -5.00 36.02
CA SER C 121 -0.86 -5.65 37.28
C SER C 121 0.38 -5.93 38.11
N THR C 122 1.47 -6.35 37.47
CA THR C 122 2.73 -6.64 38.15
C THR C 122 3.76 -5.58 37.77
N ILE C 123 4.45 -5.06 38.78
CA ILE C 123 5.40 -3.96 38.62
C ILE C 123 6.77 -4.42 39.08
N ILE C 124 7.78 -4.17 38.26
CA ILE C 124 9.17 -4.46 38.59
C ILE C 124 9.93 -3.14 38.65
N ALA C 125 10.44 -2.81 39.83
CA ALA C 125 11.24 -1.61 40.03
C ALA C 125 12.71 -1.96 39.88
N PHE C 126 13.33 -1.49 38.79
CA PHE C 126 14.67 -1.89 38.41
C PHE C 126 15.67 -0.79 38.74
N ASN C 127 16.75 -1.16 39.40
CA ASN C 127 17.85 -0.24 39.69
C ASN C 127 19.09 -0.69 38.91
N PRO C 128 19.43 -0.03 37.82
CA PRO C 128 20.52 -0.51 36.95
C PRO C 128 21.87 -0.26 37.60
N PRO C 129 22.71 -1.28 37.70
CA PRO C 129 24.09 -1.05 38.18
C PRO C 129 24.88 -0.10 37.30
N ASN C 130 24.66 -0.13 35.98
CA ASN C 130 25.33 0.79 35.07
C ASN C 130 24.36 1.15 33.94
N THR C 131 24.89 1.85 32.93
CA THR C 131 24.05 2.37 31.86
C THR C 131 23.43 1.27 31.02
N ASP C 132 24.19 0.22 30.72
CA ASP C 132 23.77 -0.81 29.78
C ASP C 132 23.15 -2.03 30.46
N ALA C 133 22.87 -1.95 31.75
CA ALA C 133 22.29 -3.09 32.45
C ALA C 133 20.80 -3.21 32.14
N PRO C 134 20.35 -4.33 31.58
CA PRO C 134 18.91 -4.52 31.35
C PRO C 134 18.23 -5.22 32.51
N CYS C 135 16.98 -4.83 32.76
CA CYS C 135 16.16 -5.54 33.72
C CYS C 135 15.88 -6.96 33.25
N PHE C 136 15.58 -7.12 31.96
CA PHE C 136 15.36 -8.42 31.35
C PHE C 136 16.16 -8.52 30.06
N SER C 137 16.75 -9.68 29.83
CA SER C 137 17.65 -9.88 28.69
C SER C 137 17.38 -11.24 28.06
N ALA C 138 17.79 -11.35 26.79
CA ALA C 138 17.75 -12.61 26.05
C ALA C 138 19.08 -12.71 25.30
N ARG C 139 19.99 -13.50 25.85
CA ARG C 139 21.34 -13.67 25.32
C ARG C 139 21.59 -15.13 25.01
N GLY C 140 22.26 -15.40 23.89
CA GLY C 140 22.69 -16.77 23.62
C GLY C 140 22.49 -17.29 22.22
N GLY C 141 21.75 -18.39 22.10
CA GLY C 141 21.62 -19.12 20.85
C GLY C 141 20.91 -18.41 19.72
N TRP C 142 21.57 -18.35 18.56
CA TRP C 142 21.03 -17.75 17.36
C TRP C 142 20.78 -18.81 16.30
N GLY C 143 19.76 -18.59 15.47
CA GLY C 143 19.44 -19.47 14.37
C GLY C 143 18.26 -20.39 14.61
N THR C 144 17.84 -20.57 15.86
CA THR C 144 16.73 -21.45 16.17
C THR C 144 15.92 -20.85 17.32
N HIS C 145 14.77 -21.48 17.59
CA HIS C 145 13.85 -21.00 18.61
C HIS C 145 14.31 -21.42 20.00
N SER C 146 13.88 -20.66 20.99
CA SER C 146 14.16 -20.93 22.40
C SER C 146 12.89 -20.72 23.19
N PRO C 147 12.75 -21.39 24.35
CA PRO C 147 11.55 -21.20 25.16
C PRO C 147 11.55 -19.88 25.92
N ARG C 148 12.52 -19.01 25.63
CA ARG C 148 12.58 -17.71 26.28
C ARG C 148 11.44 -16.83 25.78
N ALA C 149 10.70 -16.24 26.73
CA ALA C 149 9.60 -15.36 26.39
C ALA C 149 9.29 -14.49 27.60
N LEU C 150 8.59 -13.38 27.34
CA LEU C 150 8.23 -12.42 28.38
C LEU C 150 6.90 -11.78 28.03
N SER C 151 6.04 -11.61 29.04
CA SER C 151 4.74 -11.04 28.80
C SER C 151 4.13 -10.53 30.10
N LYS C 152 3.25 -9.53 29.98
CA LYS C 152 2.36 -9.10 31.05
C LYS C 152 3.12 -8.61 32.28
N LEU C 153 3.89 -7.54 32.10
CA LEU C 153 4.58 -6.90 33.21
C LEU C 153 5.13 -5.55 32.76
N ALA C 154 5.81 -4.88 33.68
CA ALA C 154 6.35 -3.54 33.44
C ALA C 154 7.78 -3.46 33.93
N ILE C 155 8.67 -2.99 33.05
CA ILE C 155 10.04 -2.64 33.42
C ILE C 155 10.05 -1.14 33.69
N GLU C 156 10.30 -0.78 34.94
CA GLU C 156 9.93 0.55 35.42
C GLU C 156 10.88 0.94 36.54
N PRO C 157 11.43 2.16 36.49
CA PRO C 157 12.65 2.47 37.24
C PRO C 157 12.46 2.84 38.70
N VAL C 158 13.49 2.50 39.49
CA VAL C 158 13.56 2.97 40.87
C VAL C 158 13.86 4.47 40.91
N ASN C 159 14.86 4.90 40.15
CA ASN C 159 15.27 6.31 40.09
C ASN C 159 14.75 6.91 38.79
N TRP C 160 13.83 7.86 38.92
CA TRP C 160 13.23 8.52 37.76
C TRP C 160 14.09 9.72 37.40
N ALA C 161 14.88 9.58 36.33
CA ALA C 161 15.72 10.68 35.88
C ALA C 161 14.87 11.76 35.22
N ASP C 162 15.28 13.01 35.41
CA ASP C 162 14.58 14.13 34.80
C ASP C 162 14.75 14.10 33.28
N TYR C 163 13.78 14.71 32.59
CA TYR C 163 13.85 14.76 31.13
C TYR C 163 15.05 15.58 30.65
N ASN C 164 15.51 16.52 31.47
CA ASN C 164 16.70 17.29 31.11
C ASN C 164 17.94 16.42 31.08
N ALA C 165 18.09 15.54 32.06
CA ALA C 165 19.29 14.72 32.20
C ALA C 165 19.14 13.40 31.45
N THR C 166 20.20 12.60 31.48
CA THR C 166 20.22 11.31 30.82
C THR C 166 20.01 10.19 31.83
N SER C 167 19.14 9.25 31.46
CA SER C 167 18.83 8.11 32.31
C SER C 167 19.81 6.97 32.06
N SER C 168 19.74 5.97 32.93
CA SER C 168 20.60 4.79 32.85
C SER C 168 19.75 3.53 32.98
N GLY C 169 20.11 2.52 32.20
CA GLY C 169 19.42 1.24 32.24
C GLY C 169 18.74 0.93 30.91
N THR C 170 18.38 -0.34 30.77
CA THR C 170 17.71 -0.85 29.58
C THR C 170 16.47 -1.63 29.99
N GLY C 171 15.38 -1.42 29.26
CA GLY C 171 14.15 -2.13 29.53
C GLY C 171 14.25 -3.60 29.19
N VAL C 172 14.38 -3.92 27.91
CA VAL C 172 14.54 -5.29 27.44
C VAL C 172 15.71 -5.33 26.46
N LEU C 173 16.65 -6.23 26.72
CA LEU C 173 17.82 -6.43 25.86
C LEU C 173 17.66 -7.74 25.09
N LEU C 174 17.96 -7.70 23.79
CA LEU C 174 17.84 -8.88 22.94
C LEU C 174 19.11 -8.95 22.09
N GLN C 175 20.00 -9.88 22.44
CA GLN C 175 21.21 -10.10 21.65
C GLN C 175 21.37 -11.60 21.39
N GLY C 176 21.64 -11.95 20.14
CA GLY C 176 21.82 -13.34 19.78
C GLY C 176 20.63 -14.23 20.09
N CYS C 177 19.43 -13.66 20.06
CA CYS C 177 18.22 -14.40 20.38
C CYS C 177 17.24 -14.32 19.22
N CYS C 178 16.53 -15.42 18.98
CA CYS C 178 15.55 -15.51 17.91
C CYS C 178 14.26 -16.08 18.46
N PHE C 179 13.13 -15.51 18.01
CA PHE C 179 11.80 -15.95 18.44
C PHE C 179 11.62 -15.82 19.95
N VAL C 180 11.79 -14.59 20.44
CA VAL C 180 11.51 -14.26 21.83
C VAL C 180 10.33 -13.31 21.88
N PRO C 181 9.12 -13.80 22.15
CA PRO C 181 7.94 -12.92 22.14
C PRO C 181 7.91 -12.01 23.36
N VAL C 182 7.58 -10.75 23.13
CA VAL C 182 7.42 -9.76 24.20
C VAL C 182 6.05 -9.10 23.97
N THR C 183 5.06 -9.53 24.74
CA THR C 183 3.67 -9.13 24.52
C THR C 183 3.11 -8.47 25.77
N ASP C 184 2.37 -7.37 25.58
CA ASP C 184 1.58 -6.72 26.63
C ASP C 184 2.46 -6.31 27.82
N VAL C 185 3.47 -5.48 27.52
CA VAL C 185 4.37 -5.02 28.56
C VAL C 185 4.53 -3.51 28.48
N HIS C 186 4.91 -2.93 29.62
CA HIS C 186 5.16 -1.50 29.75
C HIS C 186 6.63 -1.29 30.09
N ILE C 187 7.20 -0.19 29.61
CA ILE C 187 8.57 0.20 29.90
C ILE C 187 8.60 1.69 30.16
N GLY C 188 9.28 2.10 31.24
CA GLY C 188 9.27 3.51 31.61
C GLY C 188 10.61 4.14 31.92
N ARG C 189 10.92 5.23 31.21
CA ARG C 189 11.99 6.17 31.54
C ARG C 189 13.30 5.45 31.88
N PHE C 190 13.83 4.77 30.88
CA PHE C 190 15.18 4.20 30.91
C PHE C 190 16.01 4.83 29.81
N HIS C 191 17.31 4.51 29.82
CA HIS C 191 18.18 4.96 28.73
C HIS C 191 17.75 4.33 27.42
N ARG C 192 17.34 3.06 27.45
CA ARG C 192 16.89 2.35 26.26
C ARG C 192 15.71 1.46 26.64
N GLY C 193 14.66 1.48 25.82
CA GLY C 193 13.50 0.66 26.08
C GLY C 193 13.65 -0.75 25.54
N ILE C 194 13.90 -0.86 24.24
CA ILE C 194 14.18 -2.12 23.56
C ILE C 194 15.54 -1.98 22.89
N HIS C 195 16.45 -2.90 23.18
CA HIS C 195 17.81 -2.83 22.65
C HIS C 195 18.13 -4.13 21.92
N PHE C 196 18.05 -4.09 20.59
CA PHE C 196 18.56 -5.16 19.75
C PHE C 196 20.06 -4.98 19.61
N TRP C 197 20.83 -5.99 20.00
CA TRP C 197 22.28 -5.88 20.08
C TRP C 197 22.95 -7.04 19.37
N ASN C 198 24.04 -6.75 18.67
CA ASN C 198 24.94 -7.76 18.11
C ASN C 198 26.33 -7.42 18.66
N LYS C 199 26.65 -7.96 19.84
CA LYS C 199 27.82 -7.56 20.60
C LYS C 199 28.98 -8.54 20.49
N LEU C 200 28.75 -9.82 20.79
CA LEU C 200 29.85 -10.77 20.90
C LEU C 200 30.36 -11.20 19.53
N GLN C 201 31.67 -11.38 19.43
CA GLN C 201 32.29 -11.90 18.23
C GLN C 201 32.45 -13.41 18.34
N GLY C 202 32.48 -14.07 17.18
CA GLY C 202 32.66 -15.51 17.17
C GLY C 202 33.98 -15.90 17.80
N THR C 203 33.94 -16.93 18.66
CA THR C 203 35.14 -17.37 19.35
C THR C 203 36.13 -18.07 18.43
N ASP C 204 35.67 -18.57 17.30
CA ASP C 204 36.52 -19.26 16.33
C ASP C 204 36.81 -18.38 15.11
N ASP C 205 37.01 -17.09 15.35
CA ASP C 205 37.25 -16.12 14.28
C ASP C 205 38.55 -15.38 14.58
N PRO C 206 39.70 -16.00 14.29
CA PRO C 206 40.98 -15.31 14.54
C PRO C 206 41.39 -14.36 13.43
N THR C 207 40.82 -14.48 12.24
CA THR C 207 41.16 -13.61 11.12
C THR C 207 40.26 -12.39 11.01
N ASN C 208 39.32 -12.22 11.94
CA ASN C 208 38.50 -11.01 12.03
C ASN C 208 37.69 -10.77 10.76
N THR C 209 36.80 -11.72 10.46
CA THR C 209 35.85 -11.56 9.37
C THR C 209 34.53 -10.96 9.82
N PHE C 210 34.15 -11.15 11.08
CA PHE C 210 32.89 -10.64 11.63
C PHE C 210 31.68 -11.14 10.86
N THR C 211 31.81 -12.30 10.23
CA THR C 211 30.71 -12.95 9.53
C THR C 211 30.08 -14.08 10.33
N LYS C 212 30.82 -14.71 11.23
CA LYS C 212 30.30 -15.72 12.13
C LYS C 212 30.28 -15.13 13.54
N GLY C 213 29.11 -15.16 14.18
CA GLY C 213 28.99 -14.61 15.51
C GLY C 213 27.58 -14.17 15.87
N ASP C 214 27.48 -13.01 16.53
CA ASP C 214 26.21 -12.54 17.08
C ASP C 214 25.41 -11.83 16.00
N PHE C 215 24.16 -12.29 15.81
CA PHE C 215 23.19 -11.56 15.03
C PHE C 215 21.81 -11.85 15.61
N THR C 216 20.96 -10.82 15.65
CA THR C 216 19.64 -10.90 16.25
C THR C 216 18.60 -10.83 15.14
N GLU C 217 17.67 -11.78 15.14
CA GLU C 217 16.69 -11.87 14.06
C GLU C 217 15.40 -12.49 14.57
N PHE C 218 14.30 -12.14 13.93
CA PHE C 218 12.98 -12.75 14.16
C PHE C 218 12.56 -12.65 15.62
N ASN C 219 12.28 -11.43 16.07
CA ASN C 219 11.71 -11.19 17.38
C ASN C 219 10.33 -10.56 17.26
N ARG C 220 9.41 -10.98 18.12
CA ARG C 220 8.03 -10.54 18.08
C ARG C 220 7.75 -9.63 19.28
N ILE C 221 7.32 -8.41 19.00
CA ILE C 221 7.01 -7.42 20.03
C ILE C 221 5.63 -6.86 19.74
N THR C 222 4.65 -7.21 20.59
CA THR C 222 3.26 -6.84 20.38
C THR C 222 2.71 -6.13 21.61
N ARG C 223 1.96 -5.05 21.39
CA ARG C 223 1.25 -4.32 22.45
C ARG C 223 2.20 -3.93 23.59
N VAL C 224 3.25 -3.21 23.22
CA VAL C 224 4.30 -2.82 24.16
C VAL C 224 4.38 -1.30 24.18
N ARG C 225 4.41 -0.72 25.38
CA ARG C 225 4.52 0.72 25.54
C ARG C 225 5.90 1.09 26.05
N VAL C 226 6.47 2.16 25.52
CA VAL C 226 7.71 2.75 26.00
C VAL C 226 7.44 4.22 26.32
N PHE C 227 7.83 4.65 27.51
CA PHE C 227 7.46 5.96 28.03
C PHE C 227 8.72 6.80 28.28
N ASN C 228 8.97 7.76 27.39
CA ASN C 228 10.02 8.77 27.57
C ASN C 228 11.38 8.15 27.85
N CYS C 229 11.77 7.19 27.04
CA CYS C 229 13.14 6.70 27.09
C CYS C 229 14.03 7.51 26.17
N ASP C 230 15.33 7.54 26.49
CA ASP C 230 16.28 8.27 25.66
C ASP C 230 16.31 7.72 24.25
N ILE C 231 16.35 6.40 24.11
CA ILE C 231 16.23 5.72 22.83
C ILE C 231 15.22 4.60 23.02
N ASP C 232 14.03 4.75 22.42
CA ASP C 232 12.97 3.77 22.64
C ASP C 232 13.34 2.42 22.04
N VAL C 233 13.81 2.40 20.79
CA VAL C 233 14.27 1.19 20.12
C VAL C 233 15.66 1.47 19.57
N ASP C 234 16.60 0.59 19.86
CA ASP C 234 18.00 0.78 19.47
C ASP C 234 18.54 -0.47 18.82
N TYR C 235 18.83 -0.40 17.52
CA TYR C 235 19.56 -1.43 16.80
C TYR C 235 21.04 -1.06 16.84
N GLN C 236 21.84 -1.90 17.50
CA GLN C 236 23.26 -1.64 17.66
C GLN C 236 24.06 -2.91 17.38
N VAL C 237 25.14 -2.75 16.64
CA VAL C 237 26.09 -3.83 16.37
C VAL C 237 27.49 -3.32 16.70
N SER C 238 28.23 -4.12 17.47
CA SER C 238 29.60 -3.75 17.86
C SER C 238 30.63 -4.71 17.27
N LEU C 239 30.49 -6.02 17.53
CA LEU C 239 31.43 -7.00 17.02
C LEU C 239 30.71 -8.22 16.44
N GLY C 240 29.45 -8.03 16.03
CA GLY C 240 28.67 -9.13 15.51
C GLY C 240 28.29 -8.95 14.05
N ASN C 241 27.37 -9.77 13.57
CA ASN C 241 26.95 -9.70 12.17
C ASN C 241 26.02 -8.51 11.95
N ASN C 242 25.76 -8.24 10.68
CA ASN C 242 24.91 -7.12 10.27
C ASN C 242 23.43 -7.43 10.32
N SER C 243 23.05 -8.68 10.63
CA SER C 243 21.68 -9.14 10.42
C SER C 243 20.76 -8.61 11.51
N PHE C 244 19.72 -7.88 11.07
CA PHE C 244 18.57 -7.52 11.90
C PHE C 244 17.35 -7.81 11.03
N HIS C 245 16.84 -9.04 11.11
CA HIS C 245 15.90 -9.55 10.13
C HIS C 245 14.69 -10.16 10.81
N GLY C 246 13.50 -9.74 10.42
CA GLY C 246 12.28 -10.37 10.86
C GLY C 246 11.70 -9.86 12.16
N ASN C 247 12.39 -8.95 12.85
CA ASN C 247 11.84 -8.38 14.07
C ASN C 247 10.61 -7.54 13.74
N SER C 248 9.53 -7.76 14.48
CA SER C 248 8.24 -7.14 14.15
C SER C 248 7.74 -6.32 15.33
N PHE C 249 7.23 -5.13 15.00
CA PHE C 249 6.54 -4.26 15.97
C PHE C 249 5.10 -4.09 15.50
N THR C 250 4.15 -4.33 16.39
CA THR C 250 2.74 -4.15 16.08
C THR C 250 1.98 -3.72 17.33
N ASP C 251 1.01 -2.84 17.13
CA ASP C 251 0.12 -2.38 18.20
C ASP C 251 0.92 -1.77 19.36
N CYS C 252 2.01 -1.07 19.04
CA CYS C 252 2.88 -0.48 20.04
C CYS C 252 2.88 1.04 19.90
N MET C 253 3.11 1.74 21.01
CA MET C 253 3.22 3.18 21.03
C MET C 253 4.55 3.55 21.66
N CYS C 254 5.18 4.60 21.15
CA CYS C 254 6.45 5.09 21.67
C CYS C 254 6.34 6.58 21.98
N GLN C 255 6.69 6.93 23.21
CA GLN C 255 6.69 8.31 23.69
C GLN C 255 8.11 8.86 23.57
N ILE C 256 8.36 9.67 22.56
CA ILE C 256 9.69 10.20 22.30
C ILE C 256 9.98 11.30 23.31
N ASN C 257 11.14 11.21 23.96
CA ASN C 257 11.51 12.22 24.94
C ASN C 257 11.66 13.59 24.28
N SER C 258 11.11 14.61 24.92
CA SER C 258 11.10 15.94 24.35
C SER C 258 12.53 16.50 24.22
N TYR C 259 13.36 16.30 25.23
CA TYR C 259 14.71 16.87 25.26
C TYR C 259 15.66 15.98 24.46
N GLY C 260 15.52 16.07 23.14
CA GLY C 260 16.41 15.36 22.24
C GLY C 260 16.34 13.85 22.32
N GLY C 261 15.15 13.30 22.51
CA GLY C 261 14.98 11.86 22.54
C GLY C 261 14.87 11.28 21.13
N ILE C 262 15.32 10.03 20.99
CA ILE C 262 15.31 9.33 19.72
C ILE C 262 14.30 8.19 19.82
N GLY C 263 13.26 8.25 19.00
CA GLY C 263 12.26 7.19 19.00
C GLY C 263 12.81 5.88 18.49
N MET C 264 13.61 5.92 17.42
CA MET C 264 14.21 4.73 16.85
C MET C 264 15.60 5.07 16.35
N ARG C 265 16.59 4.28 16.74
CA ARG C 265 17.97 4.48 16.33
C ARG C 265 18.50 3.19 15.73
N MET C 266 19.23 3.31 14.62
CA MET C 266 19.96 2.19 14.02
C MET C 266 21.38 2.66 13.76
N TRP C 267 22.35 2.06 14.44
CA TRP C 267 23.70 2.59 14.39
C TRP C 267 24.73 1.51 14.67
N ASP C 268 25.90 1.69 14.06
CA ASP C 268 27.08 0.89 14.33
C ASP C 268 28.09 1.79 15.05
N ASP C 269 28.63 1.30 16.17
CA ASP C 269 29.57 2.10 16.95
C ASP C 269 30.98 2.10 16.36
N GLY C 270 31.24 1.30 15.34
CA GLY C 270 32.56 1.27 14.74
C GLY C 270 33.63 0.60 15.55
N SER C 271 33.25 -0.28 16.48
CA SER C 271 34.26 -0.96 17.30
C SER C 271 35.08 -1.96 16.48
N ARG C 272 34.46 -2.61 15.49
CA ARG C 272 35.19 -3.52 14.61
C ARG C 272 35.95 -2.79 13.52
N ASN C 273 35.70 -1.49 13.32
CA ASN C 273 36.51 -0.72 12.39
C ASN C 273 37.95 -0.59 12.87
N ALA C 274 38.14 -0.43 14.18
CA ALA C 274 39.50 -0.31 14.72
C ALA C 274 40.30 -1.60 14.51
N ILE C 275 39.66 -2.75 14.71
CA ILE C 275 40.35 -4.03 14.57
C ILE C 275 40.77 -4.24 13.12
N ARG C 276 39.85 -4.01 12.19
CA ARG C 276 40.12 -4.14 10.76
C ARG C 276 39.55 -2.93 10.04
N PRO C 277 40.39 -1.96 9.64
CA PRO C 277 39.90 -0.76 8.95
C PRO C 277 38.87 -1.07 7.87
N SER C 278 39.26 -1.85 6.86
CA SER C 278 38.38 -2.35 5.81
C SER C 278 37.46 -1.24 5.28
N SER C 279 38.10 -0.23 4.70
CA SER C 279 37.41 1.00 4.29
C SER C 279 36.45 0.69 3.14
N LEU C 280 35.31 0.10 3.52
CA LEU C 280 34.24 -0.22 2.58
C LEU C 280 32.94 0.29 3.20
N PRO C 281 32.08 0.95 2.42
CA PRO C 281 30.93 1.64 3.05
C PRO C 281 29.91 0.71 3.68
N TYR C 282 29.42 -0.30 2.95
CA TYR C 282 28.31 -1.12 3.40
C TYR C 282 28.76 -2.41 4.08
N GLU C 283 30.05 -2.60 4.31
CA GLU C 283 30.50 -3.82 4.97
C GLU C 283 30.20 -3.80 6.47
N TYR C 284 30.43 -2.68 7.12
CA TYR C 284 30.21 -2.53 8.56
C TYR C 284 29.00 -1.63 8.77
N ILE C 285 27.82 -2.23 8.76
CA ILE C 285 26.56 -1.52 8.95
C ILE C 285 25.60 -2.39 9.74
N ALA C 286 24.53 -1.77 10.22
CA ALA C 286 23.42 -2.50 10.83
C ALA C 286 22.34 -2.64 9.75
N ASN C 287 22.15 -3.87 9.27
CA ASN C 287 21.23 -4.14 8.18
C ASN C 287 19.86 -4.47 8.75
N VAL C 288 19.01 -3.47 8.88
CA VAL C 288 17.63 -3.67 9.31
C VAL C 288 16.79 -3.92 8.06
N TYR C 289 16.57 -5.19 7.73
CA TYR C 289 15.85 -5.55 6.52
C TYR C 289 14.70 -6.49 6.85
N ASN C 290 13.57 -6.29 6.16
CA ASN C 290 12.39 -7.13 6.26
C ASN C 290 11.77 -7.10 7.65
N ASN C 291 11.95 -6.02 8.40
CA ASN C 291 11.36 -5.90 9.71
C ASN C 291 10.08 -5.07 9.64
N LYS C 292 9.18 -5.33 10.60
CA LYS C 292 7.88 -4.67 10.67
C LYS C 292 7.94 -3.57 11.71
N HIS C 293 7.53 -2.37 11.32
CA HIS C 293 7.55 -1.19 12.19
C HIS C 293 6.16 -0.55 12.18
N GLU C 294 5.29 -1.04 13.05
CA GLU C 294 3.94 -0.50 13.23
C GLU C 294 3.89 0.12 14.63
N ILE C 295 4.33 1.36 14.73
CA ILE C 295 4.48 2.05 16.02
C ILE C 295 3.81 3.41 15.92
N ASN C 296 2.99 3.74 16.92
CA ASN C 296 2.40 5.06 17.04
C ASN C 296 3.34 5.95 17.86
N TRP C 297 3.92 6.96 17.23
CA TRP C 297 4.91 7.82 17.85
C TRP C 297 4.23 9.08 18.38
N PHE C 298 4.65 9.51 19.57
CA PHE C 298 4.22 10.81 20.08
C PHE C 298 5.44 11.62 20.48
N GLY C 299 5.63 12.76 19.81
CA GLY C 299 6.78 13.60 20.02
C GLY C 299 6.46 14.87 20.80
N SER C 300 7.20 15.92 20.48
CA SER C 300 7.08 17.21 21.15
C SER C 300 7.07 18.34 20.13
N ASP C 301 6.29 19.39 20.41
CA ASP C 301 6.21 20.58 19.58
C ASP C 301 7.04 21.74 20.12
N ALA C 302 7.92 21.50 21.09
CA ALA C 302 8.65 22.56 21.75
C ALA C 302 10.15 22.48 21.55
N ARG C 303 10.75 21.30 21.70
CA ARG C 303 12.20 21.17 21.81
C ARG C 303 12.72 20.06 20.90
N THR C 304 12.26 20.08 19.64
CA THR C 304 12.80 19.32 18.51
C THR C 304 13.25 17.90 18.84
N CYS C 305 12.31 17.06 19.26
CA CYS C 305 12.63 15.66 19.50
C CYS C 305 12.94 14.95 18.18
N TYR C 306 13.61 13.81 18.29
CA TYR C 306 14.08 13.05 17.12
C TYR C 306 13.25 11.79 16.94
N LEU C 307 12.86 11.51 15.70
CA LEU C 307 12.08 10.32 15.41
C LEU C 307 12.96 9.13 15.03
N MET C 308 13.82 9.30 14.03
CA MET C 308 14.71 8.23 13.59
C MET C 308 16.13 8.75 13.43
N HIS C 309 17.08 7.95 13.91
CA HIS C 309 18.51 8.26 13.83
C HIS C 309 19.21 7.11 13.11
N ILE C 310 20.04 7.44 12.15
CA ILE C 310 20.77 6.46 11.35
C ILE C 310 22.25 6.82 11.40
N ASP C 311 23.09 5.86 11.81
CA ASP C 311 24.53 6.08 11.87
C ASP C 311 25.23 4.79 11.46
N LYS C 312 25.57 4.67 10.18
CA LYS C 312 26.15 3.45 9.60
C LYS C 312 25.20 2.27 9.77
N ALA C 313 24.00 2.43 9.22
CA ALA C 313 22.98 1.41 9.22
C ALA C 313 22.03 1.68 8.05
N GLN C 314 21.35 0.63 7.61
CA GLN C 314 20.42 0.77 6.49
C GLN C 314 19.14 0.00 6.78
N GLY C 315 18.01 0.70 6.59
CA GLY C 315 16.71 0.07 6.69
C GLY C 315 16.14 -0.20 5.30
N ARG C 316 16.14 -1.47 4.90
CA ARG C 316 15.86 -1.86 3.52
C ARG C 316 14.73 -2.87 3.49
N GLY C 317 13.68 -2.56 2.73
CA GLY C 317 12.57 -3.47 2.56
C GLY C 317 11.76 -3.71 3.83
N CYS C 318 11.54 -2.67 4.62
CA CYS C 318 10.73 -2.78 5.82
C CYS C 318 9.25 -2.60 5.46
N ASN C 319 8.39 -2.71 6.46
CA ASN C 319 6.95 -2.57 6.26
C ASN C 319 6.30 -2.15 7.58
N GLY C 320 5.02 -1.86 7.52
CA GLY C 320 4.25 -1.43 8.67
C GLY C 320 3.83 0.03 8.56
N ASP C 321 2.72 0.34 9.24
CA ASP C 321 2.15 1.68 9.24
C ASP C 321 2.54 2.40 10.53
N MET C 322 3.04 3.63 10.39
CA MET C 322 3.55 4.39 11.52
C MET C 322 2.69 5.63 11.75
N THR C 323 2.48 5.96 13.02
CA THR C 323 1.70 7.12 13.43
C THR C 323 2.57 8.06 14.23
N VAL C 324 2.50 9.36 13.91
CA VAL C 324 3.28 10.38 14.60
C VAL C 324 2.34 11.50 15.05
N GLU C 325 2.55 11.97 16.27
CA GLU C 325 1.90 13.18 16.77
C GLU C 325 2.96 14.13 17.30
N ALA C 326 2.65 15.43 17.23
CA ALA C 326 3.59 16.51 17.55
C ALA C 326 4.76 16.51 16.57
N ALA C 327 5.60 17.54 16.64
CA ALA C 327 6.66 17.72 15.66
C ALA C 327 7.80 16.73 15.92
N VAL C 328 8.27 16.09 14.84
CA VAL C 328 9.43 15.21 14.90
C VAL C 328 10.33 15.53 13.71
N THR C 329 11.59 15.12 13.83
CA THR C 329 12.56 15.28 12.76
C THR C 329 13.33 13.99 12.57
N LEU C 330 13.63 13.69 11.31
CA LEU C 330 14.37 12.49 10.94
C LEU C 330 15.81 12.87 10.61
N ARG C 331 16.75 12.25 11.32
CA ARG C 331 18.17 12.57 11.19
C ARG C 331 18.87 11.43 10.47
N ALA C 332 19.63 11.78 9.43
CA ALA C 332 20.42 10.81 8.67
C ALA C 332 21.87 11.28 8.65
N ILE C 333 22.78 10.42 9.10
CA ILE C 333 24.20 10.74 9.15
C ILE C 333 24.89 9.94 8.06
N GLY C 334 25.50 10.64 7.10
CA GLY C 334 26.22 9.99 6.02
C GLY C 334 25.36 9.74 4.80
N GLN C 335 25.70 8.72 4.03
CA GLN C 335 24.98 8.37 2.82
C GLN C 335 23.90 7.32 3.04
N TYR C 336 23.69 6.91 4.29
CA TYR C 336 22.79 5.81 4.61
C TYR C 336 21.33 6.28 4.56
N TRP C 337 20.43 5.30 4.44
CA TRP C 337 19.04 5.59 4.13
C TRP C 337 18.13 4.61 4.88
N TYR C 338 16.83 4.81 4.71
CA TYR C 338 15.82 3.93 5.26
C TYR C 338 14.67 3.83 4.27
N GLN C 339 14.26 2.60 3.94
CA GLN C 339 13.19 2.36 2.98
C GLN C 339 12.21 1.36 3.58
N SER C 340 10.92 1.65 3.45
CA SER C 340 9.87 0.80 3.97
C SER C 340 8.76 0.66 2.95
N PHE C 341 8.04 -0.46 3.04
CA PHE C 341 6.89 -0.73 2.17
C PHE C 341 5.56 -0.33 2.83
N GLY C 342 5.61 0.32 3.98
CA GLY C 342 4.43 0.83 4.63
C GLY C 342 4.23 2.31 4.38
N SER C 343 3.45 2.94 5.26
CA SER C 343 3.19 4.37 5.19
C SER C 343 3.13 4.94 6.60
N LEU C 344 3.43 6.23 6.71
CA LEU C 344 3.37 6.91 7.99
C LEU C 344 2.50 8.16 7.85
N HIS C 345 1.74 8.44 8.91
CA HIS C 345 0.86 9.60 8.94
C HIS C 345 1.06 10.38 10.23
N SER C 346 0.95 11.69 10.14
CA SER C 346 1.18 12.57 11.28
C SER C 346 0.31 13.81 11.15
N ILE C 347 -0.36 14.18 12.24
CA ILE C 347 -1.02 15.50 12.31
C ILE C 347 0.03 16.45 12.89
N SER C 348 0.95 16.87 12.02
CA SER C 348 2.10 17.67 12.43
C SER C 348 2.95 18.06 11.22
N ALA C 349 4.02 18.79 11.47
CA ALA C 349 5.06 19.04 10.48
C ALA C 349 6.27 18.19 10.82
N ILE C 350 6.75 17.40 9.85
CA ILE C 350 7.89 16.51 10.04
C ILE C 350 9.09 17.12 9.33
N ASN C 351 10.18 17.29 10.06
CA ASN C 351 11.41 17.86 9.54
C ASN C 351 12.41 16.76 9.20
N THR C 352 13.40 17.12 8.39
CA THR C 352 14.44 16.19 7.98
C THR C 352 15.79 16.89 7.97
N VAL C 353 16.79 16.23 8.53
CA VAL C 353 18.17 16.72 8.50
C VAL C 353 19.07 15.59 8.04
N VAL C 354 19.97 15.90 7.11
CA VAL C 354 20.94 14.93 6.58
C VAL C 354 22.32 15.52 6.75
N ASP C 355 23.24 14.73 7.33
CA ASP C 355 24.59 15.17 7.63
C ASP C 355 25.59 14.72 6.59
N GLY C 356 25.18 14.65 5.33
CA GLY C 356 26.07 14.25 4.27
C GLY C 356 25.32 14.09 2.96
N ASP C 357 26.02 13.51 1.99
CA ASP C 357 25.43 13.25 0.67
C ASP C 357 24.85 11.84 0.69
N THR C 358 23.53 11.75 0.56
CA THR C 358 22.86 10.45 0.56
C THR C 358 23.32 9.61 -0.62
N ASP C 359 23.47 8.31 -0.40
CA ASP C 359 23.93 7.42 -1.45
C ASP C 359 22.85 7.27 -2.51
N THR C 360 22.92 8.11 -3.55
CA THR C 360 21.89 8.13 -4.58
C THR C 360 21.96 6.93 -5.52
N ALA C 361 23.09 6.23 -5.55
CA ALA C 361 23.23 5.06 -6.40
C ALA C 361 22.36 3.89 -5.94
N THR C 362 21.79 3.96 -4.74
CA THR C 362 20.93 2.90 -4.22
C THR C 362 19.50 3.38 -4.02
N ARG C 363 19.30 4.50 -3.36
CA ARG C 363 17.99 5.06 -3.11
C ARG C 363 17.95 6.53 -3.51
N PRO C 364 16.79 7.01 -3.96
CA PRO C 364 16.69 8.43 -4.35
C PRO C 364 16.88 9.38 -3.18
N VAL C 365 16.16 9.15 -2.09
CA VAL C 365 16.23 9.98 -0.91
C VAL C 365 16.48 9.09 0.31
N ALA C 366 16.84 9.74 1.43
CA ALA C 366 17.20 9.00 2.63
C ALA C 366 16.02 8.22 3.21
N PHE C 367 14.85 8.85 3.27
CA PHE C 367 13.67 8.26 3.88
C PHE C 367 12.57 8.11 2.84
N MET C 368 12.05 6.90 2.70
CA MET C 368 11.03 6.60 1.69
C MET C 368 9.90 5.79 2.30
N TRP C 369 8.69 6.05 1.82
CA TRP C 369 7.51 5.27 2.17
C TRP C 369 6.60 5.20 0.96
N MET C 370 5.49 4.46 1.11
CA MET C 370 4.51 4.36 0.03
C MET C 370 3.82 5.69 -0.25
N ASN C 371 3.66 6.55 0.76
CA ASN C 371 2.90 7.78 0.62
C ASN C 371 3.74 9.05 0.61
N SER C 372 4.94 9.03 1.19
CA SER C 372 5.74 10.24 1.28
C SER C 372 7.21 9.88 1.31
N ALA C 373 8.03 10.86 0.92
CA ALA C 373 9.49 10.78 1.04
C ALA C 373 9.96 12.16 1.49
N TYR C 374 10.26 12.27 2.78
CA TYR C 374 10.37 13.53 3.50
C TYR C 374 11.59 14.39 3.13
N PRO C 375 12.76 13.80 2.81
CA PRO C 375 13.89 14.67 2.41
C PRO C 375 13.62 15.37 1.07
N GLN C 376 12.75 16.38 1.10
CA GLN C 376 12.37 17.12 -0.10
C GLN C 376 13.25 18.36 -0.20
N VAL C 377 14.03 18.44 -1.28
CA VAL C 377 14.96 19.54 -1.50
C VAL C 377 14.53 20.29 -2.75
N ASN C 378 14.59 21.62 -2.68
CA ASN C 378 14.16 22.45 -3.79
C ASN C 378 15.05 22.21 -5.02
N PHE C 379 14.48 22.45 -6.19
CA PHE C 379 15.21 22.26 -7.44
C PHE C 379 16.41 23.18 -7.51
N ASP C 380 17.53 22.65 -8.00
CA ASP C 380 18.70 23.47 -8.23
C ASP C 380 18.48 24.41 -9.41
N GLY C 381 19.09 25.58 -9.35
CA GLY C 381 18.87 26.59 -10.36
C GLY C 381 19.56 26.30 -11.68
N THR C 382 19.14 25.25 -12.37
CA THR C 382 19.67 24.91 -13.68
C THR C 382 18.60 24.80 -14.77
N ASP C 383 17.47 24.16 -14.48
CA ASP C 383 16.40 24.02 -15.46
C ASP C 383 15.65 25.34 -15.62
N PRO C 384 15.38 25.76 -16.85
CA PRO C 384 14.63 27.02 -17.06
C PRO C 384 13.24 26.98 -16.44
N LEU C 385 12.59 25.82 -16.44
CA LEU C 385 11.25 25.70 -15.87
C LEU C 385 11.28 25.34 -14.39
N LEU C 386 12.03 24.29 -14.04
CA LEU C 386 12.16 23.86 -12.64
C LEU C 386 13.25 24.70 -11.99
N THR C 387 12.84 25.82 -11.40
CA THR C 387 13.76 26.78 -10.80
C THR C 387 13.80 26.60 -9.28
N SER C 388 14.73 27.33 -8.66
CA SER C 388 14.83 27.34 -7.22
C SER C 388 13.55 27.90 -6.60
N GLY C 389 13.17 27.35 -5.45
CA GLY C 389 11.89 27.63 -4.85
C GLY C 389 10.79 26.65 -5.22
N LEU C 390 11.06 25.73 -6.13
CA LEU C 390 10.14 24.67 -6.51
C LEU C 390 10.62 23.37 -5.91
N THR C 391 9.73 22.68 -5.18
CA THR C 391 10.12 21.44 -4.53
C THR C 391 9.31 20.28 -5.09
N PRO C 392 9.96 19.15 -5.40
CA PRO C 392 9.22 18.00 -5.90
C PRO C 392 8.62 17.17 -4.77
N ARG C 393 7.44 16.63 -5.03
CA ARG C 393 6.79 15.70 -4.13
C ARG C 393 6.19 14.57 -4.94
N GLN C 394 6.25 13.35 -4.40
CA GLN C 394 5.81 12.17 -5.12
C GLN C 394 4.30 12.16 -5.27
N TYR C 395 3.78 11.10 -5.91
CA TYR C 395 2.42 11.10 -6.40
C TYR C 395 1.39 11.05 -5.26
N ASP C 396 1.63 10.19 -4.26
CA ASP C 396 0.80 9.81 -3.11
C ASP C 396 -0.30 8.82 -3.51
N LEU C 397 -0.40 8.47 -4.79
CA LEU C 397 -1.13 7.31 -5.30
C LEU C 397 -2.65 7.44 -5.26
N ASN C 398 -3.18 8.41 -4.52
CA ASN C 398 -4.62 8.62 -4.54
C ASN C 398 -5.06 10.07 -4.50
N ASN C 399 -4.15 11.04 -4.54
CA ASN C 399 -4.48 12.45 -4.44
C ASN C 399 -5.24 12.76 -3.15
N SER C 400 -4.73 12.23 -2.04
CA SER C 400 -5.29 12.53 -0.74
C SER C 400 -5.06 13.98 -0.34
N GLY C 401 -4.01 14.63 -0.87
CA GLY C 401 -3.77 16.02 -0.58
C GLY C 401 -4.68 16.98 -1.30
N ASN C 402 -5.47 16.49 -2.25
CA ASN C 402 -6.51 17.26 -2.93
C ASN C 402 -5.92 18.34 -3.83
N THR C 403 -4.59 18.46 -3.86
CA THR C 403 -3.93 19.50 -4.62
C THR C 403 -2.97 18.98 -5.69
N GLY C 404 -2.68 17.68 -5.70
CA GLY C 404 -1.75 17.11 -6.65
C GLY C 404 -2.44 16.48 -7.86
N MET C 405 -1.61 15.99 -8.77
CA MET C 405 -2.12 15.31 -9.96
C MET C 405 -2.77 13.99 -9.58
N GLU C 406 -3.58 13.45 -10.50
CA GLU C 406 -4.39 12.28 -10.23
C GLU C 406 -4.53 11.43 -11.48
N LEU C 407 -4.48 10.10 -11.28
CA LEU C 407 -4.62 9.11 -12.35
C LEU C 407 -6.05 8.59 -12.34
N LEU C 408 -6.70 8.57 -13.51
CA LEU C 408 -8.09 8.18 -13.64
C LEU C 408 -8.32 7.34 -14.89
N ASN C 409 -9.22 6.37 -14.77
CA ASN C 409 -9.71 5.57 -15.89
C ASN C 409 -11.13 6.01 -16.22
N ILE C 410 -11.52 5.82 -17.48
CA ILE C 410 -12.86 6.17 -17.96
C ILE C 410 -13.62 4.88 -18.22
N ARG C 411 -14.83 4.79 -17.65
CA ARG C 411 -15.62 3.58 -17.72
C ARG C 411 -16.98 3.87 -18.35
N GLY C 412 -17.55 2.84 -18.98
CA GLY C 412 -18.84 2.97 -19.62
C GLY C 412 -18.73 3.35 -21.08
N ALA C 413 -19.11 2.42 -21.96
CA ALA C 413 -19.01 2.63 -23.42
C ALA C 413 -17.59 3.02 -23.80
N ASN C 414 -17.36 4.30 -24.06
CA ASN C 414 -16.03 4.78 -24.38
C ASN C 414 -15.10 4.64 -23.18
N THR C 415 -13.84 4.34 -23.46
CA THR C 415 -12.85 4.08 -22.42
C THR C 415 -11.60 4.90 -22.72
N GLY C 416 -10.88 5.27 -21.66
CA GLY C 416 -9.65 6.01 -21.83
C GLY C 416 -8.96 6.20 -20.50
N ALA C 417 -7.83 6.90 -20.55
CA ALA C 417 -7.05 7.20 -19.36
C ALA C 417 -6.70 8.68 -19.33
N ILE C 418 -6.87 9.30 -18.16
CA ILE C 418 -6.59 10.71 -17.98
C ILE C 418 -5.81 10.92 -16.69
N TRP C 419 -4.69 11.65 -16.79
CA TRP C 419 -3.97 12.09 -15.60
C TRP C 419 -4.00 13.60 -15.57
N SER C 420 -4.52 14.15 -14.48
CA SER C 420 -4.96 15.54 -14.43
C SER C 420 -4.30 16.29 -13.29
N ILE C 421 -4.34 17.62 -13.40
CA ILE C 421 -3.76 18.53 -12.42
C ILE C 421 -4.81 19.55 -12.02
N GLN C 422 -4.59 20.14 -10.84
CA GLN C 422 -5.52 21.15 -10.32
C GLN C 422 -5.41 22.45 -11.13
N ASN C 423 -6.52 23.19 -11.17
CA ASN C 423 -6.52 24.48 -11.85
C ASN C 423 -5.53 25.44 -11.20
N GLY C 424 -4.92 26.28 -12.03
CA GLY C 424 -3.91 27.22 -11.59
C GLY C 424 -2.49 26.72 -11.76
N ALA C 425 -2.29 25.46 -12.12
CA ALA C 425 -0.97 24.91 -12.33
C ALA C 425 -0.42 25.43 -13.66
N ALA C 426 0.39 26.49 -13.59
CA ALA C 426 0.86 27.15 -14.81
C ALA C 426 1.86 26.29 -15.57
N LEU C 427 2.63 25.45 -14.87
CA LEU C 427 3.66 24.67 -15.54
C LEU C 427 3.08 23.54 -16.38
N GLY C 428 1.86 23.09 -16.08
CA GLY C 428 1.26 22.04 -16.88
C GLY C 428 1.92 20.70 -16.69
N TRP C 429 1.87 19.88 -17.74
CA TRP C 429 2.42 18.53 -17.72
C TRP C 429 3.80 18.55 -18.38
N ILE C 430 4.79 17.98 -17.70
CA ILE C 430 6.17 18.04 -18.13
C ILE C 430 6.74 16.63 -18.23
N LEU C 431 7.47 16.37 -19.31
CA LEU C 431 8.28 15.17 -19.48
C LEU C 431 9.71 15.57 -19.17
N GLY C 432 10.29 14.95 -18.13
CA GLY C 432 11.61 15.30 -17.66
C GLY C 432 12.51 14.09 -17.49
N ARG C 433 13.78 14.37 -17.23
CA ARG C 433 14.78 13.32 -17.05
C ARG C 433 15.69 13.70 -15.88
N ARG C 434 16.31 12.68 -15.28
CA ARG C 434 17.13 12.88 -14.10
C ARG C 434 18.44 12.12 -14.26
N ALA C 435 19.47 12.57 -13.55
CA ALA C 435 20.75 11.91 -13.53
C ALA C 435 20.82 10.91 -12.38
N GLN C 436 21.81 10.02 -12.45
CA GLN C 436 22.00 9.06 -11.36
C GLN C 436 22.55 9.72 -10.11
N ALA C 437 23.39 10.75 -10.27
CA ALA C 437 23.98 11.42 -9.12
C ALA C 437 22.93 12.08 -8.24
N ASP C 438 21.95 12.75 -8.85
CA ASP C 438 20.86 13.38 -8.13
C ASP C 438 19.53 12.94 -8.71
N SER C 439 18.65 12.40 -7.85
CA SER C 439 17.41 11.79 -8.32
C SER C 439 16.31 12.82 -8.58
N ARG C 440 15.90 13.55 -7.55
CA ARG C 440 14.75 14.45 -7.66
C ARG C 440 15.17 15.89 -7.91
N LYS C 441 16.07 16.43 -7.08
CA LYS C 441 16.69 17.70 -7.42
C LYS C 441 17.60 17.50 -8.63
N GLY C 442 17.59 18.47 -9.54
CA GLY C 442 18.33 18.34 -10.77
C GLY C 442 17.56 17.71 -11.92
N THR C 443 16.25 17.55 -11.79
CA THR C 443 15.45 16.99 -12.88
C THR C 443 15.43 17.95 -14.06
N ARG C 444 15.73 17.42 -15.25
CA ARG C 444 15.84 18.23 -16.45
C ARG C 444 14.58 18.08 -17.29
N SER C 445 13.87 19.19 -17.50
CA SER C 445 12.65 19.17 -18.28
C SER C 445 12.97 19.04 -19.76
N VAL C 446 12.24 18.17 -20.46
CA VAL C 446 12.45 17.90 -21.87
C VAL C 446 11.25 18.35 -22.71
N TRP C 447 10.05 17.99 -22.29
CA TRP C 447 8.83 18.31 -23.01
C TRP C 447 7.87 19.05 -22.10
N GLN C 448 7.15 20.03 -22.66
CA GLN C 448 6.10 20.73 -21.94
C GLN C 448 4.85 20.77 -22.81
N PHE C 449 3.68 20.57 -22.19
CA PHE C 449 2.42 20.55 -22.89
C PHE C 449 1.52 21.74 -22.55
N SER C 450 1.94 22.58 -21.60
CA SER C 450 1.27 23.83 -21.26
C SER C 450 -0.07 23.63 -20.57
N TYR C 451 -0.40 24.52 -19.63
CA TYR C 451 -1.70 24.47 -18.97
C TYR C 451 -2.85 24.82 -19.89
N ASN C 452 -2.66 25.81 -20.76
CA ASN C 452 -3.73 26.33 -21.60
C ASN C 452 -3.88 25.58 -22.92
N GLY C 453 -3.12 24.51 -23.13
CA GLY C 453 -3.29 23.70 -24.32
C GLY C 453 -2.99 24.43 -25.61
N GLU C 454 -1.88 25.16 -25.66
CA GLU C 454 -1.55 26.00 -26.81
C GLU C 454 -0.29 25.59 -27.53
N VAL C 455 0.77 25.22 -26.81
CA VAL C 455 2.06 24.93 -27.42
C VAL C 455 2.64 23.66 -26.81
N ILE C 456 3.27 22.85 -27.65
CA ILE C 456 4.09 21.72 -27.21
C ILE C 456 5.54 22.15 -27.37
N LYS C 457 6.23 22.31 -26.25
CA LYS C 457 7.53 22.97 -26.23
C LYS C 457 8.63 21.98 -25.83
N SER C 458 9.69 21.94 -26.63
CA SER C 458 10.90 21.22 -26.28
C SER C 458 11.75 22.16 -25.44
N VAL C 459 11.66 22.01 -24.12
CA VAL C 459 12.20 23.02 -23.20
C VAL C 459 13.71 23.07 -23.30
N SER C 460 14.38 21.92 -23.37
CA SER C 460 15.83 21.86 -23.32
C SER C 460 16.46 21.55 -24.67
N ALA C 461 15.68 21.51 -25.74
CA ALA C 461 16.21 21.21 -27.06
C ALA C 461 15.54 22.09 -28.11
N ALA C 462 16.28 22.34 -29.19
CA ALA C 462 15.79 23.13 -30.31
C ALA C 462 15.19 22.20 -31.37
N ASN C 463 15.01 22.74 -32.58
CA ASN C 463 14.67 22.01 -33.81
C ASN C 463 13.73 20.83 -33.55
N VAL C 464 12.58 21.14 -32.98
CA VAL C 464 11.56 20.14 -32.66
C VAL C 464 10.69 19.89 -33.89
N GLY C 465 10.13 18.69 -33.99
CA GLY C 465 9.28 18.34 -35.11
C GLY C 465 8.52 17.07 -34.82
N LEU C 466 7.86 16.57 -35.87
CA LEU C 466 7.10 15.32 -35.76
C LEU C 466 7.14 14.59 -37.10
N GLN C 467 7.05 13.25 -37.01
CA GLN C 467 7.14 12.39 -38.18
C GLN C 467 6.32 11.14 -37.93
N ASN C 468 6.02 10.42 -39.01
CA ASN C 468 5.16 9.25 -38.96
C ASN C 468 5.99 7.99 -38.73
N SER C 469 5.38 6.81 -38.92
CA SER C 469 6.04 5.54 -38.62
C SER C 469 7.29 5.34 -39.47
N THR C 470 7.20 5.64 -40.78
CA THR C 470 8.34 5.45 -41.66
C THR C 470 9.49 6.38 -41.32
N GLY C 471 9.23 7.48 -40.61
CA GLY C 471 10.24 8.45 -40.25
C GLY C 471 10.20 9.72 -41.07
N ALA C 472 9.45 9.76 -42.15
CA ALA C 472 9.27 10.97 -42.93
C ALA C 472 8.34 11.92 -42.18
N GLY C 473 8.72 13.19 -42.14
CA GLY C 473 7.95 14.15 -41.37
C GLY C 473 8.53 15.54 -41.54
N PHE C 474 8.07 16.44 -40.68
CA PHE C 474 8.41 17.85 -40.78
C PHE C 474 8.60 18.46 -39.39
N GLY C 475 9.43 19.50 -39.35
CA GLY C 475 9.78 20.11 -38.08
C GLY C 475 10.56 21.39 -38.28
N MET C 476 11.16 21.85 -37.18
CA MET C 476 11.96 23.06 -37.14
C MET C 476 13.45 22.72 -37.21
N LEU C 477 14.25 23.77 -37.47
CA LEU C 477 15.71 23.61 -37.53
C LEU C 477 16.36 24.96 -37.20
N GLY C 478 16.89 25.06 -35.99
CA GLY C 478 17.70 26.21 -35.61
C GLY C 478 17.00 27.54 -35.59
N ASP C 479 15.75 27.59 -35.10
CA ASP C 479 14.99 28.81 -34.86
C ASP C 479 14.67 29.57 -36.14
N THR C 480 15.06 29.05 -37.30
CA THR C 480 14.96 29.79 -38.56
C THR C 480 14.31 29.00 -39.69
N LEU C 481 14.40 27.68 -39.70
CA LEU C 481 13.98 26.88 -40.83
C LEU C 481 12.83 25.96 -40.45
N LEU C 482 11.85 25.83 -41.35
CA LEU C 482 10.83 24.80 -41.27
C LEU C 482 11.08 23.82 -42.42
N ARG C 483 11.43 22.59 -42.07
CA ARG C 483 11.96 21.66 -43.05
C ARG C 483 11.29 20.30 -42.96
N PRO C 484 11.23 19.57 -44.08
CA PRO C 484 10.90 18.15 -44.01
C PRO C 484 12.14 17.32 -43.71
N TYR C 485 11.93 16.23 -42.96
CA TYR C 485 13.07 15.42 -42.54
C TYR C 485 13.75 14.75 -43.72
N ALA C 486 12.99 14.29 -44.70
CA ALA C 486 13.55 13.68 -45.90
C ALA C 486 13.60 14.71 -47.02
N ALA C 487 14.75 14.82 -47.67
CA ALA C 487 14.96 15.86 -48.67
C ALA C 487 14.18 15.57 -49.94
N SER C 488 13.44 16.57 -50.41
CA SER C 488 12.72 16.51 -51.69
C SER C 488 11.72 15.35 -51.72
N THR C 489 10.99 15.17 -50.63
CA THR C 489 9.96 14.14 -50.54
C THR C 489 8.58 14.68 -50.27
N ILE C 490 8.42 15.53 -49.26
CA ILE C 490 7.11 15.92 -48.75
C ILE C 490 6.66 17.21 -49.42
N SER C 491 5.44 17.20 -49.94
CA SER C 491 4.88 18.30 -50.72
C SER C 491 3.90 19.09 -49.87
N LEU C 492 3.81 20.40 -50.12
CA LEU C 492 2.89 21.28 -49.42
C LEU C 492 1.62 21.44 -50.24
N GLY C 493 0.57 20.75 -49.83
CA GLY C 493 -0.73 20.89 -50.45
C GLY C 493 -0.94 19.92 -51.60
N SER C 494 -2.20 19.58 -51.80
CA SER C 494 -2.63 18.66 -52.85
C SER C 494 -3.86 19.25 -53.53
N PRO C 495 -4.20 18.77 -54.73
CA PRO C 495 -5.45 19.21 -55.35
C PRO C 495 -6.67 18.98 -54.48
N THR C 496 -6.64 17.93 -53.65
CA THR C 496 -7.75 17.68 -52.73
C THR C 496 -7.73 18.65 -51.55
N TYR C 497 -6.55 19.04 -51.07
CA TYR C 497 -6.41 19.87 -49.88
C TYR C 497 -5.54 21.08 -50.19
N PRO C 498 -6.11 22.12 -50.80
CA PRO C 498 -5.35 23.34 -51.06
C PRO C 498 -5.12 24.14 -49.77
N PHE C 499 -4.31 25.20 -49.91
CA PHE C 499 -4.00 26.07 -48.79
C PHE C 499 -4.54 27.49 -48.94
N THR C 500 -5.00 27.86 -50.14
CA THR C 500 -5.68 29.09 -50.52
C THR C 500 -4.76 30.30 -50.55
N ARG C 501 -3.53 30.21 -50.04
CA ARG C 501 -2.67 31.39 -49.95
C ARG C 501 -1.27 31.06 -49.45
N LEU C 502 -0.27 31.80 -49.93
CA LEU C 502 1.07 31.78 -49.34
C LEU C 502 1.52 33.22 -49.19
N ARG C 503 1.71 33.67 -47.95
CA ARG C 503 2.12 35.04 -47.67
C ARG C 503 3.51 35.02 -47.07
N THR C 504 4.47 35.63 -47.78
CA THR C 504 5.83 35.78 -47.32
C THR C 504 6.09 37.26 -47.02
N THR C 505 7.33 37.58 -46.66
CA THR C 505 7.69 38.95 -46.35
C THR C 505 7.58 39.85 -47.58
N ASP C 506 7.96 39.34 -48.75
CA ASP C 506 8.03 40.14 -49.95
C ASP C 506 7.10 39.67 -51.08
N TRP C 507 6.38 38.56 -50.89
CA TRP C 507 5.47 38.06 -51.90
C TRP C 507 4.21 37.52 -51.23
N THR C 508 3.12 37.48 -52.00
CA THR C 508 1.92 36.79 -51.57
C THR C 508 1.23 36.17 -52.79
N VAL C 509 0.80 34.92 -52.65
CA VAL C 509 0.17 34.16 -53.71
C VAL C 509 -1.23 33.79 -53.22
N ASP C 510 -2.25 34.39 -53.81
CA ASP C 510 -3.62 34.17 -53.38
C ASP C 510 -4.55 34.31 -54.58
N THR C 511 -5.84 34.45 -54.30
CA THR C 511 -6.83 34.56 -55.38
C THR C 511 -6.57 35.77 -56.26
N ASN C 512 -6.11 36.87 -55.66
CA ASN C 512 -5.79 38.06 -56.44
C ASN C 512 -4.62 37.83 -57.39
N GLY C 513 -3.83 36.78 -57.17
CA GLY C 513 -2.71 36.45 -58.03
C GLY C 513 -1.44 36.35 -57.22
N ILE C 514 -0.31 36.51 -57.90
CA ILE C 514 1.00 36.50 -57.29
C ILE C 514 1.50 37.94 -57.31
N VAL C 515 1.47 38.60 -56.15
CA VAL C 515 1.86 40.01 -56.10
C VAL C 515 2.86 40.26 -54.98
N PRO C 516 3.82 41.16 -55.16
CA PRO C 516 4.77 41.46 -54.10
C PRO C 516 4.15 42.39 -53.06
N VAL C 517 4.89 42.58 -51.96
CA VAL C 517 4.48 43.52 -50.93
C VAL C 517 4.93 44.95 -51.23
N GLN C 518 6.02 45.11 -51.99
CA GLN C 518 6.51 46.42 -52.38
C GLN C 518 6.41 46.55 -53.89
N ASP C 519 6.45 47.80 -54.36
CA ASP C 519 6.17 48.11 -55.75
C ASP C 519 7.47 48.22 -56.55
N GLY C 520 7.60 47.38 -57.57
CA GLY C 520 8.64 47.55 -58.58
C GLY C 520 10.06 47.36 -58.11
N ILE C 521 10.31 46.47 -57.15
CA ILE C 521 11.67 46.20 -56.72
C ILE C 521 11.95 44.70 -56.85
N LYS C 522 10.90 43.89 -56.89
CA LYS C 522 11.04 42.45 -56.94
C LYS C 522 10.91 41.95 -58.37
N ASN C 523 11.80 41.04 -58.75
CA ASN C 523 11.90 40.55 -60.12
C ASN C 523 11.37 39.13 -60.23
N ILE C 524 10.99 38.76 -61.45
CA ILE C 524 10.59 37.40 -61.78
C ILE C 524 11.72 36.81 -62.61
N GLY C 525 12.50 35.93 -62.01
CA GLY C 525 13.67 35.37 -62.66
C GLY C 525 14.93 36.15 -62.33
N SER C 526 16.03 35.69 -62.91
CA SER C 526 17.33 36.31 -62.67
C SER C 526 18.15 36.23 -63.95
N SER C 527 19.22 37.03 -63.98
CA SER C 527 20.08 37.07 -65.16
C SER C 527 20.74 35.71 -65.41
N SER C 528 21.21 35.05 -64.36
CA SER C 528 21.85 33.75 -64.49
C SER C 528 20.86 32.60 -64.38
N LEU C 529 19.76 32.79 -63.66
CA LEU C 529 18.74 31.77 -63.45
C LEU C 529 17.44 32.29 -64.04
N ARG C 530 17.21 31.98 -65.32
CA ARG C 530 16.07 32.52 -66.05
C ARG C 530 14.92 31.52 -66.10
N VAL C 531 13.70 32.06 -66.18
CA VAL C 531 12.51 31.24 -66.43
C VAL C 531 12.41 30.99 -67.93
N GLY C 532 11.51 30.11 -68.33
CA GLY C 532 11.39 29.75 -69.72
C GLY C 532 10.33 30.56 -70.47
N THR C 533 9.21 29.94 -70.79
CA THR C 533 8.15 30.58 -71.55
C THR C 533 7.07 31.09 -70.61
N VAL C 534 6.59 32.32 -70.86
CA VAL C 534 5.53 32.92 -70.09
C VAL C 534 4.26 32.93 -70.93
N PHE C 535 3.26 32.18 -70.49
CA PHE C 535 1.99 32.06 -71.21
C PHE C 535 0.96 32.96 -70.54
N ALA C 536 0.62 34.06 -71.21
CA ALA C 536 -0.34 35.01 -70.69
C ALA C 536 -1.39 35.32 -71.73
N ALA C 537 -2.61 35.64 -71.27
CA ALA C 537 -3.71 35.90 -72.18
C ALA C 537 -3.59 37.25 -72.86
N THR C 538 -2.99 38.24 -72.20
CA THR C 538 -2.91 39.58 -72.76
C THR C 538 -1.85 39.68 -73.84
N GLY C 539 -0.59 39.41 -73.48
CA GLY C 539 0.50 39.49 -74.42
C GLY C 539 1.29 40.77 -74.40
N THR C 540 1.08 41.64 -73.40
CA THR C 540 1.79 42.90 -73.33
C THR C 540 1.89 43.31 -71.88
N ILE C 541 3.08 43.78 -71.47
CA ILE C 541 3.28 44.23 -70.10
C ILE C 541 2.42 45.46 -69.84
N ASN C 542 1.96 45.59 -68.59
CA ASN C 542 1.14 46.72 -68.15
C ASN C 542 -0.17 46.79 -68.93
#